data_1JHS
# 
_entry.id   1JHS 
# 
_audit_conform.dict_name       mmcif_pdbx.dic 
_audit_conform.dict_version    5.389 
_audit_conform.dict_location   http://mmcif.pdb.org/dictionaries/ascii/mmcif_pdbx.dic 
# 
loop_
_database_2.database_id 
_database_2.database_code 
_database_2.pdbx_database_accession 
_database_2.pdbx_DOI 
PDB   1JHS         pdb_00001jhs 10.2210/pdb1jhs/pdb 
RCSB  RCSB013786   ?            ?                   
WWPDB D_1000013786 ?            ?                   
# 
loop_
_pdbx_audit_revision_history.ordinal 
_pdbx_audit_revision_history.data_content_type 
_pdbx_audit_revision_history.major_revision 
_pdbx_audit_revision_history.minor_revision 
_pdbx_audit_revision_history.revision_date 
1 'Structure model' 1 0 2003-06-03 
2 'Structure model' 1 1 2008-04-27 
3 'Structure model' 1 2 2011-07-13 
4 'Structure model' 1 3 2021-10-27 
5 'Structure model' 1 4 2024-02-07 
6 'Structure model' 1 5 2024-04-03 
# 
_pdbx_audit_revision_details.ordinal             1 
_pdbx_audit_revision_details.revision_ordinal    1 
_pdbx_audit_revision_details.data_content_type   'Structure model' 
_pdbx_audit_revision_details.provider            repository 
_pdbx_audit_revision_details.type                'Initial release' 
_pdbx_audit_revision_details.description         ? 
_pdbx_audit_revision_details.details             ? 
# 
loop_
_pdbx_audit_revision_group.ordinal 
_pdbx_audit_revision_group.revision_ordinal 
_pdbx_audit_revision_group.data_content_type 
_pdbx_audit_revision_group.group 
1 2 'Structure model' 'Version format compliance' 
2 3 'Structure model' 'Version format compliance' 
3 4 'Structure model' 'Database references'       
4 5 'Structure model' 'Data collection'           
5 6 'Structure model' 'Refinement description'    
# 
loop_
_pdbx_audit_revision_category.ordinal 
_pdbx_audit_revision_category.revision_ordinal 
_pdbx_audit_revision_category.data_content_type 
_pdbx_audit_revision_category.category 
1 4 'Structure model' database_2                    
2 4 'Structure model' struct_ref_seq_dif            
3 5 'Structure model' chem_comp_atom                
4 5 'Structure model' chem_comp_bond                
5 6 'Structure model' pdbx_initial_refinement_model 
# 
loop_
_pdbx_audit_revision_item.ordinal 
_pdbx_audit_revision_item.revision_ordinal 
_pdbx_audit_revision_item.data_content_type 
_pdbx_audit_revision_item.item 
1 4 'Structure model' '_database_2.pdbx_DOI'                
2 4 'Structure model' '_database_2.pdbx_database_accession' 
3 4 'Structure model' '_struct_ref_seq_dif.details'         
# 
_pdbx_database_status.status_code                     REL 
_pdbx_database_status.entry_id                        1JHS 
_pdbx_database_status.recvd_initial_deposition_date   2001-06-28 
_pdbx_database_status.deposit_site                    RCSB 
_pdbx_database_status.process_site                    RCSB 
_pdbx_database_status.SG_entry                        . 
_pdbx_database_status.pdb_format_compatible           Y 
_pdbx_database_status.status_code_mr                  ? 
_pdbx_database_status.status_code_sf                  ? 
_pdbx_database_status.status_code_cs                  ? 
_pdbx_database_status.status_code_nmr_data            ? 
_pdbx_database_status.methods_development_category    ? 
# 
loop_
_audit_author.name 
_audit_author.pdbx_ordinal 
'Baker, R.P.'      1 
'Harreman, M.T.'   2 
'Ecclestone, J.F.' 3 
'Corbett, A.H.'    4 
'Stewart, M.'      5 
# 
_citation.id                        primary 
_citation.title                     'Interaction between Ran and Mog1 is required for efficient nuclear protein import' 
_citation.journal_abbrev            J.Biol.Chem. 
_citation.journal_volume            276 
_citation.page_first                41255 
_citation.page_last                 41262 
_citation.year                      2001 
_citation.journal_id_ASTM           JBCHA3 
_citation.country                   US 
_citation.journal_id_ISSN           0021-9258 
_citation.journal_id_CSD            0071 
_citation.book_publisher            ? 
_citation.pdbx_database_id_PubMed   11509570 
_citation.pdbx_database_id_DOI      10.1074/jbc.M106060200 
# 
loop_
_citation_author.citation_id 
_citation_author.name 
_citation_author.ordinal 
_citation_author.identifier_ORCID 
primary 'Baker, R.P.'      1 ? 
primary 'Harreman, M.T.'   2 ? 
primary 'Ecclestone, J.F.' 3 ? 
primary 'Corbett, A.H.'    4 ? 
primary 'Stewart, M.'      5 ? 
# 
loop_
_entity.id 
_entity.type 
_entity.src_method 
_entity.pdbx_description 
_entity.formula_weight 
_entity.pdbx_number_of_molecules 
_entity.pdbx_ec 
_entity.pdbx_mutation 
_entity.pdbx_fragment 
_entity.details 
1 polymer man 'MOG1 PROTEIN' 21015.564 1   ? E65A ? ? 
2 water   nat water          18.015    196 ? ?    ? ? 
# 
_entity_name_com.entity_id   1 
_entity_name_com.name        'Mog1p, nuclear protein that interacts with GTP-Gsp1p, hypothetical protein YJR074w' 
# 
_entity_poly.entity_id                      1 
_entity_poly.type                           'polypeptide(L)' 
_entity_poly.nstd_linkage                   no 
_entity_poly.nstd_monomer                   no 
_entity_poly.pdbx_seq_one_letter_code       
;MNNKEVELYGGAITTVVPPGFIDASTLREVPDTQAVYVNSRRDEEEFEDGLATNESIIVDLLETVDKSDLKEAWQFHVED
LTELNGTTKWEALQEDTVQQGTKFTGLVMEVANKWGKPDLAQTVVIGVALIRLTQFDTDVVISINVPLTKEEASQASNKE
LPARCHAVYQLLQEMVRKFHVVDTSLFA
;
_entity_poly.pdbx_seq_one_letter_code_can   
;MNNKEVELYGGAITTVVPPGFIDASTLREVPDTQAVYVNSRRDEEEFEDGLATNESIIVDLLETVDKSDLKEAWQFHVED
LTELNGTTKWEALQEDTVQQGTKFTGLVMEVANKWGKPDLAQTVVIGVALIRLTQFDTDVVISINVPLTKEEASQASNKE
LPARCHAVYQLLQEMVRKFHVVDTSLFA
;
_entity_poly.pdbx_strand_id                 A 
_entity_poly.pdbx_target_identifier         ? 
# 
_pdbx_entity_nonpoly.entity_id   2 
_pdbx_entity_nonpoly.name        water 
_pdbx_entity_nonpoly.comp_id     HOH 
# 
loop_
_entity_poly_seq.entity_id 
_entity_poly_seq.num 
_entity_poly_seq.mon_id 
_entity_poly_seq.hetero 
1 1   MET n 
1 2   ASN n 
1 3   ASN n 
1 4   LYS n 
1 5   GLU n 
1 6   VAL n 
1 7   GLU n 
1 8   LEU n 
1 9   TYR n 
1 10  GLY n 
1 11  GLY n 
1 12  ALA n 
1 13  ILE n 
1 14  THR n 
1 15  THR n 
1 16  VAL n 
1 17  VAL n 
1 18  PRO n 
1 19  PRO n 
1 20  GLY n 
1 21  PHE n 
1 22  ILE n 
1 23  ASP n 
1 24  ALA n 
1 25  SER n 
1 26  THR n 
1 27  LEU n 
1 28  ARG n 
1 29  GLU n 
1 30  VAL n 
1 31  PRO n 
1 32  ASP n 
1 33  THR n 
1 34  GLN n 
1 35  ALA n 
1 36  VAL n 
1 37  TYR n 
1 38  VAL n 
1 39  ASN n 
1 40  SER n 
1 41  ARG n 
1 42  ARG n 
1 43  ASP n 
1 44  GLU n 
1 45  GLU n 
1 46  GLU n 
1 47  PHE n 
1 48  GLU n 
1 49  ASP n 
1 50  GLY n 
1 51  LEU n 
1 52  ALA n 
1 53  THR n 
1 54  ASN n 
1 55  GLU n 
1 56  SER n 
1 57  ILE n 
1 58  ILE n 
1 59  VAL n 
1 60  ASP n 
1 61  LEU n 
1 62  LEU n 
1 63  GLU n 
1 64  THR n 
1 65  VAL n 
1 66  ASP n 
1 67  LYS n 
1 68  SER n 
1 69  ASP n 
1 70  LEU n 
1 71  LYS n 
1 72  GLU n 
1 73  ALA n 
1 74  TRP n 
1 75  GLN n 
1 76  PHE n 
1 77  HIS n 
1 78  VAL n 
1 79  GLU n 
1 80  ASP n 
1 81  LEU n 
1 82  THR n 
1 83  GLU n 
1 84  LEU n 
1 85  ASN n 
1 86  GLY n 
1 87  THR n 
1 88  THR n 
1 89  LYS n 
1 90  TRP n 
1 91  GLU n 
1 92  ALA n 
1 93  LEU n 
1 94  GLN n 
1 95  GLU n 
1 96  ASP n 
1 97  THR n 
1 98  VAL n 
1 99  GLN n 
1 100 GLN n 
1 101 GLY n 
1 102 THR n 
1 103 LYS n 
1 104 PHE n 
1 105 THR n 
1 106 GLY n 
1 107 LEU n 
1 108 VAL n 
1 109 MET n 
1 110 GLU n 
1 111 VAL n 
1 112 ALA n 
1 113 ASN n 
1 114 LYS n 
1 115 TRP n 
1 116 GLY n 
1 117 LYS n 
1 118 PRO n 
1 119 ASP n 
1 120 LEU n 
1 121 ALA n 
1 122 GLN n 
1 123 THR n 
1 124 VAL n 
1 125 VAL n 
1 126 ILE n 
1 127 GLY n 
1 128 VAL n 
1 129 ALA n 
1 130 LEU n 
1 131 ILE n 
1 132 ARG n 
1 133 LEU n 
1 134 THR n 
1 135 GLN n 
1 136 PHE n 
1 137 ASP n 
1 138 THR n 
1 139 ASP n 
1 140 VAL n 
1 141 VAL n 
1 142 ILE n 
1 143 SER n 
1 144 ILE n 
1 145 ASN n 
1 146 VAL n 
1 147 PRO n 
1 148 LEU n 
1 149 THR n 
1 150 LYS n 
1 151 GLU n 
1 152 GLU n 
1 153 ALA n 
1 154 SER n 
1 155 GLN n 
1 156 ALA n 
1 157 SER n 
1 158 ASN n 
1 159 LYS n 
1 160 GLU n 
1 161 LEU n 
1 162 PRO n 
1 163 ALA n 
1 164 ARG n 
1 165 CYS n 
1 166 HIS n 
1 167 ALA n 
1 168 VAL n 
1 169 TYR n 
1 170 GLN n 
1 171 LEU n 
1 172 LEU n 
1 173 GLN n 
1 174 GLU n 
1 175 MET n 
1 176 VAL n 
1 177 ARG n 
1 178 LYS n 
1 179 PHE n 
1 180 HIS n 
1 181 VAL n 
1 182 VAL n 
1 183 ASP n 
1 184 THR n 
1 185 SER n 
1 186 LEU n 
1 187 PHE n 
1 188 ALA n 
# 
_entity_src_gen.entity_id                          1 
_entity_src_gen.pdbx_src_id                        1 
_entity_src_gen.pdbx_alt_source_flag               sample 
_entity_src_gen.pdbx_seq_type                      ? 
_entity_src_gen.pdbx_beg_seq_num                   ? 
_entity_src_gen.pdbx_end_seq_num                   ? 
_entity_src_gen.gene_src_common_name               
;baker's yeast
;
_entity_src_gen.gene_src_genus                     Saccharomyces 
_entity_src_gen.pdbx_gene_src_gene                 Mog1 
_entity_src_gen.gene_src_species                   ? 
_entity_src_gen.gene_src_strain                    ? 
_entity_src_gen.gene_src_tissue                    ? 
_entity_src_gen.gene_src_tissue_fraction           ? 
_entity_src_gen.gene_src_details                   ? 
_entity_src_gen.pdbx_gene_src_fragment             ? 
_entity_src_gen.pdbx_gene_src_scientific_name      'Saccharomyces cerevisiae' 
_entity_src_gen.pdbx_gene_src_ncbi_taxonomy_id     4932 
_entity_src_gen.pdbx_gene_src_variant              ? 
_entity_src_gen.pdbx_gene_src_cell_line            ? 
_entity_src_gen.pdbx_gene_src_atcc                 ? 
_entity_src_gen.pdbx_gene_src_organ                ? 
_entity_src_gen.pdbx_gene_src_organelle            ? 
_entity_src_gen.pdbx_gene_src_cell                 ? 
_entity_src_gen.pdbx_gene_src_cellular_location    ? 
_entity_src_gen.host_org_common_name               ? 
_entity_src_gen.pdbx_host_org_scientific_name      'Escherichia coli' 
_entity_src_gen.pdbx_host_org_ncbi_taxonomy_id     562 
_entity_src_gen.host_org_genus                     Escherichia 
_entity_src_gen.pdbx_host_org_gene                 ? 
_entity_src_gen.pdbx_host_org_organ                ? 
_entity_src_gen.host_org_species                   ? 
_entity_src_gen.pdbx_host_org_tissue               ? 
_entity_src_gen.pdbx_host_org_tissue_fraction      ? 
_entity_src_gen.pdbx_host_org_strain               pET 
_entity_src_gen.pdbx_host_org_variant              ? 
_entity_src_gen.pdbx_host_org_cell_line            ? 
_entity_src_gen.pdbx_host_org_atcc                 ? 
_entity_src_gen.pdbx_host_org_culture_collection   ? 
_entity_src_gen.pdbx_host_org_cell                 ? 
_entity_src_gen.pdbx_host_org_organelle            ? 
_entity_src_gen.pdbx_host_org_cellular_location    ? 
_entity_src_gen.pdbx_host_org_vector_type          ? 
_entity_src_gen.pdbx_host_org_vector               ? 
_entity_src_gen.host_org_details                   ? 
_entity_src_gen.expression_system_id               ? 
_entity_src_gen.plasmid_name                       ? 
_entity_src_gen.plasmid_details                    ? 
_entity_src_gen.pdbx_description                   ? 
# 
loop_
_chem_comp.id 
_chem_comp.type 
_chem_comp.mon_nstd_flag 
_chem_comp.name 
_chem_comp.pdbx_synonyms 
_chem_comp.formula 
_chem_comp.formula_weight 
ALA 'L-peptide linking' y ALANINE         ? 'C3 H7 N O2'     89.093  
ARG 'L-peptide linking' y ARGININE        ? 'C6 H15 N4 O2 1' 175.209 
ASN 'L-peptide linking' y ASPARAGINE      ? 'C4 H8 N2 O3'    132.118 
ASP 'L-peptide linking' y 'ASPARTIC ACID' ? 'C4 H7 N O4'     133.103 
CYS 'L-peptide linking' y CYSTEINE        ? 'C3 H7 N O2 S'   121.158 
GLN 'L-peptide linking' y GLUTAMINE       ? 'C5 H10 N2 O3'   146.144 
GLU 'L-peptide linking' y 'GLUTAMIC ACID' ? 'C5 H9 N O4'     147.129 
GLY 'peptide linking'   y GLYCINE         ? 'C2 H5 N O2'     75.067  
HIS 'L-peptide linking' y HISTIDINE       ? 'C6 H10 N3 O2 1' 156.162 
HOH non-polymer         . WATER           ? 'H2 O'           18.015  
ILE 'L-peptide linking' y ISOLEUCINE      ? 'C6 H13 N O2'    131.173 
LEU 'L-peptide linking' y LEUCINE         ? 'C6 H13 N O2'    131.173 
LYS 'L-peptide linking' y LYSINE          ? 'C6 H15 N2 O2 1' 147.195 
MET 'L-peptide linking' y METHIONINE      ? 'C5 H11 N O2 S'  149.211 
PHE 'L-peptide linking' y PHENYLALANINE   ? 'C9 H11 N O2'    165.189 
PRO 'L-peptide linking' y PROLINE         ? 'C5 H9 N O2'     115.130 
SER 'L-peptide linking' y SERINE          ? 'C3 H7 N O3'     105.093 
THR 'L-peptide linking' y THREONINE       ? 'C4 H9 N O3'     119.119 
TRP 'L-peptide linking' y TRYPTOPHAN      ? 'C11 H12 N2 O2'  204.225 
TYR 'L-peptide linking' y TYROSINE        ? 'C9 H11 N O3'    181.189 
VAL 'L-peptide linking' y VALINE          ? 'C5 H11 N O2'    117.146 
# 
loop_
_pdbx_poly_seq_scheme.asym_id 
_pdbx_poly_seq_scheme.entity_id 
_pdbx_poly_seq_scheme.seq_id 
_pdbx_poly_seq_scheme.mon_id 
_pdbx_poly_seq_scheme.ndb_seq_num 
_pdbx_poly_seq_scheme.pdb_seq_num 
_pdbx_poly_seq_scheme.auth_seq_num 
_pdbx_poly_seq_scheme.pdb_mon_id 
_pdbx_poly_seq_scheme.auth_mon_id 
_pdbx_poly_seq_scheme.pdb_strand_id 
_pdbx_poly_seq_scheme.pdb_ins_code 
_pdbx_poly_seq_scheme.hetero 
A 1 1   MET 1   31  31  MET MET A . n 
A 1 2   ASN 2   32  32  ASN ASN A . n 
A 1 3   ASN 3   33  33  ASN ASN A . n 
A 1 4   LYS 4   34  34  LYS LYS A . n 
A 1 5   GLU 5   35  35  GLU GLU A . n 
A 1 6   VAL 6   36  36  VAL VAL A . n 
A 1 7   GLU 7   37  37  GLU GLU A . n 
A 1 8   LEU 8   38  38  LEU LEU A . n 
A 1 9   TYR 9   39  39  TYR TYR A . n 
A 1 10  GLY 10  40  40  GLY GLY A . n 
A 1 11  GLY 11  41  41  GLY GLY A . n 
A 1 12  ALA 12  42  42  ALA ALA A . n 
A 1 13  ILE 13  43  43  ILE ILE A . n 
A 1 14  THR 14  44  44  THR THR A . n 
A 1 15  THR 15  45  45  THR THR A . n 
A 1 16  VAL 16  46  46  VAL VAL A . n 
A 1 17  VAL 17  47  47  VAL VAL A . n 
A 1 18  PRO 18  48  48  PRO PRO A . n 
A 1 19  PRO 19  49  49  PRO PRO A . n 
A 1 20  GLY 20  50  50  GLY GLY A . n 
A 1 21  PHE 21  51  51  PHE PHE A . n 
A 1 22  ILE 22  52  52  ILE ILE A . n 
A 1 23  ASP 23  53  53  ASP ASP A . n 
A 1 24  ALA 24  54  54  ALA ALA A . n 
A 1 25  SER 25  55  55  SER SER A . n 
A 1 26  THR 26  56  56  THR THR A . n 
A 1 27  LEU 27  57  57  LEU LEU A . n 
A 1 28  ARG 28  58  58  ARG ARG A . n 
A 1 29  GLU 29  59  59  GLU GLU A . n 
A 1 30  VAL 30  60  60  VAL VAL A . n 
A 1 31  PRO 31  61  61  PRO PRO A . n 
A 1 32  ASP 32  62  62  ASP ASP A . n 
A 1 33  THR 33  63  63  THR THR A . n 
A 1 34  GLN 34  64  64  GLN GLN A . n 
A 1 35  ALA 35  65  65  ALA ALA A . n 
A 1 36  VAL 36  66  66  VAL VAL A . n 
A 1 37  TYR 37  67  67  TYR TYR A . n 
A 1 38  VAL 38  68  68  VAL VAL A . n 
A 1 39  ASN 39  69  69  ASN ASN A . n 
A 1 40  SER 40  70  70  SER SER A . n 
A 1 41  ARG 41  71  71  ARG ARG A . n 
A 1 42  ARG 42  72  72  ARG ARG A . n 
A 1 43  ASP 43  73  73  ASP ASP A . n 
A 1 44  GLU 44  74  74  GLU GLU A . n 
A 1 45  GLU 45  75  75  GLU GLU A . n 
A 1 46  GLU 46  76  76  GLU GLU A . n 
A 1 47  PHE 47  77  77  PHE PHE A . n 
A 1 48  GLU 48  78  78  GLU GLU A . n 
A 1 49  ASP 49  79  79  ASP ASP A . n 
A 1 50  GLY 50  80  80  GLY GLY A . n 
A 1 51  LEU 51  81  81  LEU LEU A . n 
A 1 52  ALA 52  82  82  ALA ALA A . n 
A 1 53  THR 53  83  83  THR THR A . n 
A 1 54  ASN 54  84  84  ASN ASN A . n 
A 1 55  GLU 55  85  85  GLU GLU A . n 
A 1 56  SER 56  86  86  SER SER A . n 
A 1 57  ILE 57  87  87  ILE ILE A . n 
A 1 58  ILE 58  88  88  ILE ILE A . n 
A 1 59  VAL 59  89  89  VAL VAL A . n 
A 1 60  ASP 60  90  90  ASP ASP A . n 
A 1 61  LEU 61  91  91  LEU LEU A . n 
A 1 62  LEU 62  92  92  LEU LEU A . n 
A 1 63  GLU 63  93  93  GLU GLU A . n 
A 1 64  THR 64  94  94  THR THR A . n 
A 1 65  VAL 65  95  95  VAL VAL A . n 
A 1 66  ASP 66  96  96  ASP ASP A . n 
A 1 67  LYS 67  97  97  LYS LYS A . n 
A 1 68  SER 68  98  98  SER SER A . n 
A 1 69  ASP 69  99  99  ASP ASP A . n 
A 1 70  LEU 70  100 100 LEU LEU A . n 
A 1 71  LYS 71  101 101 LYS LYS A . n 
A 1 72  GLU 72  102 102 GLU GLU A . n 
A 1 73  ALA 73  103 103 ALA ALA A . n 
A 1 74  TRP 74  104 104 TRP TRP A . n 
A 1 75  GLN 75  105 105 GLN GLN A . n 
A 1 76  PHE 76  106 106 PHE PHE A . n 
A 1 77  HIS 77  107 107 HIS HIS A . n 
A 1 78  VAL 78  108 108 VAL VAL A . n 
A 1 79  GLU 79  109 109 GLU GLU A . n 
A 1 80  ASP 80  110 110 ASP ASP A . n 
A 1 81  LEU 81  111 111 LEU LEU A . n 
A 1 82  THR 82  112 112 THR THR A . n 
A 1 83  GLU 83  113 113 GLU GLU A . n 
A 1 84  LEU 84  114 114 LEU LEU A . n 
A 1 85  ASN 85  115 115 ASN ASN A . n 
A 1 86  GLY 86  116 116 GLY GLY A . n 
A 1 87  THR 87  117 117 THR THR A . n 
A 1 88  THR 88  118 118 THR THR A . n 
A 1 89  LYS 89  119 119 LYS LYS A . n 
A 1 90  TRP 90  120 120 TRP TRP A . n 
A 1 91  GLU 91  121 121 GLU GLU A . n 
A 1 92  ALA 92  122 122 ALA ALA A . n 
A 1 93  LEU 93  123 123 LEU LEU A . n 
A 1 94  GLN 94  124 124 GLN GLN A . n 
A 1 95  GLU 95  125 125 GLU GLU A . n 
A 1 96  ASP 96  126 126 ASP ASP A . n 
A 1 97  THR 97  127 127 THR THR A . n 
A 1 98  VAL 98  128 128 VAL VAL A . n 
A 1 99  GLN 99  129 129 GLN GLN A . n 
A 1 100 GLN 100 130 130 GLN GLN A . n 
A 1 101 GLY 101 131 131 GLY GLY A . n 
A 1 102 THR 102 132 132 THR THR A . n 
A 1 103 LYS 103 133 133 LYS LYS A . n 
A 1 104 PHE 104 134 134 PHE PHE A . n 
A 1 105 THR 105 135 135 THR THR A . n 
A 1 106 GLY 106 136 136 GLY GLY A . n 
A 1 107 LEU 107 137 137 LEU LEU A . n 
A 1 108 VAL 108 138 138 VAL VAL A . n 
A 1 109 MET 109 139 139 MET MET A . n 
A 1 110 GLU 110 140 140 GLU GLU A . n 
A 1 111 VAL 111 141 141 VAL VAL A . n 
A 1 112 ALA 112 142 142 ALA ALA A . n 
A 1 113 ASN 113 143 143 ASN ASN A . n 
A 1 114 LYS 114 144 144 LYS LYS A . n 
A 1 115 TRP 115 145 145 TRP TRP A . n 
A 1 116 GLY 116 146 146 GLY GLY A . n 
A 1 117 LYS 117 147 147 LYS LYS A . n 
A 1 118 PRO 118 148 148 PRO PRO A . n 
A 1 119 ASP 119 149 149 ASP ASP A . n 
A 1 120 LEU 120 150 150 LEU LEU A . n 
A 1 121 ALA 121 151 151 ALA ALA A . n 
A 1 122 GLN 122 152 152 GLN GLN A . n 
A 1 123 THR 123 153 153 THR THR A . n 
A 1 124 VAL 124 154 154 VAL VAL A . n 
A 1 125 VAL 125 155 155 VAL VAL A . n 
A 1 126 ILE 126 156 156 ILE ILE A . n 
A 1 127 GLY 127 157 157 GLY GLY A . n 
A 1 128 VAL 128 158 158 VAL VAL A . n 
A 1 129 ALA 129 159 159 ALA ALA A . n 
A 1 130 LEU 130 160 160 LEU LEU A . n 
A 1 131 ILE 131 161 161 ILE ILE A . n 
A 1 132 ARG 132 162 162 ARG ARG A . n 
A 1 133 LEU 133 163 163 LEU LEU A . n 
A 1 134 THR 134 164 164 THR THR A . n 
A 1 135 GLN 135 165 165 GLN GLN A . n 
A 1 136 PHE 136 166 166 PHE PHE A . n 
A 1 137 ASP 137 167 167 ASP ASP A . n 
A 1 138 THR 138 168 168 THR THR A . n 
A 1 139 ASP 139 169 169 ASP ASP A . n 
A 1 140 VAL 140 170 170 VAL VAL A . n 
A 1 141 VAL 141 171 171 VAL VAL A . n 
A 1 142 ILE 142 172 172 ILE ILE A . n 
A 1 143 SER 143 173 173 SER SER A . n 
A 1 144 ILE 144 174 174 ILE ILE A . n 
A 1 145 ASN 145 175 175 ASN ASN A . n 
A 1 146 VAL 146 176 176 VAL VAL A . n 
A 1 147 PRO 147 177 177 PRO PRO A . n 
A 1 148 LEU 148 178 178 LEU LEU A . n 
A 1 149 THR 149 179 179 THR THR A . n 
A 1 150 LYS 150 180 180 LYS LYS A . n 
A 1 151 GLU 151 181 181 GLU GLU A . n 
A 1 152 GLU 152 182 182 GLU GLU A . n 
A 1 153 ALA 153 183 183 ALA ALA A . n 
A 1 154 SER 154 184 184 SER SER A . n 
A 1 155 GLN 155 185 185 GLN GLN A . n 
A 1 156 ALA 156 186 186 ALA ALA A . n 
A 1 157 SER 157 187 187 SER SER A . n 
A 1 158 ASN 158 188 188 ASN ASN A . n 
A 1 159 LYS 159 189 189 LYS LYS A . n 
A 1 160 GLU 160 190 190 GLU GLU A . n 
A 1 161 LEU 161 191 191 LEU LEU A . n 
A 1 162 PRO 162 192 192 PRO PRO A . n 
A 1 163 ALA 163 193 193 ALA ALA A . n 
A 1 164 ARG 164 194 194 ARG ARG A . n 
A 1 165 CYS 165 195 195 CYS CYS A . n 
A 1 166 HIS 166 196 196 HIS HIS A . n 
A 1 167 ALA 167 197 197 ALA ALA A . n 
A 1 168 VAL 168 198 198 VAL VAL A . n 
A 1 169 TYR 169 199 199 TYR TYR A . n 
A 1 170 GLN 170 200 200 GLN GLN A . n 
A 1 171 LEU 171 201 201 LEU LEU A . n 
A 1 172 LEU 172 202 202 LEU LEU A . n 
A 1 173 GLN 173 203 203 GLN GLN A . n 
A 1 174 GLU 174 204 204 GLU GLU A . n 
A 1 175 MET 175 205 205 MET MET A . n 
A 1 176 VAL 176 206 206 VAL VAL A . n 
A 1 177 ARG 177 207 207 ARG ARG A . n 
A 1 178 LYS 178 208 208 LYS LYS A . n 
A 1 179 PHE 179 209 209 PHE PHE A . n 
A 1 180 HIS 180 210 210 HIS HIS A . n 
A 1 181 VAL 181 211 211 VAL VAL A . n 
A 1 182 VAL 182 212 212 VAL VAL A . n 
A 1 183 ASP 183 213 213 ASP ASP A . n 
A 1 184 THR 184 214 214 THR THR A . n 
A 1 185 SER 185 215 215 SER SER A . n 
A 1 186 LEU 186 216 216 LEU LEU A . n 
A 1 187 PHE 187 217 217 PHE PHE A . n 
A 1 188 ALA 188 218 218 ALA ALA A . n 
# 
loop_
_pdbx_nonpoly_scheme.asym_id 
_pdbx_nonpoly_scheme.entity_id 
_pdbx_nonpoly_scheme.mon_id 
_pdbx_nonpoly_scheme.ndb_seq_num 
_pdbx_nonpoly_scheme.pdb_seq_num 
_pdbx_nonpoly_scheme.auth_seq_num 
_pdbx_nonpoly_scheme.pdb_mon_id 
_pdbx_nonpoly_scheme.auth_mon_id 
_pdbx_nonpoly_scheme.pdb_strand_id 
_pdbx_nonpoly_scheme.pdb_ins_code 
B 2 HOH 1   219 1   HOH HOH A . 
B 2 HOH 2   220 2   HOH HOH A . 
B 2 HOH 3   221 3   HOH HOH A . 
B 2 HOH 4   222 4   HOH HOH A . 
B 2 HOH 5   223 5   HOH HOH A . 
B 2 HOH 6   224 6   HOH HOH A . 
B 2 HOH 7   225 7   HOH HOH A . 
B 2 HOH 8   226 8   HOH HOH A . 
B 2 HOH 9   227 9   HOH HOH A . 
B 2 HOH 10  228 10  HOH HOH A . 
B 2 HOH 11  229 11  HOH HOH A . 
B 2 HOH 12  230 12  HOH HOH A . 
B 2 HOH 13  231 13  HOH HOH A . 
B 2 HOH 14  232 14  HOH HOH A . 
B 2 HOH 15  233 15  HOH HOH A . 
B 2 HOH 16  234 16  HOH HOH A . 
B 2 HOH 17  235 17  HOH HOH A . 
B 2 HOH 18  236 18  HOH HOH A . 
B 2 HOH 19  237 19  HOH HOH A . 
B 2 HOH 20  238 20  HOH HOH A . 
B 2 HOH 21  239 21  HOH HOH A . 
B 2 HOH 22  240 22  HOH HOH A . 
B 2 HOH 23  241 23  HOH HOH A . 
B 2 HOH 24  242 24  HOH HOH A . 
B 2 HOH 25  243 25  HOH HOH A . 
B 2 HOH 26  244 26  HOH HOH A . 
B 2 HOH 27  245 27  HOH HOH A . 
B 2 HOH 28  246 28  HOH HOH A . 
B 2 HOH 29  247 29  HOH HOH A . 
B 2 HOH 30  248 30  HOH HOH A . 
B 2 HOH 31  249 31  HOH HOH A . 
B 2 HOH 32  250 32  HOH HOH A . 
B 2 HOH 33  251 33  HOH HOH A . 
B 2 HOH 34  252 34  HOH HOH A . 
B 2 HOH 35  253 35  HOH HOH A . 
B 2 HOH 36  254 36  HOH HOH A . 
B 2 HOH 37  255 37  HOH HOH A . 
B 2 HOH 38  256 38  HOH HOH A . 
B 2 HOH 39  257 39  HOH HOH A . 
B 2 HOH 40  258 40  HOH HOH A . 
B 2 HOH 41  259 41  HOH HOH A . 
B 2 HOH 42  260 42  HOH HOH A . 
B 2 HOH 43  261 43  HOH HOH A . 
B 2 HOH 44  262 44  HOH HOH A . 
B 2 HOH 45  263 45  HOH HOH A . 
B 2 HOH 46  264 46  HOH HOH A . 
B 2 HOH 47  265 47  HOH HOH A . 
B 2 HOH 48  266 48  HOH HOH A . 
B 2 HOH 49  267 49  HOH HOH A . 
B 2 HOH 50  268 50  HOH HOH A . 
B 2 HOH 51  269 51  HOH HOH A . 
B 2 HOH 52  270 52  HOH HOH A . 
B 2 HOH 53  271 53  HOH HOH A . 
B 2 HOH 54  272 54  HOH HOH A . 
B 2 HOH 55  273 55  HOH HOH A . 
B 2 HOH 56  274 56  HOH HOH A . 
B 2 HOH 57  275 57  HOH HOH A . 
B 2 HOH 58  276 58  HOH HOH A . 
B 2 HOH 59  277 59  HOH HOH A . 
B 2 HOH 60  278 60  HOH HOH A . 
B 2 HOH 61  279 61  HOH HOH A . 
B 2 HOH 62  280 62  HOH HOH A . 
B 2 HOH 63  281 63  HOH HOH A . 
B 2 HOH 64  282 64  HOH HOH A . 
B 2 HOH 65  283 65  HOH HOH A . 
B 2 HOH 66  284 66  HOH HOH A . 
B 2 HOH 67  285 67  HOH HOH A . 
B 2 HOH 68  286 68  HOH HOH A . 
B 2 HOH 69  287 69  HOH HOH A . 
B 2 HOH 70  288 70  HOH HOH A . 
B 2 HOH 71  289 71  HOH HOH A . 
B 2 HOH 72  290 72  HOH HOH A . 
B 2 HOH 73  291 73  HOH HOH A . 
B 2 HOH 74  292 74  HOH HOH A . 
B 2 HOH 75  293 75  HOH HOH A . 
B 2 HOH 76  294 76  HOH HOH A . 
B 2 HOH 77  295 78  HOH HOH A . 
B 2 HOH 78  296 79  HOH HOH A . 
B 2 HOH 79  297 80  HOH HOH A . 
B 2 HOH 80  298 81  HOH HOH A . 
B 2 HOH 81  299 82  HOH HOH A . 
B 2 HOH 82  300 83  HOH HOH A . 
B 2 HOH 83  301 84  HOH HOH A . 
B 2 HOH 84  302 85  HOH HOH A . 
B 2 HOH 85  303 86  HOH HOH A . 
B 2 HOH 86  304 87  HOH HOH A . 
B 2 HOH 87  305 88  HOH HOH A . 
B 2 HOH 88  306 89  HOH HOH A . 
B 2 HOH 89  307 90  HOH HOH A . 
B 2 HOH 90  308 91  HOH HOH A . 
B 2 HOH 91  309 92  HOH HOH A . 
B 2 HOH 92  310 93  HOH HOH A . 
B 2 HOH 93  311 94  HOH HOH A . 
B 2 HOH 94  312 95  HOH HOH A . 
B 2 HOH 95  313 96  HOH HOH A . 
B 2 HOH 96  314 97  HOH HOH A . 
B 2 HOH 97  315 98  HOH HOH A . 
B 2 HOH 98  316 99  HOH HOH A . 
B 2 HOH 99  317 100 HOH HOH A . 
B 2 HOH 100 318 101 HOH HOH A . 
B 2 HOH 101 319 102 HOH HOH A . 
B 2 HOH 102 320 103 HOH HOH A . 
B 2 HOH 103 321 104 HOH HOH A . 
B 2 HOH 104 322 105 HOH HOH A . 
B 2 HOH 105 323 106 HOH HOH A . 
B 2 HOH 106 324 107 HOH HOH A . 
B 2 HOH 107 325 108 HOH HOH A . 
B 2 HOH 108 326 109 HOH HOH A . 
B 2 HOH 109 327 110 HOH HOH A . 
B 2 HOH 110 328 111 HOH HOH A . 
B 2 HOH 111 329 112 HOH HOH A . 
B 2 HOH 112 330 113 HOH HOH A . 
B 2 HOH 113 331 114 HOH HOH A . 
B 2 HOH 114 332 115 HOH HOH A . 
B 2 HOH 115 333 116 HOH HOH A . 
B 2 HOH 116 334 117 HOH HOH A . 
B 2 HOH 117 335 118 HOH HOH A . 
B 2 HOH 118 336 119 HOH HOH A . 
B 2 HOH 119 337 120 HOH HOH A . 
B 2 HOH 120 338 121 HOH HOH A . 
B 2 HOH 121 339 122 HOH HOH A . 
B 2 HOH 122 340 124 HOH HOH A . 
B 2 HOH 123 341 125 HOH HOH A . 
B 2 HOH 124 342 126 HOH HOH A . 
B 2 HOH 125 343 127 HOH HOH A . 
B 2 HOH 126 344 128 HOH HOH A . 
B 2 HOH 127 345 129 HOH HOH A . 
B 2 HOH 128 346 130 HOH HOH A . 
B 2 HOH 129 347 131 HOH HOH A . 
B 2 HOH 130 348 132 HOH HOH A . 
B 2 HOH 131 349 133 HOH HOH A . 
B 2 HOH 132 350 134 HOH HOH A . 
B 2 HOH 133 351 135 HOH HOH A . 
B 2 HOH 134 352 136 HOH HOH A . 
B 2 HOH 135 353 137 HOH HOH A . 
B 2 HOH 136 354 138 HOH HOH A . 
B 2 HOH 137 355 139 HOH HOH A . 
B 2 HOH 138 356 140 HOH HOH A . 
B 2 HOH 139 357 141 HOH HOH A . 
B 2 HOH 140 358 142 HOH HOH A . 
B 2 HOH 141 359 143 HOH HOH A . 
B 2 HOH 142 360 144 HOH HOH A . 
B 2 HOH 143 361 145 HOH HOH A . 
B 2 HOH 144 362 146 HOH HOH A . 
B 2 HOH 145 363 147 HOH HOH A . 
B 2 HOH 146 364 148 HOH HOH A . 
B 2 HOH 147 365 149 HOH HOH A . 
B 2 HOH 148 366 150 HOH HOH A . 
B 2 HOH 149 367 151 HOH HOH A . 
B 2 HOH 150 368 152 HOH HOH A . 
B 2 HOH 151 369 153 HOH HOH A . 
B 2 HOH 152 370 154 HOH HOH A . 
B 2 HOH 153 371 155 HOH HOH A . 
B 2 HOH 154 372 156 HOH HOH A . 
B 2 HOH 155 373 157 HOH HOH A . 
B 2 HOH 156 374 158 HOH HOH A . 
B 2 HOH 157 375 159 HOH HOH A . 
B 2 HOH 158 376 160 HOH HOH A . 
B 2 HOH 159 377 161 HOH HOH A . 
B 2 HOH 160 378 162 HOH HOH A . 
B 2 HOH 161 379 163 HOH HOH A . 
B 2 HOH 162 380 164 HOH HOH A . 
B 2 HOH 163 381 165 HOH HOH A . 
B 2 HOH 164 382 166 HOH HOH A . 
B 2 HOH 165 383 167 HOH HOH A . 
B 2 HOH 166 384 168 HOH HOH A . 
B 2 HOH 167 385 169 HOH HOH A . 
B 2 HOH 168 386 170 HOH HOH A . 
B 2 HOH 169 387 171 HOH HOH A . 
B 2 HOH 170 388 172 HOH HOH A . 
B 2 HOH 171 389 173 HOH HOH A . 
B 2 HOH 172 390 174 HOH HOH A . 
B 2 HOH 173 391 175 HOH HOH A . 
B 2 HOH 174 392 176 HOH HOH A . 
B 2 HOH 175 393 177 HOH HOH A . 
B 2 HOH 176 394 178 HOH HOH A . 
B 2 HOH 177 395 179 HOH HOH A . 
B 2 HOH 178 396 180 HOH HOH A . 
B 2 HOH 179 397 181 HOH HOH A . 
B 2 HOH 180 398 182 HOH HOH A . 
B 2 HOH 181 399 183 HOH HOH A . 
B 2 HOH 182 400 184 HOH HOH A . 
B 2 HOH 183 401 185 HOH HOH A . 
B 2 HOH 184 402 186 HOH HOH A . 
B 2 HOH 185 403 187 HOH HOH A . 
B 2 HOH 186 404 188 HOH HOH A . 
B 2 HOH 187 405 189 HOH HOH A . 
B 2 HOH 188 406 190 HOH HOH A . 
B 2 HOH 189 407 191 HOH HOH A . 
B 2 HOH 190 408 192 HOH HOH A . 
B 2 HOH 191 409 193 HOH HOH A . 
B 2 HOH 192 410 194 HOH HOH A . 
B 2 HOH 193 411 195 HOH HOH A . 
B 2 HOH 194 412 196 HOH HOH A . 
B 2 HOH 195 413 197 HOH HOH A . 
B 2 HOH 196 414 198 HOH HOH A . 
# 
loop_
_software.name 
_software.classification 
_software.version 
_software.citation_id 
_software.pdbx_ordinal 
MOSFLM 'data reduction' .         ? 1 
SCALA  'data scaling'   .         ? 2 
CNS    refinement       .         ? 3 
CCP4   'data scaling'   '(SCALA)' ? 4 
CNS    phasing          .         ? 5 
# 
_cell.entry_id           1JHS 
_cell.length_a           40.365 
_cell.length_b           48.972 
_cell.length_c           111.976 
_cell.angle_alpha        90.00 
_cell.angle_beta         90.00 
_cell.angle_gamma        90.00 
_cell.Z_PDB              4 
_cell.pdbx_unique_axis   ? 
# 
_symmetry.entry_id                         1JHS 
_symmetry.space_group_name_H-M             'P 21 21 21' 
_symmetry.pdbx_full_space_group_name_H-M   ? 
_symmetry.cell_setting                     orthorhombic 
_symmetry.Int_Tables_number                19 
# 
_exptl.entry_id          1JHS 
_exptl.method            'X-RAY DIFFRACTION' 
_exptl.crystals_number   1 
# 
_exptl_crystal.id                    1 
_exptl_crystal.density_meas          ? 
_exptl_crystal.density_percent_sol   53.27 
_exptl_crystal.density_Matthews      2.63 
_exptl_crystal.description           ? 
# 
_exptl_crystal_grow.crystal_id      1 
_exptl_crystal_grow.method          'VAPOR DIFFUSION, HANGING DROP' 
_exptl_crystal_grow.temp            291 
_exptl_crystal_grow.temp_details    ? 
_exptl_crystal_grow.pH              ? 
_exptl_crystal_grow.pdbx_details    'PEG, VAPOR DIFFUSION, HANGING DROP at 291K' 
_exptl_crystal_grow.pdbx_pH_range   . 
# 
_diffrn.id                     1 
_diffrn.ambient_temp           100 
_diffrn.ambient_temp_details   ? 
_diffrn.crystal_id             1 
# 
_diffrn_detector.diffrn_id              1 
_diffrn_detector.detector               CCD 
_diffrn_detector.type                   'ADSC QUANTUM 4' 
_diffrn_detector.pdbx_collection_date   2000-04-24 
_diffrn_detector.details                ? 
# 
_diffrn_radiation.diffrn_id                        1 
_diffrn_radiation.wavelength_id                    1 
_diffrn_radiation.monochromator                    ? 
_diffrn_radiation.pdbx_monochromatic_or_laue_m_l   M 
_diffrn_radiation.pdbx_diffrn_protocol             'SINGLE WAVELENGTH' 
_diffrn_radiation.pdbx_scattering_type             x-ray 
# 
_diffrn_radiation_wavelength.id           1 
_diffrn_radiation_wavelength.wavelength   0.9330 
_diffrn_radiation_wavelength.wt           1.0 
# 
_diffrn_source.diffrn_id                   1 
_diffrn_source.source                      SYNCHROTRON 
_diffrn_source.type                        'ESRF BEAMLINE BM14' 
_diffrn_source.pdbx_synchrotron_site       ESRF 
_diffrn_source.pdbx_synchrotron_beamline   BM14 
_diffrn_source.pdbx_wavelength             ? 
_diffrn_source.pdbx_wavelength_list        0.9330 
# 
_reflns.entry_id                     1JHS 
_reflns.observed_criterion_sigma_I   0.0 
_reflns.observed_criterion_sigma_F   0.0 
_reflns.d_resolution_low             31.2 
_reflns.d_resolution_high            1.9 
_reflns.number_obs                   18191 
_reflns.number_all                   18211 
_reflns.percent_possible_obs         99.9 
_reflns.pdbx_Rmerge_I_obs            0.046 
_reflns.pdbx_Rsym_value              ? 
_reflns.pdbx_netI_over_sigmaI        6.4 
_reflns.B_iso_Wilson_estimate        20 
_reflns.pdbx_redundancy              3.5 
_reflns.R_free_details               ? 
_reflns.limit_h_max                  ? 
_reflns.limit_h_min                  ? 
_reflns.limit_k_max                  ? 
_reflns.limit_k_min                  ? 
_reflns.limit_l_max                  ? 
_reflns.limit_l_min                  ? 
_reflns.observed_criterion_F_max     ? 
_reflns.observed_criterion_F_min     ? 
_reflns.pdbx_diffrn_id               1 
_reflns.pdbx_ordinal                 1 
# 
_reflns_shell.d_res_high             1.90 
_reflns_shell.d_res_low              2.00 
_reflns_shell.percent_possible_all   99.9 
_reflns_shell.Rmerge_I_obs           0.076 
_reflns_shell.pdbx_Rsym_value        ? 
_reflns_shell.meanI_over_sigI_obs    8.9 
_reflns_shell.pdbx_redundancy        3.6 
_reflns_shell.percent_possible_obs   ? 
_reflns_shell.number_unique_all      ? 
_reflns_shell.pdbx_diffrn_id         ? 
_reflns_shell.pdbx_ordinal           1 
# 
_refine.entry_id                                 1JHS 
_refine.ls_number_reflns_obs                     18191 
_refine.ls_number_reflns_all                     18211 
_refine.pdbx_ls_sigma_I                          0 
_refine.pdbx_ls_sigma_F                          0 
_refine.pdbx_data_cutoff_high_absF               ? 
_refine.pdbx_data_cutoff_low_absF                ? 
_refine.ls_d_res_low                             20. 
_refine.ls_d_res_high                            1.90 
_refine.ls_percent_reflns_obs                    99.9 
_refine.ls_R_factor_obs                          ? 
_refine.ls_R_factor_all                          ? 
_refine.ls_R_factor_R_work                       0.208 
_refine.ls_R_factor_R_free                       0.248 
_refine.ls_R_factor_R_free_error                 ? 
_refine.ls_R_factor_R_free_error_details         ? 
_refine.ls_percent_reflns_R_free                 5.0 
_refine.ls_number_reflns_R_free                  920 
_refine.ls_number_parameters                     ? 
_refine.ls_number_restraints                     ? 
_refine.occupancy_min                            ? 
_refine.occupancy_max                            ? 
_refine.B_iso_mean                               18.2 
_refine.aniso_B[1][1]                            -1.812 
_refine.aniso_B[2][2]                            -2.361 
_refine.aniso_B[3][3]                            4.173 
_refine.aniso_B[1][2]                            0.000 
_refine.aniso_B[1][3]                            0.000 
_refine.aniso_B[2][3]                            0.000 
_refine.solvent_model_details                    ? 
_refine.solvent_model_param_ksol                 ? 
_refine.solvent_model_param_bsol                 ? 
_refine.pdbx_ls_cross_valid_method               THROUGHOUT 
_refine.details                                  ? 
_refine.pdbx_starting_model                      'Mog1 native' 
_refine.pdbx_method_to_determine_struct          'MOLECULAR REPLACEMENT' 
_refine.pdbx_isotropic_thermal_model             ? 
_refine.pdbx_stereochemistry_target_values       'Engh & Huber' 
_refine.pdbx_stereochem_target_val_spec_case     ? 
_refine.pdbx_R_Free_selection_details            random 
_refine.pdbx_overall_ESU_R_Free                  ? 
_refine.overall_SU_B                             ? 
_refine.ls_redundancy_reflns_obs                 ? 
_refine.B_iso_min                                ? 
_refine.B_iso_max                                ? 
_refine.correlation_coeff_Fo_to_Fc               ? 
_refine.overall_SU_R_Cruickshank_DPI             ? 
_refine.overall_SU_R_free                        ? 
_refine.overall_SU_ML                            ? 
_refine.pdbx_overall_ESU_R                       ? 
_refine.pdbx_data_cutoff_high_rms_absF           ? 
_refine.correlation_coeff_Fo_to_Fc_free          ? 
_refine.pdbx_solvent_vdw_probe_radii             ? 
_refine.pdbx_solvent_ion_probe_radii             ? 
_refine.pdbx_solvent_shrinkage_radii             ? 
_refine.pdbx_refine_id                           'X-RAY DIFFRACTION' 
_refine.pdbx_diffrn_id                           1 
_refine.pdbx_TLS_residual_ADP_flag               ? 
_refine.pdbx_overall_phase_error                 ? 
_refine.pdbx_overall_SU_R_free_Cruickshank_DPI   ? 
_refine.pdbx_overall_SU_R_Blow_DPI               ? 
_refine.pdbx_overall_SU_R_free_Blow_DPI          ? 
# 
_refine_analyze.entry_id                        1JHS 
_refine_analyze.Luzzati_coordinate_error_obs    0.22 
_refine_analyze.Luzzati_sigma_a_obs             0.06 
_refine_analyze.Luzzati_d_res_low_obs           ? 
_refine_analyze.Luzzati_coordinate_error_free   ? 
_refine_analyze.Luzzati_sigma_a_free            ? 
_refine_analyze.Luzzati_d_res_low_free          ? 
_refine_analyze.number_disordered_residues      ? 
_refine_analyze.occupancy_sum_hydrogen          ? 
_refine_analyze.occupancy_sum_non_hydrogen      ? 
_refine_analyze.pdbx_Luzzati_d_res_high_obs     ? 
_refine_analyze.pdbx_refine_id                  'X-RAY DIFFRACTION' 
# 
_refine_hist.pdbx_refine_id                   'X-RAY DIFFRACTION' 
_refine_hist.cycle_id                         LAST 
_refine_hist.pdbx_number_atoms_protein        1478 
_refine_hist.pdbx_number_atoms_nucleic_acid   0 
_refine_hist.pdbx_number_atoms_ligand         0 
_refine_hist.number_atoms_solvent             196 
_refine_hist.number_atoms_total               1674 
_refine_hist.d_res_high                       1.90 
_refine_hist.d_res_low                        20. 
# 
loop_
_refine_ls_restr.type 
_refine_ls_restr.dev_ideal 
_refine_ls_restr.dev_ideal_target 
_refine_ls_restr.weight 
_refine_ls_restr.number 
_refine_ls_restr.pdbx_refine_id 
_refine_ls_restr.pdbx_restraint_function 
c_bond_d  0.009 ? ? ? 'X-RAY DIFFRACTION' ? 
c_angle_d 1.46  ? ? ? 'X-RAY DIFFRACTION' ? 
# 
_struct.entry_id                  1JHS 
_struct.title                     'Protein Mog1 E65A mutant' 
_struct.pdbx_model_details        ? 
_struct.pdbx_CASP_flag            ? 
_struct.pdbx_model_type_details   ? 
# 
_struct_keywords.entry_id        1JHS 
_struct_keywords.pdbx_keywords   'GENE REGULATION' 
_struct_keywords.text            'NUCLEAR-PROTEIN IMPORT, GSP1, GENE REGULATION' 
# 
loop_
_struct_asym.id 
_struct_asym.pdbx_blank_PDB_chainid_flag 
_struct_asym.pdbx_modified 
_struct_asym.entity_id 
_struct_asym.details 
A N N 1 ? 
B N N 2 ? 
# 
_struct_ref.id                         1 
_struct_ref.entity_id                  1 
_struct_ref.db_name                    UNP 
_struct_ref.db_code                    MOG1_YEAST 
_struct_ref.pdbx_db_accession          P47123 
_struct_ref.pdbx_align_begin           31 
_struct_ref.pdbx_seq_one_letter_code   
;MNNKEVELYGGAITTVVPPGFIDASTLREVPDTQEVYVNSRRDEEEFEDGLATNESIIVDLLETVDKSDLKEAWQFHVED
LTELNGTTKWEALQEDTVQQGTKFTGLVMEVANKWGKPDLAQTVVIGVALIRLTQFDTDVVISINVPLTKEEASQASNKE
LPARCHAVYQLLQEMVRKFHVVDTSLFA
;
_struct_ref.pdbx_db_isoform            ? 
# 
_struct_ref_seq.align_id                      1 
_struct_ref_seq.ref_id                        1 
_struct_ref_seq.pdbx_PDB_id_code              1JHS 
_struct_ref_seq.pdbx_strand_id                A 
_struct_ref_seq.seq_align_beg                 1 
_struct_ref_seq.pdbx_seq_align_beg_ins_code   ? 
_struct_ref_seq.seq_align_end                 188 
_struct_ref_seq.pdbx_seq_align_end_ins_code   ? 
_struct_ref_seq.pdbx_db_accession             P47123 
_struct_ref_seq.db_align_beg                  31 
_struct_ref_seq.pdbx_db_align_beg_ins_code    ? 
_struct_ref_seq.db_align_end                  218 
_struct_ref_seq.pdbx_db_align_end_ins_code    ? 
_struct_ref_seq.pdbx_auth_seq_align_beg       31 
_struct_ref_seq.pdbx_auth_seq_align_end       218 
# 
_struct_ref_seq_dif.align_id                     1 
_struct_ref_seq_dif.pdbx_pdb_id_code             1JHS 
_struct_ref_seq_dif.mon_id                       ALA 
_struct_ref_seq_dif.pdbx_pdb_strand_id           A 
_struct_ref_seq_dif.seq_num                      35 
_struct_ref_seq_dif.pdbx_pdb_ins_code            ? 
_struct_ref_seq_dif.pdbx_seq_db_name             UNP 
_struct_ref_seq_dif.pdbx_seq_db_accession_code   P47123 
_struct_ref_seq_dif.db_mon_id                    GLU 
_struct_ref_seq_dif.pdbx_seq_db_seq_num          65 
_struct_ref_seq_dif.details                      'engineered mutation' 
_struct_ref_seq_dif.pdbx_auth_seq_num            65 
_struct_ref_seq_dif.pdbx_ordinal                 1 
# 
_pdbx_struct_assembly.id                   1 
_pdbx_struct_assembly.details              author_defined_assembly 
_pdbx_struct_assembly.method_details       ? 
_pdbx_struct_assembly.oligomeric_details   monomeric 
_pdbx_struct_assembly.oligomeric_count     1 
# 
_pdbx_struct_assembly_gen.assembly_id       1 
_pdbx_struct_assembly_gen.oper_expression   1 
_pdbx_struct_assembly_gen.asym_id_list      A,B 
# 
_pdbx_struct_oper_list.id                   1 
_pdbx_struct_oper_list.type                 'identity operation' 
_pdbx_struct_oper_list.name                 1_555 
_pdbx_struct_oper_list.symmetry_operation   x,y,z 
_pdbx_struct_oper_list.matrix[1][1]         1.0000000000 
_pdbx_struct_oper_list.matrix[1][2]         0.0000000000 
_pdbx_struct_oper_list.matrix[1][3]         0.0000000000 
_pdbx_struct_oper_list.vector[1]            0.0000000000 
_pdbx_struct_oper_list.matrix[2][1]         0.0000000000 
_pdbx_struct_oper_list.matrix[2][2]         1.0000000000 
_pdbx_struct_oper_list.matrix[2][3]         0.0000000000 
_pdbx_struct_oper_list.vector[2]            0.0000000000 
_pdbx_struct_oper_list.matrix[3][1]         0.0000000000 
_pdbx_struct_oper_list.matrix[3][2]         0.0000000000 
_pdbx_struct_oper_list.matrix[3][3]         1.0000000000 
_pdbx_struct_oper_list.vector[3]            0.0000000000 
# 
_struct_biol.id                    1 
_struct_biol.pdbx_parent_biol_id   ? 
_struct_biol.details               ? 
# 
loop_
_struct_conf.conf_type_id 
_struct_conf.id 
_struct_conf.pdbx_PDB_helix_id 
_struct_conf.beg_label_comp_id 
_struct_conf.beg_label_asym_id 
_struct_conf.beg_label_seq_id 
_struct_conf.pdbx_beg_PDB_ins_code 
_struct_conf.end_label_comp_id 
_struct_conf.end_label_asym_id 
_struct_conf.end_label_seq_id 
_struct_conf.pdbx_end_PDB_ins_code 
_struct_conf.beg_auth_comp_id 
_struct_conf.beg_auth_asym_id 
_struct_conf.beg_auth_seq_id 
_struct_conf.end_auth_comp_id 
_struct_conf.end_auth_asym_id 
_struct_conf.end_auth_seq_id 
_struct_conf.pdbx_PDB_helix_class 
_struct_conf.details 
_struct_conf.pdbx_PDB_helix_length 
HELX_P HELX_P1 1 TYR A 9   ? GLY A 11  ? TYR A 39  GLY A 41  5 ? 3  
HELX_P HELX_P2 2 SER A 25  ? LEU A 27  ? SER A 55  LEU A 57  5 ? 3  
HELX_P HELX_P3 3 ASP A 69  ? LEU A 84  ? ASP A 99  LEU A 114 1 ? 16 
HELX_P HELX_P4 4 THR A 134 ? PHE A 136 ? THR A 164 PHE A 166 5 ? 3  
HELX_P HELX_P5 5 THR A 149 ? ASN A 158 ? THR A 179 ASN A 188 1 ? 10 
HELX_P HELX_P6 6 PRO A 162 ? PHE A 179 ? PRO A 192 PHE A 209 1 ? 18 
HELX_P HELX_P7 7 ASP A 183 ? ALA A 188 ? ASP A 213 ALA A 218 5 ? 6  
# 
_struct_conf_type.id          HELX_P 
_struct_conf_type.criteria    ? 
_struct_conf_type.reference   ? 
# 
loop_
_struct_sheet.id 
_struct_sheet.type 
_struct_sheet.number_strands 
_struct_sheet.details 
A ? 3 ? 
B ? 7 ? 
# 
loop_
_struct_sheet_order.sheet_id 
_struct_sheet_order.range_id_1 
_struct_sheet_order.range_id_2 
_struct_sheet_order.offset 
_struct_sheet_order.sense 
A 1 2 ? anti-parallel 
A 2 3 ? anti-parallel 
B 1 2 ? anti-parallel 
B 2 3 ? anti-parallel 
B 3 4 ? anti-parallel 
B 4 5 ? anti-parallel 
B 5 6 ? anti-parallel 
B 6 7 ? anti-parallel 
# 
loop_
_struct_sheet_range.sheet_id 
_struct_sheet_range.id 
_struct_sheet_range.beg_label_comp_id 
_struct_sheet_range.beg_label_asym_id 
_struct_sheet_range.beg_label_seq_id 
_struct_sheet_range.pdbx_beg_PDB_ins_code 
_struct_sheet_range.end_label_comp_id 
_struct_sheet_range.end_label_asym_id 
_struct_sheet_range.end_label_seq_id 
_struct_sheet_range.pdbx_end_PDB_ins_code 
_struct_sheet_range.beg_auth_comp_id 
_struct_sheet_range.beg_auth_asym_id 
_struct_sheet_range.beg_auth_seq_id 
_struct_sheet_range.end_auth_comp_id 
_struct_sheet_range.end_auth_asym_id 
_struct_sheet_range.end_auth_seq_id 
A 1 LYS A 4   ? LEU A 8   ? LYS A 34  LEU A 38  
A 2 ILE A 13  ? VAL A 17  ? ILE A 43  VAL A 47  
A 3 HIS A 180 ? VAL A 181 ? HIS A 210 VAL A 211 
B 1 PHE A 21  ? ASP A 23  ? PHE A 51  ASP A 53  
B 2 GLN A 34  ? ASN A 39  ? GLN A 64  ASN A 69  
B 3 SER A 56  ? GLU A 63  ? SER A 86  GLU A 93  
B 4 THR A 138 ? PRO A 147 ? THR A 168 PRO A 177 
B 5 VAL A 124 ? LEU A 133 ? VAL A 154 LEU A 163 
B 6 LYS A 103 ? ASN A 113 ? LYS A 133 ASN A 143 
B 7 THR A 87  ? GLN A 99  ? THR A 117 GLN A 129 
# 
loop_
_pdbx_struct_sheet_hbond.sheet_id 
_pdbx_struct_sheet_hbond.range_id_1 
_pdbx_struct_sheet_hbond.range_id_2 
_pdbx_struct_sheet_hbond.range_1_label_atom_id 
_pdbx_struct_sheet_hbond.range_1_label_comp_id 
_pdbx_struct_sheet_hbond.range_1_label_asym_id 
_pdbx_struct_sheet_hbond.range_1_label_seq_id 
_pdbx_struct_sheet_hbond.range_1_PDB_ins_code 
_pdbx_struct_sheet_hbond.range_1_auth_atom_id 
_pdbx_struct_sheet_hbond.range_1_auth_comp_id 
_pdbx_struct_sheet_hbond.range_1_auth_asym_id 
_pdbx_struct_sheet_hbond.range_1_auth_seq_id 
_pdbx_struct_sheet_hbond.range_2_label_atom_id 
_pdbx_struct_sheet_hbond.range_2_label_comp_id 
_pdbx_struct_sheet_hbond.range_2_label_asym_id 
_pdbx_struct_sheet_hbond.range_2_label_seq_id 
_pdbx_struct_sheet_hbond.range_2_PDB_ins_code 
_pdbx_struct_sheet_hbond.range_2_auth_atom_id 
_pdbx_struct_sheet_hbond.range_2_auth_comp_id 
_pdbx_struct_sheet_hbond.range_2_auth_asym_id 
_pdbx_struct_sheet_hbond.range_2_auth_seq_id 
A 1 2 N LEU A 8   ? N LEU A 38  O ILE A 13  ? O ILE A 43  
A 2 3 O THR A 14  ? O THR A 44  N HIS A 180 ? N HIS A 210 
B 1 2 N ILE A 22  ? N ILE A 52  O VAL A 38  ? O VAL A 68  
B 2 3 O TYR A 37  ? O TYR A 67  N ILE A 57  ? N ILE A 87  
B 3 4 O LEU A 62  ? O LEU A 92  N ASP A 139 ? N ASP A 169 
B 4 5 N VAL A 146 ? N VAL A 176 O VAL A 125 ? O VAL A 155 
B 5 6 N LEU A 130 ? N LEU A 160 O PHE A 104 ? O PHE A 134 
B 6 7 O ALA A 112 ? O ALA A 142 N THR A 88  ? N THR A 118 
# 
loop_
_pdbx_validate_torsion.id 
_pdbx_validate_torsion.PDB_model_num 
_pdbx_validate_torsion.auth_comp_id 
_pdbx_validate_torsion.auth_asym_id 
_pdbx_validate_torsion.auth_seq_id 
_pdbx_validate_torsion.PDB_ins_code 
_pdbx_validate_torsion.label_alt_id 
_pdbx_validate_torsion.phi 
_pdbx_validate_torsion.psi 
1 1 THR A 45 ? ? -160.55 -161.62 
2 1 ALA A 82 ? ? -102.73 -126.13 
# 
loop_
_chem_comp_atom.comp_id 
_chem_comp_atom.atom_id 
_chem_comp_atom.type_symbol 
_chem_comp_atom.pdbx_aromatic_flag 
_chem_comp_atom.pdbx_stereo_config 
_chem_comp_atom.pdbx_ordinal 
ALA N    N N N 1   
ALA CA   C N S 2   
ALA C    C N N 3   
ALA O    O N N 4   
ALA CB   C N N 5   
ALA OXT  O N N 6   
ALA H    H N N 7   
ALA H2   H N N 8   
ALA HA   H N N 9   
ALA HB1  H N N 10  
ALA HB2  H N N 11  
ALA HB3  H N N 12  
ALA HXT  H N N 13  
ARG N    N N N 14  
ARG CA   C N S 15  
ARG C    C N N 16  
ARG O    O N N 17  
ARG CB   C N N 18  
ARG CG   C N N 19  
ARG CD   C N N 20  
ARG NE   N N N 21  
ARG CZ   C N N 22  
ARG NH1  N N N 23  
ARG NH2  N N N 24  
ARG OXT  O N N 25  
ARG H    H N N 26  
ARG H2   H N N 27  
ARG HA   H N N 28  
ARG HB2  H N N 29  
ARG HB3  H N N 30  
ARG HG2  H N N 31  
ARG HG3  H N N 32  
ARG HD2  H N N 33  
ARG HD3  H N N 34  
ARG HE   H N N 35  
ARG HH11 H N N 36  
ARG HH12 H N N 37  
ARG HH21 H N N 38  
ARG HH22 H N N 39  
ARG HXT  H N N 40  
ASN N    N N N 41  
ASN CA   C N S 42  
ASN C    C N N 43  
ASN O    O N N 44  
ASN CB   C N N 45  
ASN CG   C N N 46  
ASN OD1  O N N 47  
ASN ND2  N N N 48  
ASN OXT  O N N 49  
ASN H    H N N 50  
ASN H2   H N N 51  
ASN HA   H N N 52  
ASN HB2  H N N 53  
ASN HB3  H N N 54  
ASN HD21 H N N 55  
ASN HD22 H N N 56  
ASN HXT  H N N 57  
ASP N    N N N 58  
ASP CA   C N S 59  
ASP C    C N N 60  
ASP O    O N N 61  
ASP CB   C N N 62  
ASP CG   C N N 63  
ASP OD1  O N N 64  
ASP OD2  O N N 65  
ASP OXT  O N N 66  
ASP H    H N N 67  
ASP H2   H N N 68  
ASP HA   H N N 69  
ASP HB2  H N N 70  
ASP HB3  H N N 71  
ASP HD2  H N N 72  
ASP HXT  H N N 73  
CYS N    N N N 74  
CYS CA   C N R 75  
CYS C    C N N 76  
CYS O    O N N 77  
CYS CB   C N N 78  
CYS SG   S N N 79  
CYS OXT  O N N 80  
CYS H    H N N 81  
CYS H2   H N N 82  
CYS HA   H N N 83  
CYS HB2  H N N 84  
CYS HB3  H N N 85  
CYS HG   H N N 86  
CYS HXT  H N N 87  
GLN N    N N N 88  
GLN CA   C N S 89  
GLN C    C N N 90  
GLN O    O N N 91  
GLN CB   C N N 92  
GLN CG   C N N 93  
GLN CD   C N N 94  
GLN OE1  O N N 95  
GLN NE2  N N N 96  
GLN OXT  O N N 97  
GLN H    H N N 98  
GLN H2   H N N 99  
GLN HA   H N N 100 
GLN HB2  H N N 101 
GLN HB3  H N N 102 
GLN HG2  H N N 103 
GLN HG3  H N N 104 
GLN HE21 H N N 105 
GLN HE22 H N N 106 
GLN HXT  H N N 107 
GLU N    N N N 108 
GLU CA   C N S 109 
GLU C    C N N 110 
GLU O    O N N 111 
GLU CB   C N N 112 
GLU CG   C N N 113 
GLU CD   C N N 114 
GLU OE1  O N N 115 
GLU OE2  O N N 116 
GLU OXT  O N N 117 
GLU H    H N N 118 
GLU H2   H N N 119 
GLU HA   H N N 120 
GLU HB2  H N N 121 
GLU HB3  H N N 122 
GLU HG2  H N N 123 
GLU HG3  H N N 124 
GLU HE2  H N N 125 
GLU HXT  H N N 126 
GLY N    N N N 127 
GLY CA   C N N 128 
GLY C    C N N 129 
GLY O    O N N 130 
GLY OXT  O N N 131 
GLY H    H N N 132 
GLY H2   H N N 133 
GLY HA2  H N N 134 
GLY HA3  H N N 135 
GLY HXT  H N N 136 
HIS N    N N N 137 
HIS CA   C N S 138 
HIS C    C N N 139 
HIS O    O N N 140 
HIS CB   C N N 141 
HIS CG   C Y N 142 
HIS ND1  N Y N 143 
HIS CD2  C Y N 144 
HIS CE1  C Y N 145 
HIS NE2  N Y N 146 
HIS OXT  O N N 147 
HIS H    H N N 148 
HIS H2   H N N 149 
HIS HA   H N N 150 
HIS HB2  H N N 151 
HIS HB3  H N N 152 
HIS HD1  H N N 153 
HIS HD2  H N N 154 
HIS HE1  H N N 155 
HIS HE2  H N N 156 
HIS HXT  H N N 157 
HOH O    O N N 158 
HOH H1   H N N 159 
HOH H2   H N N 160 
ILE N    N N N 161 
ILE CA   C N S 162 
ILE C    C N N 163 
ILE O    O N N 164 
ILE CB   C N S 165 
ILE CG1  C N N 166 
ILE CG2  C N N 167 
ILE CD1  C N N 168 
ILE OXT  O N N 169 
ILE H    H N N 170 
ILE H2   H N N 171 
ILE HA   H N N 172 
ILE HB   H N N 173 
ILE HG12 H N N 174 
ILE HG13 H N N 175 
ILE HG21 H N N 176 
ILE HG22 H N N 177 
ILE HG23 H N N 178 
ILE HD11 H N N 179 
ILE HD12 H N N 180 
ILE HD13 H N N 181 
ILE HXT  H N N 182 
LEU N    N N N 183 
LEU CA   C N S 184 
LEU C    C N N 185 
LEU O    O N N 186 
LEU CB   C N N 187 
LEU CG   C N N 188 
LEU CD1  C N N 189 
LEU CD2  C N N 190 
LEU OXT  O N N 191 
LEU H    H N N 192 
LEU H2   H N N 193 
LEU HA   H N N 194 
LEU HB2  H N N 195 
LEU HB3  H N N 196 
LEU HG   H N N 197 
LEU HD11 H N N 198 
LEU HD12 H N N 199 
LEU HD13 H N N 200 
LEU HD21 H N N 201 
LEU HD22 H N N 202 
LEU HD23 H N N 203 
LEU HXT  H N N 204 
LYS N    N N N 205 
LYS CA   C N S 206 
LYS C    C N N 207 
LYS O    O N N 208 
LYS CB   C N N 209 
LYS CG   C N N 210 
LYS CD   C N N 211 
LYS CE   C N N 212 
LYS NZ   N N N 213 
LYS OXT  O N N 214 
LYS H    H N N 215 
LYS H2   H N N 216 
LYS HA   H N N 217 
LYS HB2  H N N 218 
LYS HB3  H N N 219 
LYS HG2  H N N 220 
LYS HG3  H N N 221 
LYS HD2  H N N 222 
LYS HD3  H N N 223 
LYS HE2  H N N 224 
LYS HE3  H N N 225 
LYS HZ1  H N N 226 
LYS HZ2  H N N 227 
LYS HZ3  H N N 228 
LYS HXT  H N N 229 
MET N    N N N 230 
MET CA   C N S 231 
MET C    C N N 232 
MET O    O N N 233 
MET CB   C N N 234 
MET CG   C N N 235 
MET SD   S N N 236 
MET CE   C N N 237 
MET OXT  O N N 238 
MET H    H N N 239 
MET H2   H N N 240 
MET HA   H N N 241 
MET HB2  H N N 242 
MET HB3  H N N 243 
MET HG2  H N N 244 
MET HG3  H N N 245 
MET HE1  H N N 246 
MET HE2  H N N 247 
MET HE3  H N N 248 
MET HXT  H N N 249 
PHE N    N N N 250 
PHE CA   C N S 251 
PHE C    C N N 252 
PHE O    O N N 253 
PHE CB   C N N 254 
PHE CG   C Y N 255 
PHE CD1  C Y N 256 
PHE CD2  C Y N 257 
PHE CE1  C Y N 258 
PHE CE2  C Y N 259 
PHE CZ   C Y N 260 
PHE OXT  O N N 261 
PHE H    H N N 262 
PHE H2   H N N 263 
PHE HA   H N N 264 
PHE HB2  H N N 265 
PHE HB3  H N N 266 
PHE HD1  H N N 267 
PHE HD2  H N N 268 
PHE HE1  H N N 269 
PHE HE2  H N N 270 
PHE HZ   H N N 271 
PHE HXT  H N N 272 
PRO N    N N N 273 
PRO CA   C N S 274 
PRO C    C N N 275 
PRO O    O N N 276 
PRO CB   C N N 277 
PRO CG   C N N 278 
PRO CD   C N N 279 
PRO OXT  O N N 280 
PRO H    H N N 281 
PRO HA   H N N 282 
PRO HB2  H N N 283 
PRO HB3  H N N 284 
PRO HG2  H N N 285 
PRO HG3  H N N 286 
PRO HD2  H N N 287 
PRO HD3  H N N 288 
PRO HXT  H N N 289 
SER N    N N N 290 
SER CA   C N S 291 
SER C    C N N 292 
SER O    O N N 293 
SER CB   C N N 294 
SER OG   O N N 295 
SER OXT  O N N 296 
SER H    H N N 297 
SER H2   H N N 298 
SER HA   H N N 299 
SER HB2  H N N 300 
SER HB3  H N N 301 
SER HG   H N N 302 
SER HXT  H N N 303 
THR N    N N N 304 
THR CA   C N S 305 
THR C    C N N 306 
THR O    O N N 307 
THR CB   C N R 308 
THR OG1  O N N 309 
THR CG2  C N N 310 
THR OXT  O N N 311 
THR H    H N N 312 
THR H2   H N N 313 
THR HA   H N N 314 
THR HB   H N N 315 
THR HG1  H N N 316 
THR HG21 H N N 317 
THR HG22 H N N 318 
THR HG23 H N N 319 
THR HXT  H N N 320 
TRP N    N N N 321 
TRP CA   C N S 322 
TRP C    C N N 323 
TRP O    O N N 324 
TRP CB   C N N 325 
TRP CG   C Y N 326 
TRP CD1  C Y N 327 
TRP CD2  C Y N 328 
TRP NE1  N Y N 329 
TRP CE2  C Y N 330 
TRP CE3  C Y N 331 
TRP CZ2  C Y N 332 
TRP CZ3  C Y N 333 
TRP CH2  C Y N 334 
TRP OXT  O N N 335 
TRP H    H N N 336 
TRP H2   H N N 337 
TRP HA   H N N 338 
TRP HB2  H N N 339 
TRP HB3  H N N 340 
TRP HD1  H N N 341 
TRP HE1  H N N 342 
TRP HE3  H N N 343 
TRP HZ2  H N N 344 
TRP HZ3  H N N 345 
TRP HH2  H N N 346 
TRP HXT  H N N 347 
TYR N    N N N 348 
TYR CA   C N S 349 
TYR C    C N N 350 
TYR O    O N N 351 
TYR CB   C N N 352 
TYR CG   C Y N 353 
TYR CD1  C Y N 354 
TYR CD2  C Y N 355 
TYR CE1  C Y N 356 
TYR CE2  C Y N 357 
TYR CZ   C Y N 358 
TYR OH   O N N 359 
TYR OXT  O N N 360 
TYR H    H N N 361 
TYR H2   H N N 362 
TYR HA   H N N 363 
TYR HB2  H N N 364 
TYR HB3  H N N 365 
TYR HD1  H N N 366 
TYR HD2  H N N 367 
TYR HE1  H N N 368 
TYR HE2  H N N 369 
TYR HH   H N N 370 
TYR HXT  H N N 371 
VAL N    N N N 372 
VAL CA   C N S 373 
VAL C    C N N 374 
VAL O    O N N 375 
VAL CB   C N N 376 
VAL CG1  C N N 377 
VAL CG2  C N N 378 
VAL OXT  O N N 379 
VAL H    H N N 380 
VAL H2   H N N 381 
VAL HA   H N N 382 
VAL HB   H N N 383 
VAL HG11 H N N 384 
VAL HG12 H N N 385 
VAL HG13 H N N 386 
VAL HG21 H N N 387 
VAL HG22 H N N 388 
VAL HG23 H N N 389 
VAL HXT  H N N 390 
# 
loop_
_chem_comp_bond.comp_id 
_chem_comp_bond.atom_id_1 
_chem_comp_bond.atom_id_2 
_chem_comp_bond.value_order 
_chem_comp_bond.pdbx_aromatic_flag 
_chem_comp_bond.pdbx_stereo_config 
_chem_comp_bond.pdbx_ordinal 
ALA N   CA   sing N N 1   
ALA N   H    sing N N 2   
ALA N   H2   sing N N 3   
ALA CA  C    sing N N 4   
ALA CA  CB   sing N N 5   
ALA CA  HA   sing N N 6   
ALA C   O    doub N N 7   
ALA C   OXT  sing N N 8   
ALA CB  HB1  sing N N 9   
ALA CB  HB2  sing N N 10  
ALA CB  HB3  sing N N 11  
ALA OXT HXT  sing N N 12  
ARG N   CA   sing N N 13  
ARG N   H    sing N N 14  
ARG N   H2   sing N N 15  
ARG CA  C    sing N N 16  
ARG CA  CB   sing N N 17  
ARG CA  HA   sing N N 18  
ARG C   O    doub N N 19  
ARG C   OXT  sing N N 20  
ARG CB  CG   sing N N 21  
ARG CB  HB2  sing N N 22  
ARG CB  HB3  sing N N 23  
ARG CG  CD   sing N N 24  
ARG CG  HG2  sing N N 25  
ARG CG  HG3  sing N N 26  
ARG CD  NE   sing N N 27  
ARG CD  HD2  sing N N 28  
ARG CD  HD3  sing N N 29  
ARG NE  CZ   sing N N 30  
ARG NE  HE   sing N N 31  
ARG CZ  NH1  sing N N 32  
ARG CZ  NH2  doub N N 33  
ARG NH1 HH11 sing N N 34  
ARG NH1 HH12 sing N N 35  
ARG NH2 HH21 sing N N 36  
ARG NH2 HH22 sing N N 37  
ARG OXT HXT  sing N N 38  
ASN N   CA   sing N N 39  
ASN N   H    sing N N 40  
ASN N   H2   sing N N 41  
ASN CA  C    sing N N 42  
ASN CA  CB   sing N N 43  
ASN CA  HA   sing N N 44  
ASN C   O    doub N N 45  
ASN C   OXT  sing N N 46  
ASN CB  CG   sing N N 47  
ASN CB  HB2  sing N N 48  
ASN CB  HB3  sing N N 49  
ASN CG  OD1  doub N N 50  
ASN CG  ND2  sing N N 51  
ASN ND2 HD21 sing N N 52  
ASN ND2 HD22 sing N N 53  
ASN OXT HXT  sing N N 54  
ASP N   CA   sing N N 55  
ASP N   H    sing N N 56  
ASP N   H2   sing N N 57  
ASP CA  C    sing N N 58  
ASP CA  CB   sing N N 59  
ASP CA  HA   sing N N 60  
ASP C   O    doub N N 61  
ASP C   OXT  sing N N 62  
ASP CB  CG   sing N N 63  
ASP CB  HB2  sing N N 64  
ASP CB  HB3  sing N N 65  
ASP CG  OD1  doub N N 66  
ASP CG  OD2  sing N N 67  
ASP OD2 HD2  sing N N 68  
ASP OXT HXT  sing N N 69  
CYS N   CA   sing N N 70  
CYS N   H    sing N N 71  
CYS N   H2   sing N N 72  
CYS CA  C    sing N N 73  
CYS CA  CB   sing N N 74  
CYS CA  HA   sing N N 75  
CYS C   O    doub N N 76  
CYS C   OXT  sing N N 77  
CYS CB  SG   sing N N 78  
CYS CB  HB2  sing N N 79  
CYS CB  HB3  sing N N 80  
CYS SG  HG   sing N N 81  
CYS OXT HXT  sing N N 82  
GLN N   CA   sing N N 83  
GLN N   H    sing N N 84  
GLN N   H2   sing N N 85  
GLN CA  C    sing N N 86  
GLN CA  CB   sing N N 87  
GLN CA  HA   sing N N 88  
GLN C   O    doub N N 89  
GLN C   OXT  sing N N 90  
GLN CB  CG   sing N N 91  
GLN CB  HB2  sing N N 92  
GLN CB  HB3  sing N N 93  
GLN CG  CD   sing N N 94  
GLN CG  HG2  sing N N 95  
GLN CG  HG3  sing N N 96  
GLN CD  OE1  doub N N 97  
GLN CD  NE2  sing N N 98  
GLN NE2 HE21 sing N N 99  
GLN NE2 HE22 sing N N 100 
GLN OXT HXT  sing N N 101 
GLU N   CA   sing N N 102 
GLU N   H    sing N N 103 
GLU N   H2   sing N N 104 
GLU CA  C    sing N N 105 
GLU CA  CB   sing N N 106 
GLU CA  HA   sing N N 107 
GLU C   O    doub N N 108 
GLU C   OXT  sing N N 109 
GLU CB  CG   sing N N 110 
GLU CB  HB2  sing N N 111 
GLU CB  HB3  sing N N 112 
GLU CG  CD   sing N N 113 
GLU CG  HG2  sing N N 114 
GLU CG  HG3  sing N N 115 
GLU CD  OE1  doub N N 116 
GLU CD  OE2  sing N N 117 
GLU OE2 HE2  sing N N 118 
GLU OXT HXT  sing N N 119 
GLY N   CA   sing N N 120 
GLY N   H    sing N N 121 
GLY N   H2   sing N N 122 
GLY CA  C    sing N N 123 
GLY CA  HA2  sing N N 124 
GLY CA  HA3  sing N N 125 
GLY C   O    doub N N 126 
GLY C   OXT  sing N N 127 
GLY OXT HXT  sing N N 128 
HIS N   CA   sing N N 129 
HIS N   H    sing N N 130 
HIS N   H2   sing N N 131 
HIS CA  C    sing N N 132 
HIS CA  CB   sing N N 133 
HIS CA  HA   sing N N 134 
HIS C   O    doub N N 135 
HIS C   OXT  sing N N 136 
HIS CB  CG   sing N N 137 
HIS CB  HB2  sing N N 138 
HIS CB  HB3  sing N N 139 
HIS CG  ND1  sing Y N 140 
HIS CG  CD2  doub Y N 141 
HIS ND1 CE1  doub Y N 142 
HIS ND1 HD1  sing N N 143 
HIS CD2 NE2  sing Y N 144 
HIS CD2 HD2  sing N N 145 
HIS CE1 NE2  sing Y N 146 
HIS CE1 HE1  sing N N 147 
HIS NE2 HE2  sing N N 148 
HIS OXT HXT  sing N N 149 
HOH O   H1   sing N N 150 
HOH O   H2   sing N N 151 
ILE N   CA   sing N N 152 
ILE N   H    sing N N 153 
ILE N   H2   sing N N 154 
ILE CA  C    sing N N 155 
ILE CA  CB   sing N N 156 
ILE CA  HA   sing N N 157 
ILE C   O    doub N N 158 
ILE C   OXT  sing N N 159 
ILE CB  CG1  sing N N 160 
ILE CB  CG2  sing N N 161 
ILE CB  HB   sing N N 162 
ILE CG1 CD1  sing N N 163 
ILE CG1 HG12 sing N N 164 
ILE CG1 HG13 sing N N 165 
ILE CG2 HG21 sing N N 166 
ILE CG2 HG22 sing N N 167 
ILE CG2 HG23 sing N N 168 
ILE CD1 HD11 sing N N 169 
ILE CD1 HD12 sing N N 170 
ILE CD1 HD13 sing N N 171 
ILE OXT HXT  sing N N 172 
LEU N   CA   sing N N 173 
LEU N   H    sing N N 174 
LEU N   H2   sing N N 175 
LEU CA  C    sing N N 176 
LEU CA  CB   sing N N 177 
LEU CA  HA   sing N N 178 
LEU C   O    doub N N 179 
LEU C   OXT  sing N N 180 
LEU CB  CG   sing N N 181 
LEU CB  HB2  sing N N 182 
LEU CB  HB3  sing N N 183 
LEU CG  CD1  sing N N 184 
LEU CG  CD2  sing N N 185 
LEU CG  HG   sing N N 186 
LEU CD1 HD11 sing N N 187 
LEU CD1 HD12 sing N N 188 
LEU CD1 HD13 sing N N 189 
LEU CD2 HD21 sing N N 190 
LEU CD2 HD22 sing N N 191 
LEU CD2 HD23 sing N N 192 
LEU OXT HXT  sing N N 193 
LYS N   CA   sing N N 194 
LYS N   H    sing N N 195 
LYS N   H2   sing N N 196 
LYS CA  C    sing N N 197 
LYS CA  CB   sing N N 198 
LYS CA  HA   sing N N 199 
LYS C   O    doub N N 200 
LYS C   OXT  sing N N 201 
LYS CB  CG   sing N N 202 
LYS CB  HB2  sing N N 203 
LYS CB  HB3  sing N N 204 
LYS CG  CD   sing N N 205 
LYS CG  HG2  sing N N 206 
LYS CG  HG3  sing N N 207 
LYS CD  CE   sing N N 208 
LYS CD  HD2  sing N N 209 
LYS CD  HD3  sing N N 210 
LYS CE  NZ   sing N N 211 
LYS CE  HE2  sing N N 212 
LYS CE  HE3  sing N N 213 
LYS NZ  HZ1  sing N N 214 
LYS NZ  HZ2  sing N N 215 
LYS NZ  HZ3  sing N N 216 
LYS OXT HXT  sing N N 217 
MET N   CA   sing N N 218 
MET N   H    sing N N 219 
MET N   H2   sing N N 220 
MET CA  C    sing N N 221 
MET CA  CB   sing N N 222 
MET CA  HA   sing N N 223 
MET C   O    doub N N 224 
MET C   OXT  sing N N 225 
MET CB  CG   sing N N 226 
MET CB  HB2  sing N N 227 
MET CB  HB3  sing N N 228 
MET CG  SD   sing N N 229 
MET CG  HG2  sing N N 230 
MET CG  HG3  sing N N 231 
MET SD  CE   sing N N 232 
MET CE  HE1  sing N N 233 
MET CE  HE2  sing N N 234 
MET CE  HE3  sing N N 235 
MET OXT HXT  sing N N 236 
PHE N   CA   sing N N 237 
PHE N   H    sing N N 238 
PHE N   H2   sing N N 239 
PHE CA  C    sing N N 240 
PHE CA  CB   sing N N 241 
PHE CA  HA   sing N N 242 
PHE C   O    doub N N 243 
PHE C   OXT  sing N N 244 
PHE CB  CG   sing N N 245 
PHE CB  HB2  sing N N 246 
PHE CB  HB3  sing N N 247 
PHE CG  CD1  doub Y N 248 
PHE CG  CD2  sing Y N 249 
PHE CD1 CE1  sing Y N 250 
PHE CD1 HD1  sing N N 251 
PHE CD2 CE2  doub Y N 252 
PHE CD2 HD2  sing N N 253 
PHE CE1 CZ   doub Y N 254 
PHE CE1 HE1  sing N N 255 
PHE CE2 CZ   sing Y N 256 
PHE CE2 HE2  sing N N 257 
PHE CZ  HZ   sing N N 258 
PHE OXT HXT  sing N N 259 
PRO N   CA   sing N N 260 
PRO N   CD   sing N N 261 
PRO N   H    sing N N 262 
PRO CA  C    sing N N 263 
PRO CA  CB   sing N N 264 
PRO CA  HA   sing N N 265 
PRO C   O    doub N N 266 
PRO C   OXT  sing N N 267 
PRO CB  CG   sing N N 268 
PRO CB  HB2  sing N N 269 
PRO CB  HB3  sing N N 270 
PRO CG  CD   sing N N 271 
PRO CG  HG2  sing N N 272 
PRO CG  HG3  sing N N 273 
PRO CD  HD2  sing N N 274 
PRO CD  HD3  sing N N 275 
PRO OXT HXT  sing N N 276 
SER N   CA   sing N N 277 
SER N   H    sing N N 278 
SER N   H2   sing N N 279 
SER CA  C    sing N N 280 
SER CA  CB   sing N N 281 
SER CA  HA   sing N N 282 
SER C   O    doub N N 283 
SER C   OXT  sing N N 284 
SER CB  OG   sing N N 285 
SER CB  HB2  sing N N 286 
SER CB  HB3  sing N N 287 
SER OG  HG   sing N N 288 
SER OXT HXT  sing N N 289 
THR N   CA   sing N N 290 
THR N   H    sing N N 291 
THR N   H2   sing N N 292 
THR CA  C    sing N N 293 
THR CA  CB   sing N N 294 
THR CA  HA   sing N N 295 
THR C   O    doub N N 296 
THR C   OXT  sing N N 297 
THR CB  OG1  sing N N 298 
THR CB  CG2  sing N N 299 
THR CB  HB   sing N N 300 
THR OG1 HG1  sing N N 301 
THR CG2 HG21 sing N N 302 
THR CG2 HG22 sing N N 303 
THR CG2 HG23 sing N N 304 
THR OXT HXT  sing N N 305 
TRP N   CA   sing N N 306 
TRP N   H    sing N N 307 
TRP N   H2   sing N N 308 
TRP CA  C    sing N N 309 
TRP CA  CB   sing N N 310 
TRP CA  HA   sing N N 311 
TRP C   O    doub N N 312 
TRP C   OXT  sing N N 313 
TRP CB  CG   sing N N 314 
TRP CB  HB2  sing N N 315 
TRP CB  HB3  sing N N 316 
TRP CG  CD1  doub Y N 317 
TRP CG  CD2  sing Y N 318 
TRP CD1 NE1  sing Y N 319 
TRP CD1 HD1  sing N N 320 
TRP CD2 CE2  doub Y N 321 
TRP CD2 CE3  sing Y N 322 
TRP NE1 CE2  sing Y N 323 
TRP NE1 HE1  sing N N 324 
TRP CE2 CZ2  sing Y N 325 
TRP CE3 CZ3  doub Y N 326 
TRP CE3 HE3  sing N N 327 
TRP CZ2 CH2  doub Y N 328 
TRP CZ2 HZ2  sing N N 329 
TRP CZ3 CH2  sing Y N 330 
TRP CZ3 HZ3  sing N N 331 
TRP CH2 HH2  sing N N 332 
TRP OXT HXT  sing N N 333 
TYR N   CA   sing N N 334 
TYR N   H    sing N N 335 
TYR N   H2   sing N N 336 
TYR CA  C    sing N N 337 
TYR CA  CB   sing N N 338 
TYR CA  HA   sing N N 339 
TYR C   O    doub N N 340 
TYR C   OXT  sing N N 341 
TYR CB  CG   sing N N 342 
TYR CB  HB2  sing N N 343 
TYR CB  HB3  sing N N 344 
TYR CG  CD1  doub Y N 345 
TYR CG  CD2  sing Y N 346 
TYR CD1 CE1  sing Y N 347 
TYR CD1 HD1  sing N N 348 
TYR CD2 CE2  doub Y N 349 
TYR CD2 HD2  sing N N 350 
TYR CE1 CZ   doub Y N 351 
TYR CE1 HE1  sing N N 352 
TYR CE2 CZ   sing Y N 353 
TYR CE2 HE2  sing N N 354 
TYR CZ  OH   sing N N 355 
TYR OH  HH   sing N N 356 
TYR OXT HXT  sing N N 357 
VAL N   CA   sing N N 358 
VAL N   H    sing N N 359 
VAL N   H2   sing N N 360 
VAL CA  C    sing N N 361 
VAL CA  CB   sing N N 362 
VAL CA  HA   sing N N 363 
VAL C   O    doub N N 364 
VAL C   OXT  sing N N 365 
VAL CB  CG1  sing N N 366 
VAL CB  CG2  sing N N 367 
VAL CB  HB   sing N N 368 
VAL CG1 HG11 sing N N 369 
VAL CG1 HG12 sing N N 370 
VAL CG1 HG13 sing N N 371 
VAL CG2 HG21 sing N N 372 
VAL CG2 HG22 sing N N 373 
VAL CG2 HG23 sing N N 374 
VAL OXT HXT  sing N N 375 
# 
_pdbx_initial_refinement_model.accession_code   ? 
_pdbx_initial_refinement_model.id               1 
_pdbx_initial_refinement_model.entity_id_list   ? 
_pdbx_initial_refinement_model.type             'experimental model' 
_pdbx_initial_refinement_model.source_name      Other 
_pdbx_initial_refinement_model.details          'Mog1 native' 
# 
_atom_sites.entry_id                    1JHS 
_atom_sites.fract_transf_matrix[1][1]   -0.01277922 
_atom_sites.fract_transf_matrix[1][2]   0.01914258 
_atom_sites.fract_transf_matrix[1][3]   -0.00916539 
_atom_sites.fract_transf_matrix[2][1]   0.01554006 
_atom_sites.fract_transf_matrix[2][2]   0.00439006 
_atom_sites.fract_transf_matrix[2][3]   -0.01249842 
_atom_sites.fract_transf_matrix[3][1]   -0.00351306 
_atom_sites.fract_transf_matrix[3][2]   -0.00533363 
_atom_sites.fract_transf_matrix[3][3]   -0.00624144 
_atom_sites.fract_transf_vector[1]      0.091334 
_atom_sites.fract_transf_vector[2]      0.249643 
_atom_sites.fract_transf_vector[3]      0.131741 
# 
loop_
_atom_type.symbol 
C 
N 
O 
S 
# 
loop_
_atom_site.group_PDB 
_atom_site.id 
_atom_site.type_symbol 
_atom_site.label_atom_id 
_atom_site.label_alt_id 
_atom_site.label_comp_id 
_atom_site.label_asym_id 
_atom_site.label_entity_id 
_atom_site.label_seq_id 
_atom_site.pdbx_PDB_ins_code 
_atom_site.Cartn_x 
_atom_site.Cartn_y 
_atom_site.Cartn_z 
_atom_site.occupancy 
_atom_site.B_iso_or_equiv 
_atom_site.pdbx_formal_charge 
_atom_site.auth_seq_id 
_atom_site.auth_comp_id 
_atom_site.auth_asym_id 
_atom_site.auth_atom_id 
_atom_site.pdbx_PDB_model_num 
ATOM   1    N N   . MET A 1 1   ? 10.791  -5.742  -12.239 1.00 23.28 ? 31  MET A N   1 
ATOM   2    C CA  . MET A 1 1   ? 11.307  -5.746  -10.840 1.00 23.84 ? 31  MET A CA  1 
ATOM   3    C C   . MET A 1 1   ? 11.839  -7.129  -10.480 1.00 23.91 ? 31  MET A C   1 
ATOM   4    O O   . MET A 1 1   ? 11.752  -8.067  -11.278 1.00 24.07 ? 31  MET A O   1 
ATOM   5    C CB  . MET A 1 1   ? 10.186  -5.335  -9.873  1.00 23.98 ? 31  MET A CB  1 
ATOM   6    C CG  . MET A 1 1   ? 9.570   -3.991  -10.217 1.00 23.98 ? 31  MET A CG  1 
ATOM   7    S SD  . MET A 1 1   ? 8.281   -3.466  -9.051  1.00 23.02 ? 31  MET A SD  1 
ATOM   8    C CE  . MET A 1 1   ? 9.243   -2.384  -7.969  1.00 23.57 ? 31  MET A CE  1 
ATOM   9    N N   . ASN A 1 2   ? 12.405  -7.255  -9.285  1.00 23.81 ? 32  ASN A N   1 
ATOM   10   C CA  . ASN A 1 2   ? 12.951  -8.535  -8.848  1.00 23.60 ? 32  ASN A CA  1 
ATOM   11   C C   . ASN A 1 2   ? 12.498  -8.781  -7.412  1.00 23.12 ? 32  ASN A C   1 
ATOM   12   O O   . ASN A 1 2   ? 13.302  -9.059  -6.527  1.00 22.35 ? 32  ASN A O   1 
ATOM   13   C CB  . ASN A 1 2   ? 14.483  -8.510  -8.965  1.00 24.42 ? 32  ASN A CB  1 
ATOM   14   C CG  . ASN A 1 2   ? 15.121  -9.860  -8.677  1.00 24.95 ? 32  ASN A CG  1 
ATOM   15   O OD1 . ASN A 1 2   ? 14.540  -10.899 -8.944  1.00 24.86 ? 32  ASN A OD1 1 
ATOM   16   N ND2 . ASN A 1 2   ? 16.332  -9.840  -8.136  1.00 25.50 ? 32  ASN A ND2 1 
ATOM   17   N N   . ASN A 1 3   ? 11.188  -8.662  -7.205  1.00 22.75 ? 33  ASN A N   1 
ATOM   18   C CA  . ASN A 1 3   ? 10.575  -8.854  -5.892  1.00 22.63 ? 33  ASN A CA  1 
ATOM   19   C C   . ASN A 1 3   ? 10.694  -10.317 -5.477  1.00 22.85 ? 33  ASN A C   1 
ATOM   20   O O   . ASN A 1 3   ? 10.684  -11.213 -6.329  1.00 22.73 ? 33  ASN A O   1 
ATOM   21   C CB  . ASN A 1 3   ? 9.111   -8.418  -5.959  1.00 22.33 ? 33  ASN A CB  1 
ATOM   22   C CG  . ASN A 1 3   ? 8.967   -6.938  -6.321  1.00 22.35 ? 33  ASN A CG  1 
ATOM   23   O OD1 . ASN A 1 3   ? 8.102   -6.553  -7.118  1.00 21.99 ? 33  ASN A OD1 1 
ATOM   24   N ND2 . ASN A 1 3   ? 9.820   -6.108  -5.740  1.00 21.34 ? 33  ASN A ND2 1 
ATOM   25   N N   . LYS A 1 4   ? 10.819  -10.565 -4.181  1.00 22.75 ? 34  LYS A N   1 
ATOM   26   C CA  . LYS A 1 4   ? 10.958  -11.937 -3.708  1.00 23.23 ? 34  LYS A CA  1 
ATOM   27   C C   . LYS A 1 4   ? 9.825   -12.377 -2.786  1.00 22.47 ? 34  LYS A C   1 
ATOM   28   O O   . LYS A 1 4   ? 9.245   -11.577 -2.066  1.00 21.77 ? 34  LYS A O   1 
ATOM   29   C CB  . LYS A 1 4   ? 12.290  -12.089 -2.999  1.00 24.78 ? 34  LYS A CB  1 
ATOM   30   C CG  . LYS A 1 4   ? 12.452  -11.084 -1.889  1.00 26.79 ? 34  LYS A CG  1 
ATOM   31   C CD  . LYS A 1 4   ? 13.797  -11.217 -1.215  1.00 28.57 ? 34  LYS A CD  1 
ATOM   32   C CE  . LYS A 1 4   ? 13.832  -10.296 -0.029  1.00 28.67 ? 34  LYS A CE  1 
ATOM   33   N NZ  . LYS A 1 4   ? 15.113  -10.446 0.712   1.00 29.78 ? 34  LYS A NZ  1 
ATOM   34   N N   . GLU A 1 5   ? 9.532   -13.668 -2.808  1.00 21.92 ? 35  GLU A N   1 
ATOM   35   C CA  . GLU A 1 5   ? 8.465   -14.217 -1.989  1.00 21.37 ? 35  GLU A CA  1 
ATOM   36   C C   . GLU A 1 5   ? 8.741   -14.111 -0.501  1.00 20.59 ? 35  GLU A C   1 
ATOM   37   O O   . GLU A 1 5   ? 9.869   -14.293 -0.043  1.00 20.27 ? 35  GLU A O   1 
ATOM   38   C CB  . GLU A 1 5   ? 8.211   -15.682 -2.360  1.00 22.52 ? 35  GLU A CB  1 
ATOM   39   C CG  . GLU A 1 5   ? 7.156   -16.346 -1.497  1.00 24.22 ? 35  GLU A CG  1 
ATOM   40   C CD  . GLU A 1 5   ? 6.750   -17.728 -1.987  1.00 25.16 ? 35  GLU A CD  1 
ATOM   41   O OE1 . GLU A 1 5   ? 6.442   -18.575 -1.135  1.00 26.25 ? 35  GLU A OE1 1 
ATOM   42   O OE2 . GLU A 1 5   ? 6.727   -17.967 -3.214  1.00 26.33 ? 35  GLU A OE2 1 
ATOM   43   N N   . VAL A 1 6   ? 7.706   -13.787 0.260   1.00 19.26 ? 36  VAL A N   1 
ATOM   44   C CA  . VAL A 1 6   ? 7.848   -13.698 1.708   1.00 18.53 ? 36  VAL A CA  1 
ATOM   45   C C   . VAL A 1 6   ? 6.671   -14.396 2.330   1.00 18.38 ? 36  VAL A C   1 
ATOM   46   O O   . VAL A 1 6   ? 5.604   -14.499 1.712   1.00 17.88 ? 36  VAL A O   1 
ATOM   47   C CB  . VAL A 1 6   ? 7.842   -12.234 2.250   1.00 18.13 ? 36  VAL A CB  1 
ATOM   48   C CG1 . VAL A 1 6   ? 9.145   -11.530 1.923   1.00 18.24 ? 36  VAL A CG1 1 
ATOM   49   C CG2 . VAL A 1 6   ? 6.658   -11.480 1.693   1.00 17.91 ? 36  VAL A CG2 1 
ATOM   50   N N   . GLU A 1 7   ? 6.871   -14.870 3.553   1.00 18.27 ? 37  GLU A N   1 
ATOM   51   C CA  . GLU A 1 7   ? 5.819   -15.527 4.306   1.00 18.50 ? 37  GLU A CA  1 
ATOM   52   C C   . GLU A 1 7   ? 5.279   -14.546 5.329   1.00 17.93 ? 37  GLU A C   1 
ATOM   53   O O   . GLU A 1 7   ? 6.049   -13.915 6.058   1.00 17.63 ? 37  GLU A O   1 
ATOM   54   C CB  . GLU A 1 7   ? 6.351   -16.746 5.048   1.00 19.72 ? 37  GLU A CB  1 
ATOM   55   C CG  . GLU A 1 7   ? 6.598   -17.933 4.160   1.00 21.21 ? 37  GLU A CG  1 
ATOM   56   C CD  . GLU A 1 7   ? 6.855   -19.195 4.966   1.00 22.39 ? 37  GLU A CD  1 
ATOM   57   O OE1 . GLU A 1 7   ? 6.929   -19.131 6.224   1.00 23.08 ? 37  GLU A OE1 1 
ATOM   58   O OE2 . GLU A 1 7   ? 6.975   -20.254 4.341   1.00 23.15 ? 37  GLU A OE2 1 
ATOM   59   N N   . LEU A 1 8   ? 3.958   -14.410 5.377   1.00 17.35 ? 38  LEU A N   1 
ATOM   60   C CA  . LEU A 1 8   ? 3.345   -13.506 6.330   1.00 16.74 ? 38  LEU A CA  1 
ATOM   61   C C   . LEU A 1 8   ? 2.521   -14.294 7.344   1.00 16.46 ? 38  LEU A C   1 
ATOM   62   O O   . LEU A 1 8   ? 2.100   -15.414 7.076   1.00 16.25 ? 38  LEU A O   1 
ATOM   63   C CB  . LEU A 1 8   ? 2.405   -12.524 5.620   1.00 16.27 ? 38  LEU A CB  1 
ATOM   64   C CG  . LEU A 1 8   ? 2.925   -11.711 4.437   1.00 16.75 ? 38  LEU A CG  1 
ATOM   65   C CD1 . LEU A 1 8   ? 1.860   -10.672 4.089   1.00 16.72 ? 38  LEU A CD1 1 
ATOM   66   C CD2 . LEU A 1 8   ? 4.223   -11.016 4.783   1.00 16.55 ? 38  LEU A CD2 1 
ATOM   67   N N   . TYR A 1 9   ? 2.284   -13.683 8.498   1.00 16.29 ? 39  TYR A N   1 
ATOM   68   C CA  . TYR A 1 9   ? 1.461   -14.304 9.527   1.00 16.43 ? 39  TYR A CA  1 
ATOM   69   C C   . TYR A 1 9   ? 1.845   -15.766 9.817   1.00 17.15 ? 39  TYR A C   1 
ATOM   70   O O   . TYR A 1 9   ? 1.011   -16.687 9.733   1.00 17.04 ? 39  TYR A O   1 
ATOM   71   C CB  . TYR A 1 9   ? -0.011  -14.213 9.104   1.00 15.35 ? 39  TYR A CB  1 
ATOM   72   C CG  . TYR A 1 9   ? -0.451  -12.801 8.762   1.00 13.98 ? 39  TYR A CG  1 
ATOM   73   C CD1 . TYR A 1 9   ? -0.620  -12.397 7.431   1.00 13.64 ? 39  TYR A CD1 1 
ATOM   74   C CD2 . TYR A 1 9   ? -0.654  -11.845 9.766   1.00 13.92 ? 39  TYR A CD2 1 
ATOM   75   C CE1 . TYR A 1 9   ? -0.973  -11.085 7.112   1.00 13.16 ? 39  TYR A CE1 1 
ATOM   76   C CE2 . TYR A 1 9   ? -1.012  -10.538 9.460   1.00 13.60 ? 39  TYR A CE2 1 
ATOM   77   C CZ  . TYR A 1 9   ? -1.172  -10.154 8.126   1.00 13.31 ? 39  TYR A CZ  1 
ATOM   78   O OH  . TYR A 1 9   ? -1.533  -8.847  7.830   1.00 12.56 ? 39  TYR A OH  1 
ATOM   79   N N   . GLY A 1 10  ? 3.109   -15.976 10.156  1.00 17.37 ? 40  GLY A N   1 
ATOM   80   C CA  . GLY A 1 10  ? 3.555   -17.326 10.465  1.00 17.93 ? 40  GLY A CA  1 
ATOM   81   C C   . GLY A 1 10  ? 3.613   -18.288 9.296   1.00 18.14 ? 40  GLY A C   1 
ATOM   82   O O   . GLY A 1 10  ? 3.888   -19.478 9.489   1.00 18.69 ? 40  GLY A O   1 
ATOM   83   N N   . GLY A 1 11  ? 3.359   -17.796 8.085   1.00 17.74 ? 41  GLY A N   1 
ATOM   84   C CA  . GLY A 1 11  ? 3.397   -18.656 6.914   1.00 16.72 ? 41  GLY A CA  1 
ATOM   85   C C   . GLY A 1 11  ? 2.022   -18.966 6.356   1.00 16.19 ? 41  GLY A C   1 
ATOM   86   O O   . GLY A 1 11  ? 1.891   -19.745 5.412   1.00 16.18 ? 41  GLY A O   1 
ATOM   87   N N   . ALA A 1 12  ? 0.992   -18.355 6.926   1.00 15.52 ? 42  ALA A N   1 
ATOM   88   C CA  . ALA A 1 12  ? -0.370  -18.587 6.464   1.00 14.77 ? 42  ALA A CA  1 
ATOM   89   C C   . ALA A 1 12  ? -0.645  -17.870 5.134   1.00 14.20 ? 42  ALA A C   1 
ATOM   90   O O   . ALA A 1 12  ? -1.553  -18.241 4.398   1.00 14.24 ? 42  ALA A O   1 
ATOM   91   C CB  . ALA A 1 12  ? -1.354  -18.103 7.514   1.00 15.11 ? 42  ALA A CB  1 
ATOM   92   N N   . ILE A 1 13  ? 0.141   -16.842 4.839   1.00 13.51 ? 43  ILE A N   1 
ATOM   93   C CA  . ILE A 1 13  ? -0.058  -16.084 3.605   1.00 12.83 ? 43  ILE A CA  1 
ATOM   94   C C   . ILE A 1 13  ? 1.291   -15.793 2.964   1.00 12.97 ? 43  ILE A C   1 
ATOM   95   O O   . ILE A 1 13  ? 2.289   -15.673 3.671   1.00 13.25 ? 43  ILE A O   1 
ATOM   96   C CB  . ILE A 1 13  ? -0.745  -14.729 3.934   1.00 12.50 ? 43  ILE A CB  1 
ATOM   97   C CG1 . ILE A 1 13  ? -2.221  -14.956 4.261   1.00 12.23 ? 43  ILE A CG1 1 
ATOM   98   C CG2 . ILE A 1 13  ? -0.615  -13.745 2.763   1.00 12.37 ? 43  ILE A CG2 1 
ATOM   99   C CD1 . ILE A 1 13  ? -2.882  -13.733 4.834   1.00 12.43 ? 43  ILE A CD1 1 
ATOM   100  N N   . THR A 1 14  ? 1.337   -15.713 1.633   1.00 12.73 ? 44  THR A N   1 
ATOM   101  C CA  . THR A 1 14  ? 2.574   -15.344 0.960   1.00 12.59 ? 44  THR A CA  1 
ATOM   102  C C   . THR A 1 14  ? 2.262   -14.240 -0.053  1.00 12.30 ? 44  THR A C   1 
ATOM   103  O O   . THR A 1 14  ? 1.130   -14.106 -0.529  1.00 12.20 ? 44  THR A O   1 
ATOM   104  C CB  . THR A 1 14  ? 3.262   -16.543 0.201   1.00 12.92 ? 44  THR A CB  1 
ATOM   105  O OG1 . THR A 1 14  ? 2.391   -17.043 -0.825  1.00 13.00 ? 44  THR A OG1 1 
ATOM   106  C CG2 . THR A 1 14  ? 3.597   -17.673 1.177   1.00 13.57 ? 44  THR A CG2 1 
ATOM   107  N N   . THR A 1 15  ? 3.263   -13.409 -0.326  1.00 11.68 ? 45  THR A N   1 
ATOM   108  C CA  . THR A 1 15  ? 3.150   -12.364 -1.334  1.00 11.45 ? 45  THR A CA  1 
ATOM   109  C C   . THR A 1 15  ? 4.607   -12.045 -1.630  1.00 11.26 ? 45  THR A C   1 
ATOM   110  O O   . THR A 1 15  ? 5.487   -12.870 -1.328  1.00 11.24 ? 45  THR A O   1 
ATOM   111  C CB  . THR A 1 15  ? 2.354   -11.118 -0.824  1.00 11.71 ? 45  THR A CB  1 
ATOM   112  O OG1 . THR A 1 15  ? 2.242   -10.159 -1.891  1.00 11.42 ? 45  THR A OG1 1 
ATOM   113  C CG2 . THR A 1 15  ? 3.035   -10.477 0.378   1.00 11.46 ? 45  THR A CG2 1 
ATOM   114  N N   . VAL A 1 16  ? 4.890   -10.893 -2.226  1.00 11.07 ? 46  VAL A N   1 
ATOM   115  C CA  . VAL A 1 16  ? 6.291   -10.567 -2.506  1.00 10.62 ? 46  VAL A CA  1 
ATOM   116  C C   . VAL A 1 16  ? 6.604   -9.167  -2.030  1.00 10.60 ? 46  VAL A C   1 
ATOM   117  O O   . VAL A 1 16  ? 5.691   -8.358  -1.873  1.00 9.95  ? 46  VAL A O   1 
ATOM   118  C CB  . VAL A 1 16  ? 6.591   -10.630 -4.021  1.00 10.68 ? 46  VAL A CB  1 
ATOM   119  C CG1 . VAL A 1 16  ? 6.319   -12.029 -4.549  1.00 10.25 ? 46  VAL A CG1 1 
ATOM   120  C CG2 . VAL A 1 16  ? 5.712   -9.600  -4.783  1.00 10.55 ? 46  VAL A CG2 1 
ATOM   121  N N   . VAL A 1 17  ? 7.890   -8.911  -1.753  1.00 10.83 ? 47  VAL A N   1 
ATOM   122  C CA  . VAL A 1 17  ? 8.362   -7.577  -1.391  1.00 11.81 ? 47  VAL A CA  1 
ATOM   123  C C   . VAL A 1 17  ? 9.724   -7.362  -2.080  1.00 11.52 ? 47  VAL A C   1 
ATOM   124  O O   . VAL A 1 17  ? 10.409  -8.329  -2.469  1.00 12.00 ? 47  VAL A O   1 
ATOM   125  C CB  . VAL A 1 17  ? 8.498   -7.336  0.161   1.00 12.05 ? 47  VAL A CB  1 
ATOM   126  C CG1 . VAL A 1 17  ? 7.169   -7.651  0.868   1.00 11.94 ? 47  VAL A CG1 1 
ATOM   127  C CG2 . VAL A 1 17  ? 9.650   -8.139  0.733   1.00 12.19 ? 47  VAL A CG2 1 
ATOM   128  N N   . PRO A 1 18  ? 10.132  -6.096  -2.267  1.00 11.10 ? 48  PRO A N   1 
ATOM   129  C CA  . PRO A 1 18  ? 11.421  -5.851  -2.927  1.00 11.98 ? 48  PRO A CA  1 
ATOM   130  C C   . PRO A 1 18  ? 12.629  -6.236  -2.096  1.00 11.68 ? 48  PRO A C   1 
ATOM   131  O O   . PRO A 1 18  ? 12.567  -6.288  -0.871  1.00 11.20 ? 48  PRO A O   1 
ATOM   132  C CB  . PRO A 1 18  ? 11.432  -4.333  -3.158  1.00 11.52 ? 48  PRO A CB  1 
ATOM   133  C CG  . PRO A 1 18  ? 9.972   -3.937  -3.113  1.00 11.39 ? 48  PRO A CG  1 
ATOM   134  C CD  . PRO A 1 18  ? 9.441   -4.831  -1.993  1.00 11.40 ? 48  PRO A CD  1 
ATOM   135  N N   . PRO A 1 19  ? 13.762  -6.497  -2.770  1.00 11.36 ? 49  PRO A N   1 
ATOM   136  C CA  . PRO A 1 19  ? 14.956  -6.845  -1.998  1.00 12.09 ? 49  PRO A CA  1 
ATOM   137  C C   . PRO A 1 19  ? 15.378  -5.613  -1.174  1.00 11.96 ? 49  PRO A C   1 
ATOM   138  O O   . PRO A 1 19  ? 15.107  -4.467  -1.553  1.00 11.62 ? 49  PRO A O   1 
ATOM   139  C CB  . PRO A 1 19  ? 15.976  -7.223  -3.077  1.00 11.78 ? 49  PRO A CB  1 
ATOM   140  C CG  . PRO A 1 19  ? 15.471  -6.534  -4.347  1.00 12.08 ? 49  PRO A CG  1 
ATOM   141  C CD  . PRO A 1 19  ? 13.974  -6.687  -4.220  1.00 11.74 ? 49  PRO A CD  1 
ATOM   142  N N   . GLY A 1 20  ? 15.991  -5.851  -0.025  1.00 12.28 ? 50  GLY A N   1 
ATOM   143  C CA  . GLY A 1 20  ? 16.420  -4.740  0.808   1.00 13.04 ? 50  GLY A CA  1 
ATOM   144  C C   . GLY A 1 20  ? 15.352  -4.249  1.769   1.00 13.45 ? 50  GLY A C   1 
ATOM   145  O O   . GLY A 1 20  ? 15.599  -3.306  2.537   1.00 13.40 ? 50  GLY A O   1 
ATOM   146  N N   . PHE A 1 21  ? 14.166  -4.858  1.721   1.00 13.49 ? 51  PHE A N   1 
ATOM   147  C CA  . PHE A 1 21  ? 13.073  -4.470  2.613   1.00 14.07 ? 51  PHE A CA  1 
ATOM   148  C C   . PHE A 1 21  ? 13.078  -5.455  3.775   1.00 15.04 ? 51  PHE A C   1 
ATOM   149  O O   . PHE A 1 21  ? 13.100  -6.665  3.561   1.00 15.75 ? 51  PHE A O   1 
ATOM   150  C CB  . PHE A 1 21  ? 11.718  -4.526  1.895   1.00 13.12 ? 51  PHE A CB  1 
ATOM   151  C CG  . PHE A 1 21  ? 11.386  -3.280  1.127   1.00 12.51 ? 51  PHE A CG  1 
ATOM   152  C CD1 . PHE A 1 21  ? 12.168  -2.879  0.047   1.00 12.01 ? 51  PHE A CD1 1 
ATOM   153  C CD2 . PHE A 1 21  ? 10.271  -2.500  1.477   1.00 12.24 ? 51  PHE A CD2 1 
ATOM   154  C CE1 . PHE A 1 21  ? 11.853  -1.724  -0.678  1.00 11.48 ? 51  PHE A CE1 1 
ATOM   155  C CE2 . PHE A 1 21  ? 9.953   -1.348  0.757   1.00 11.84 ? 51  PHE A CE2 1 
ATOM   156  C CZ  . PHE A 1 21  ? 10.754  -0.959  -0.328  1.00 11.61 ? 51  PHE A CZ  1 
ATOM   157  N N   . ILE A 1 22  ? 13.070  -4.937  4.996   1.00 15.50 ? 52  ILE A N   1 
ATOM   158  C CA  . ILE A 1 22  ? 13.107  -5.787  6.166   1.00 15.95 ? 52  ILE A CA  1 
ATOM   159  C C   . ILE A 1 22  ? 11.740  -5.906  6.826   1.00 15.64 ? 52  ILE A C   1 
ATOM   160  O O   . ILE A 1 22  ? 10.928  -4.977  6.786   1.00 14.91 ? 52  ILE A O   1 
ATOM   161  C CB  . ILE A 1 22  ? 14.116  -5.240  7.205   1.00 16.85 ? 52  ILE A CB  1 
ATOM   162  C CG1 . ILE A 1 22  ? 14.078  -6.081  8.481   1.00 18.03 ? 52  ILE A CG1 1 
ATOM   163  C CG2 . ILE A 1 22  ? 13.776  -3.819  7.546   1.00 17.82 ? 52  ILE A CG2 1 
ATOM   164  C CD1 . ILE A 1 22  ? 15.123  -5.656  9.501   1.00 20.05 ? 52  ILE A CD1 1 
ATOM   165  N N   . ASP A 1 23  ? 11.504  -7.077  7.412   1.00 15.27 ? 53  ASP A N   1 
ATOM   166  C CA  . ASP A 1 23  ? 10.277  -7.374  8.130   1.00 15.36 ? 53  ASP A CA  1 
ATOM   167  C C   . ASP A 1 23  ? 10.460  -6.679  9.479   1.00 15.10 ? 53  ASP A C   1 
ATOM   168  O O   . ASP A 1 23  ? 11.316  -7.090  10.274  1.00 14.83 ? 53  ASP A O   1 
ATOM   169  C CB  . ASP A 1 23  ? 10.154  -8.892  8.314   1.00 15.74 ? 53  ASP A CB  1 
ATOM   170  C CG  . ASP A 1 23  ? 8.953   -9.291  9.128   1.00 16.14 ? 53  ASP A CG  1 
ATOM   171  O OD1 . ASP A 1 23  ? 8.363   -8.434  9.832   1.00 17.00 ? 53  ASP A OD1 1 
ATOM   172  O OD2 . ASP A 1 23  ? 8.614   -10.496 9.075   1.00 17.34 ? 53  ASP A OD2 1 
ATOM   173  N N   . ALA A 1 24  ? 9.676   -5.628  9.734   1.00 14.38 ? 54  ALA A N   1 
ATOM   174  C CA  . ALA A 1 24  ? 9.825   -4.896  10.979  1.00 14.61 ? 54  ALA A CA  1 
ATOM   175  C C   . ALA A 1 24  ? 9.581   -5.741  12.221  1.00 14.90 ? 54  ALA A C   1 
ATOM   176  O O   . ALA A 1 24  ? 10.107  -5.421  13.286  1.00 15.01 ? 54  ALA A O   1 
ATOM   177  C CB  . ALA A 1 24  ? 8.912   -3.654  10.991  1.00 14.31 ? 54  ALA A CB  1 
ATOM   178  N N   . SER A 1 25  ? 8.783   -6.806  12.107  1.00 15.47 ? 55  SER A N   1 
ATOM   179  C CA  . SER A 1 25  ? 8.525   -7.625  13.294  1.00 16.46 ? 55  SER A CA  1 
ATOM   180  C C   . SER A 1 25  ? 9.753   -8.423  13.730  1.00 17.16 ? 55  SER A C   1 
ATOM   181  O O   . SER A 1 25  ? 9.733   -9.060  14.782  1.00 17.67 ? 55  SER A O   1 
ATOM   182  C CB  . SER A 1 25  ? 7.295   -8.549  13.108  1.00 15.71 ? 55  SER A CB  1 
ATOM   183  O OG  . SER A 1 25  ? 7.498   -9.540  12.110  1.00 16.25 ? 55  SER A OG  1 
ATOM   184  N N   . THR A 1 26  ? 10.834  -8.382  12.958  1.00 18.18 ? 56  THR A N   1 
ATOM   185  C CA  . THR A 1 26  ? 12.038  -9.089  13.380  1.00 19.12 ? 56  THR A CA  1 
ATOM   186  C C   . THR A 1 26  ? 12.794  -8.204  14.366  1.00 19.83 ? 56  THR A C   1 
ATOM   187  O O   . THR A 1 26  ? 13.768  -8.633  14.971  1.00 19.85 ? 56  THR A O   1 
ATOM   188  C CB  . THR A 1 26  ? 12.982  -9.425  12.209  1.00 19.09 ? 56  THR A CB  1 
ATOM   189  O OG1 . THR A 1 26  ? 13.399  -8.222  11.534  1.00 18.66 ? 56  THR A OG1 1 
ATOM   190  C CG2 . THR A 1 26  ? 12.278  -10.366 11.245  1.00 19.23 ? 56  THR A CG2 1 
ATOM   191  N N   . LEU A 1 27  ? 12.328  -6.973  14.539  1.00 20.04 ? 57  LEU A N   1 
ATOM   192  C CA  . LEU A 1 27  ? 12.998  -6.034  15.431  1.00 20.69 ? 57  LEU A CA  1 
ATOM   193  C C   . LEU A 1 27  ? 12.050  -5.395  16.434  1.00 21.21 ? 57  LEU A C   1 
ATOM   194  O O   . LEU A 1 27  ? 12.483  -4.902  17.464  1.00 21.22 ? 57  LEU A O   1 
ATOM   195  C CB  . LEU A 1 27  ? 13.652  -4.923  14.610  1.00 21.17 ? 57  LEU A CB  1 
ATOM   196  C CG  . LEU A 1 27  ? 14.677  -5.381  13.566  1.00 21.53 ? 57  LEU A CG  1 
ATOM   197  C CD1 . LEU A 1 27  ? 14.983  -4.250  12.590  1.00 21.82 ? 57  LEU A CD1 1 
ATOM   198  C CD2 . LEU A 1 27  ? 15.948  -5.851  14.275  1.00 21.72 ? 57  LEU A CD2 1 
ATOM   199  N N   . ARG A 1 28  ? 10.761  -5.381  16.112  1.00 21.49 ? 58  ARG A N   1 
ATOM   200  C CA  . ARG A 1 28  ? 9.778   -4.763  16.984  1.00 22.21 ? 58  ARG A CA  1 
ATOM   201  C C   . ARG A 1 28  ? 8.420   -5.412  16.845  1.00 21.86 ? 58  ARG A C   1 
ATOM   202  O O   . ARG A 1 28  ? 8.105   -5.979  15.813  1.00 21.50 ? 58  ARG A O   1 
ATOM   203  C CB  . ARG A 1 28  ? 9.716   -3.267  16.672  1.00 23.02 ? 58  ARG A CB  1 
ATOM   204  C CG  . ARG A 1 28  ? 10.869  -2.500  17.348  1.00 24.83 ? 58  ARG A CG  1 
ATOM   205  C CD  . ARG A 1 28  ? 11.152  -1.202  16.683  1.00 26.09 ? 58  ARG A CD  1 
ATOM   206  N NE  . ARG A 1 28  ? 12.330  -0.509  17.199  1.00 27.39 ? 58  ARG A NE  1 
ATOM   207  C CZ  . ARG A 1 28  ? 13.523  -1.069  17.429  1.00 28.23 ? 58  ARG A CZ  1 
ATOM   208  N NH1 . ARG A 1 28  ? 13.735  -2.364  17.212  1.00 28.44 ? 58  ARG A NH1 1 
ATOM   209  N NH2 . ARG A 1 28  ? 14.532  -0.305  17.843  1.00 28.67 ? 58  ARG A NH2 1 
ATOM   210  N N   . GLU A 1 29  ? 7.625   -5.371  17.904  1.00 21.82 ? 59  GLU A N   1 
ATOM   211  C CA  . GLU A 1 29  ? 6.292   -5.953  17.833  1.00 22.03 ? 59  GLU A CA  1 
ATOM   212  C C   . GLU A 1 29  ? 5.410   -5.054  16.952  1.00 21.63 ? 59  GLU A C   1 
ATOM   213  O O   . GLU A 1 29  ? 5.471   -3.833  17.050  1.00 20.98 ? 59  GLU A O   1 
ATOM   214  C CB  . GLU A 1 29  ? 5.665   -6.051  19.229  1.00 22.93 ? 59  GLU A CB  1 
ATOM   215  C CG  . GLU A 1 29  ? 6.385   -7.019  20.162  1.00 23.97 ? 59  GLU A CG  1 
ATOM   216  C CD  . GLU A 1 29  ? 5.692   -7.140  21.513  1.00 25.23 ? 59  GLU A CD  1 
ATOM   217  O OE1 . GLU A 1 29  ? 4.792   -6.319  21.795  1.00 25.74 ? 59  GLU A OE1 1 
ATOM   218  O OE2 . GLU A 1 29  ? 6.051   -8.048  22.300  1.00 26.11 ? 59  GLU A OE2 1 
ATOM   219  N N   . VAL A 1 30  ? 4.596   -5.668  16.094  1.00 21.32 ? 60  VAL A N   1 
ATOM   220  C CA  . VAL A 1 30  ? 3.687   -4.912  15.229  1.00 21.47 ? 60  VAL A CA  1 
ATOM   221  C C   . VAL A 1 30  ? 2.281   -5.426  15.552  1.00 21.42 ? 60  VAL A C   1 
ATOM   222  O O   . VAL A 1 30  ? 2.144   -6.521  16.095  1.00 21.66 ? 60  VAL A O   1 
ATOM   223  C CB  . VAL A 1 30  ? 3.991   -5.154  13.733  1.00 21.61 ? 60  VAL A CB  1 
ATOM   224  C CG1 . VAL A 1 30  ? 5.438   -4.757  13.423  1.00 21.00 ? 60  VAL A CG1 1 
ATOM   225  C CG2 . VAL A 1 30  ? 3.756   -6.609  13.379  1.00 21.02 ? 60  VAL A CG2 1 
ATOM   226  N N   . PRO A 1 31  ? 1.233   -4.652  15.229  1.00 21.34 ? 61  PRO A N   1 
ATOM   227  C CA  . PRO A 1 31  ? -0.142  -5.074  15.508  1.00 21.36 ? 61  PRO A CA  1 
ATOM   228  C C   . PRO A 1 31  ? -0.403  -6.481  15.000  1.00 20.71 ? 61  PRO A C   1 
ATOM   229  O O   . PRO A 1 31  ? 0.112   -6.883  13.955  1.00 20.36 ? 61  PRO A O   1 
ATOM   230  C CB  . PRO A 1 31  ? -0.979  -4.026  14.787  1.00 21.25 ? 61  PRO A CB  1 
ATOM   231  C CG  . PRO A 1 31  ? -0.142  -2.806  14.899  1.00 21.65 ? 61  PRO A CG  1 
ATOM   232  C CD  . PRO A 1 31  ? 1.247   -3.330  14.584  1.00 21.48 ? 61  PRO A CD  1 
ATOM   233  N N   . ASP A 1 32  ? -1.210  -7.221  15.750  1.00 20.55 ? 62  ASP A N   1 
ATOM   234  C CA  . ASP A 1 32  ? -1.547  -8.604  15.425  1.00 20.26 ? 62  ASP A CA  1 
ATOM   235  C C   . ASP A 1 32  ? -2.124  -8.830  14.013  1.00 19.04 ? 62  ASP A C   1 
ATOM   236  O O   . ASP A 1 32  ? -1.861  -9.855  13.386  1.00 18.67 ? 62  ASP A O   1 
ATOM   237  C CB  . ASP A 1 32  ? -2.538  -9.124  16.471  1.00 22.22 ? 62  ASP A CB  1 
ATOM   238  C CG  . ASP A 1 32  ? -1.994  -9.014  17.882  1.00 24.32 ? 62  ASP A CG  1 
ATOM   239  O OD1 . ASP A 1 32  ? -0.835  -9.451  18.113  1.00 25.64 ? 62  ASP A OD1 1 
ATOM   240  O OD2 . ASP A 1 32  ? -2.709  -8.497  18.772  1.00 25.48 ? 62  ASP A OD2 1 
ATOM   241  N N   . THR A 1 33  ? -2.901  -7.875  13.514  1.00 17.37 ? 63  THR A N   1 
ATOM   242  C CA  . THR A 1 33  ? -3.502  -8.027  12.186  1.00 16.37 ? 63  THR A CA  1 
ATOM   243  C C   . THR A 1 33  ? -2.580  -7.564  11.052  1.00 15.25 ? 63  THR A C   1 
ATOM   244  O O   . THR A 1 33  ? -2.945  -7.656  9.875   1.00 14.49 ? 63  THR A O   1 
ATOM   245  C CB  . THR A 1 33  ? -4.806  -7.204  12.093  1.00 16.26 ? 63  THR A CB  1 
ATOM   246  O OG1 . THR A 1 33  ? -4.513  -5.832  12.398  1.00 16.91 ? 63  THR A OG1 1 
ATOM   247  C CG2 . THR A 1 33  ? -5.860  -7.733  13.089  1.00 16.33 ? 63  THR A CG2 1 
ATOM   248  N N   . GLN A 1 34  ? -1.380  -7.104  11.402  1.00 14.31 ? 64  GLN A N   1 
ATOM   249  C CA  . GLN A 1 34  ? -0.461  -6.556  10.388  1.00 13.87 ? 64  GLN A CA  1 
ATOM   250  C C   . GLN A 1 34  ? 0.857   -7.229  10.096  1.00 13.05 ? 64  GLN A C   1 
ATOM   251  O O   . GLN A 1 34  ? 1.435   -7.926  10.947  1.00 12.08 ? 64  GLN A O   1 
ATOM   252  C CB  . GLN A 1 34  ? -0.102  -5.103  10.743  1.00 14.47 ? 64  GLN A CB  1 
ATOM   253  C CG  . GLN A 1 34  ? -1.256  -4.125  10.755  1.00 15.94 ? 64  GLN A CG  1 
ATOM   254  C CD  . GLN A 1 34  ? -0.817  -2.695  11.067  1.00 16.43 ? 64  GLN A CD  1 
ATOM   255  O OE1 . GLN A 1 34  ? 0.334   -2.448  11.448  1.00 16.57 ? 64  GLN A OE1 1 
ATOM   256  N NE2 . GLN A 1 34  ? -1.739  -1.750  10.911  1.00 16.68 ? 64  GLN A NE2 1 
ATOM   257  N N   . ALA A 1 35  ? 1.326   -7.000  8.865   1.00 12.38 ? 65  ALA A N   1 
ATOM   258  C CA  . ALA A 1 35  ? 2.646   -7.425  8.429   1.00 11.81 ? 65  ALA A CA  1 
ATOM   259  C C   . ALA A 1 35  ? 3.251   -6.059  7.993   1.00 11.52 ? 65  ALA A C   1 
ATOM   260  O O   . ALA A 1 35  ? 2.592   -5.286  7.296   1.00 11.66 ? 65  ALA A O   1 
ATOM   261  C CB  . ALA A 1 35  ? 2.549   -8.403  7.249   1.00 12.32 ? 65  ALA A CB  1 
ATOM   262  N N   . VAL A 1 36  ? 4.459   -5.739  8.449   1.00 10.80 ? 66  VAL A N   1 
ATOM   263  C CA  . VAL A 1 36  ? 5.087   -4.440  8.149   1.00 10.46 ? 66  VAL A CA  1 
ATOM   264  C C   . VAL A 1 36  ? 6.496   -4.619  7.606   1.00 10.07 ? 66  VAL A C   1 
ATOM   265  O O   . VAL A 1 36  ? 7.324   -5.281  8.244   1.00 9.82  ? 66  VAL A O   1 
ATOM   266  C CB  . VAL A 1 36  ? 5.190   -3.576  9.442   1.00 10.38 ? 66  VAL A CB  1 
ATOM   267  C CG1 . VAL A 1 36  ? 5.841   -2.222  9.143   1.00 10.30 ? 66  VAL A CG1 1 
ATOM   268  C CG2 . VAL A 1 36  ? 3.771   -3.400  10.062  1.00 10.27 ? 66  VAL A CG2 1 
ATOM   269  N N   . TYR A 1 37  ? 6.768   -4.028  6.441   1.00 9.51  ? 67  TYR A N   1 
ATOM   270  C CA  . TYR A 1 37  ? 8.111   -4.093  5.845   1.00 10.14 ? 67  TYR A CA  1 
ATOM   271  C C   . TYR A 1 37  ? 8.604   -2.672  5.600   1.00 9.86  ? 67  TYR A C   1 
ATOM   272  O O   . TYR A 1 37  ? 7.811   -1.809  5.183   1.00 9.30  ? 67  TYR A O   1 
ATOM   273  C CB  . TYR A 1 37  ? 8.078   -4.833  4.502   1.00 10.85 ? 67  TYR A CB  1 
ATOM   274  C CG  . TYR A 1 37  ? 7.946   -6.317  4.667   1.00 11.79 ? 67  TYR A CG  1 
ATOM   275  C CD1 . TYR A 1 37  ? 6.716   -6.892  4.976   1.00 12.33 ? 67  TYR A CD1 1 
ATOM   276  C CD2 . TYR A 1 37  ? 9.077   -7.142  4.625   1.00 12.35 ? 67  TYR A CD2 1 
ATOM   277  C CE1 . TYR A 1 37  ? 6.609   -8.256  5.256   1.00 13.20 ? 67  TYR A CE1 1 
ATOM   278  C CE2 . TYR A 1 37  ? 8.984   -8.514  4.906   1.00 13.15 ? 67  TYR A CE2 1 
ATOM   279  C CZ  . TYR A 1 37  ? 7.740   -9.051  5.223   1.00 13.48 ? 67  TYR A CZ  1 
ATOM   280  O OH  . TYR A 1 37  ? 7.618   -10.391 5.522   1.00 14.85 ? 67  TYR A OH  1 
ATOM   281  N N   . VAL A 1 38  ? 9.878   -2.406  5.873   1.00 9.84  ? 68  VAL A N   1 
ATOM   282  C CA  . VAL A 1 38  ? 10.410  -1.056  5.595   1.00 9.94  ? 68  VAL A CA  1 
ATOM   283  C C   . VAL A 1 38  ? 11.661  -1.149  4.727   1.00 9.98  ? 68  VAL A C   1 
ATOM   284  O O   . VAL A 1 38  ? 12.445  -2.119  4.819   1.00 9.27  ? 68  VAL A O   1 
ATOM   285  C CB  . VAL A 1 38  ? 10.798  -0.245  6.871   1.00 10.13 ? 68  VAL A CB  1 
ATOM   286  C CG1 . VAL A 1 38  ? 9.551   0.101   7.692   1.00 10.07 ? 68  VAL A CG1 1 
ATOM   287  C CG2 . VAL A 1 38  ? 11.835  -1.020  7.695   1.00 10.22 ? 68  VAL A CG2 1 
ATOM   288  N N   . ASN A 1 39  ? 11.828  -0.153  3.861   1.00 10.32 ? 69  ASN A N   1 
ATOM   289  C CA  . ASN A 1 39  ? 12.970  -0.132  2.956   1.00 11.29 ? 69  ASN A CA  1 
ATOM   290  C C   . ASN A 1 39  ? 14.218  0.127   3.815   1.00 12.17 ? 69  ASN A C   1 
ATOM   291  O O   . ASN A 1 39  ? 14.337  1.202   4.417   1.00 12.28 ? 69  ASN A O   1 
ATOM   292  C CB  . ASN A 1 39  ? 12.798  1.012   1.938   1.00 10.56 ? 69  ASN A CB  1 
ATOM   293  C CG  . ASN A 1 39  ? 13.863  0.990   0.851   1.00 10.77 ? 69  ASN A CG  1 
ATOM   294  O OD1 . ASN A 1 39  ? 15.007  0.583   1.095   1.00 9.56  ? 69  ASN A OD1 1 
ATOM   295  N ND2 . ASN A 1 39  ? 13.499  1.442   -0.347  1.00 10.37 ? 69  ASN A ND2 1 
ATOM   296  N N   . SER A 1 40  ? 15.129  -0.849  3.878   1.00 13.61 ? 70  SER A N   1 
ATOM   297  C CA  . SER A 1 40  ? 16.364  -0.678  4.657   1.00 15.28 ? 70  SER A CA  1 
ATOM   298  C C   . SER A 1 40  ? 17.608  -0.593  3.759   1.00 16.20 ? 70  SER A C   1 
ATOM   299  O O   . SER A 1 40  ? 18.725  -0.810  4.225   1.00 15.59 ? 70  SER A O   1 
ATOM   300  C CB  . SER A 1 40  ? 16.537  -1.830  5.646   1.00 15.69 ? 70  SER A CB  1 
ATOM   301  O OG  . SER A 1 40  ? 16.688  -3.042  4.930   1.00 17.21 ? 70  SER A OG  1 
ATOM   302  N N   . ARG A 1 41  ? 17.414  -0.263  2.481   1.00 16.86 ? 71  ARG A N   1 
ATOM   303  C CA  . ARG A 1 41  ? 18.531  -0.141  1.542   1.00 18.64 ? 71  ARG A CA  1 
ATOM   304  C C   . ARG A 1 41  ? 19.442  1.036   1.883   1.00 20.28 ? 71  ARG A C   1 
ATOM   305  O O   . ARG A 1 41  ? 18.986  2.064   2.383   1.00 19.93 ? 71  ARG A O   1 
ATOM   306  C CB  . ARG A 1 41  ? 18.015  0.078   0.120   1.00 17.72 ? 71  ARG A CB  1 
ATOM   307  C CG  . ARG A 1 41  ? 17.124  -1.029  -0.414  1.00 16.79 ? 71  ARG A CG  1 
ATOM   308  C CD  . ARG A 1 41  ? 16.578  -0.677  -1.810  1.00 15.60 ? 71  ARG A CD  1 
ATOM   309  N NE  . ARG A 1 41  ? 15.800  -1.778  -2.372  1.00 14.32 ? 71  ARG A NE  1 
ATOM   310  C CZ  . ARG A 1 41  ? 15.192  -1.751  -3.553  1.00 13.94 ? 71  ARG A CZ  1 
ATOM   311  N NH1 . ARG A 1 41  ? 15.263  -0.670  -4.314  1.00 13.46 ? 71  ARG A NH1 1 
ATOM   312  N NH2 . ARG A 1 41  ? 14.528  -2.815  -3.982  1.00 13.02 ? 71  ARG A NH2 1 
ATOM   313  N N   . ARG A 1 42  ? 20.727  0.886   1.592   1.00 22.55 ? 72  ARG A N   1 
ATOM   314  C CA  . ARG A 1 42  ? 21.680  1.969   1.814   1.00 25.39 ? 72  ARG A CA  1 
ATOM   315  C C   . ARG A 1 42  ? 21.589  2.894   0.593   1.00 26.75 ? 72  ARG A C   1 
ATOM   316  O O   . ARG A 1 42  ? 21.208  2.460   -0.501  1.00 26.45 ? 72  ARG A O   1 
ATOM   317  C CB  . ARG A 1 42  ? 23.102  1.409   1.968   1.00 26.24 ? 72  ARG A CB  1 
ATOM   318  C CG  . ARG A 1 42  ? 23.286  0.553   3.218   1.00 28.00 ? 72  ARG A CG  1 
ATOM   319  C CD  . ARG A 1 42  ? 24.761  0.156   3.448   1.00 29.39 ? 72  ARG A CD  1 
ATOM   320  N NE  . ARG A 1 42  ? 25.292  -0.649  2.353   1.00 30.47 ? 72  ARG A NE  1 
ATOM   321  C CZ  . ARG A 1 42  ? 24.963  -1.914  2.124   1.00 31.06 ? 72  ARG A CZ  1 
ATOM   322  N NH1 . ARG A 1 42  ? 24.101  -2.534  2.924   1.00 31.48 ? 72  ARG A NH1 1 
ATOM   323  N NH2 . ARG A 1 42  ? 25.479  -2.549  1.082   1.00 31.79 ? 72  ARG A NH2 1 
ATOM   324  N N   . ASP A 1 43  ? 21.932  4.164   0.764   1.00 28.85 ? 73  ASP A N   1 
ATOM   325  C CA  . ASP A 1 43  ? 21.839  5.092   -0.356  1.00 31.31 ? 73  ASP A CA  1 
ATOM   326  C C   . ASP A 1 43  ? 22.687  4.658   -1.557  1.00 32.93 ? 73  ASP A C   1 
ATOM   327  O O   . ASP A 1 43  ? 22.291  4.869   -2.699  1.00 33.02 ? 73  ASP A O   1 
ATOM   328  C CB  . ASP A 1 43  ? 22.255  6.512   0.062   1.00 31.63 ? 73  ASP A CB  1 
ATOM   329  C CG  . ASP A 1 43  ? 21.396  7.078   1.181   1.00 32.09 ? 73  ASP A CG  1 
ATOM   330  O OD1 . ASP A 1 43  ? 20.225  6.658   1.323   1.00 31.75 ? 73  ASP A OD1 1 
ATOM   331  O OD2 . ASP A 1 43  ? 21.897  7.966   1.913   1.00 32.39 ? 73  ASP A OD2 1 
ATOM   332  N N   . GLU A 1 44  ? 23.834  4.037   -1.292  1.00 34.89 ? 74  GLU A N   1 
ATOM   333  C CA  . GLU A 1 44  ? 24.747  3.596   -2.350  1.00 37.00 ? 74  GLU A CA  1 
ATOM   334  C C   . GLU A 1 44  ? 24.194  2.484   -3.225  1.00 37.69 ? 74  GLU A C   1 
ATOM   335  O O   . GLU A 1 44  ? 24.316  2.537   -4.452  1.00 38.00 ? 74  GLU A O   1 
ATOM   336  C CB  . GLU A 1 44  ? 26.072  3.083   -1.767  1.00 38.08 ? 74  GLU A CB  1 
ATOM   337  C CG  . GLU A 1 44  ? 26.600  3.816   -0.557  1.00 39.75 ? 74  GLU A CG  1 
ATOM   338  C CD  . GLU A 1 44  ? 25.881  3.416   0.708   1.00 40.47 ? 74  GLU A CD  1 
ATOM   339  O OE1 . GLU A 1 44  ? 24.866  4.062   1.035   1.00 41.30 ? 74  GLU A OE1 1 
ATOM   340  O OE2 . GLU A 1 44  ? 26.323  2.447   1.367   1.00 41.43 ? 74  GLU A OE2 1 
ATOM   341  N N   . GLU A 1 45  ? 23.620  1.468   -2.584  1.00 38.34 ? 75  GLU A N   1 
ATOM   342  C CA  . GLU A 1 45  ? 23.062  0.312   -3.279  1.00 39.00 ? 75  GLU A CA  1 
ATOM   343  C C   . GLU A 1 45  ? 22.252  0.654   -4.514  1.00 39.01 ? 75  GLU A C   1 
ATOM   344  O O   . GLU A 1 45  ? 21.409  1.548   -4.500  1.00 38.84 ? 75  GLU A O   1 
ATOM   345  C CB  . GLU A 1 45  ? 22.203  -0.511  -2.323  1.00 39.61 ? 75  GLU A CB  1 
ATOM   346  C CG  . GLU A 1 45  ? 23.004  -1.245  -1.264  1.00 40.54 ? 75  GLU A CG  1 
ATOM   347  C CD  . GLU A 1 45  ? 22.123  -1.953  -0.257  1.00 41.27 ? 75  GLU A CD  1 
ATOM   348  O OE1 . GLU A 1 45  ? 21.369  -1.276  0.468   1.00 41.49 ? 75  GLU A OE1 1 
ATOM   349  O OE2 . GLU A 1 45  ? 22.186  -3.196  -0.195  1.00 41.97 ? 75  GLU A OE2 1 
ATOM   350  N N   . GLU A 1 46  ? 22.514  -0.068  -5.593  1.00 39.16 ? 76  GLU A N   1 
ATOM   351  C CA  . GLU A 1 46  ? 21.797  0.174   -6.825  1.00 39.16 ? 76  GLU A CA  1 
ATOM   352  C C   . GLU A 1 46  ? 20.942  -0.998  -7.248  1.00 38.61 ? 76  GLU A C   1 
ATOM   353  O O   . GLU A 1 46  ? 21.427  -2.087  -7.542  1.00 38.61 ? 76  GLU A O   1 
ATOM   354  C CB  . GLU A 1 46  ? 22.759  0.573   -7.951  1.00 40.23 ? 76  GLU A CB  1 
ATOM   355  C CG  . GLU A 1 46  ? 23.209  2.031   -7.847  1.00 41.47 ? 76  GLU A CG  1 
ATOM   356  C CD  . GLU A 1 46  ? 23.872  2.551   -9.112  1.00 42.45 ? 76  GLU A CD  1 
ATOM   357  O OE1 . GLU A 1 46  ? 23.418  2.179   -10.215 1.00 42.79 ? 76  GLU A OE1 1 
ATOM   358  O OE2 . GLU A 1 46  ? 24.833  3.354   -9.002  1.00 42.83 ? 76  GLU A OE2 1 
ATOM   359  N N   . PHE A 1 47  ? 19.640  -0.761  -7.228  1.00 37.80 ? 77  PHE A N   1 
ATOM   360  C CA  . PHE A 1 47  ? 18.680  -1.758  -7.640  1.00 37.04 ? 77  PHE A CA  1 
ATOM   361  C C   . PHE A 1 47  ? 18.026  -1.131  -8.859  1.00 36.10 ? 77  PHE A C   1 
ATOM   362  O O   . PHE A 1 47  ? 17.875  0.093   -8.935  1.00 36.02 ? 77  PHE A O   1 
ATOM   363  C CB  . PHE A 1 47  ? 17.657  -2.019  -6.537  1.00 37.60 ? 77  PHE A CB  1 
ATOM   364  C CG  . PHE A 1 47  ? 18.259  -2.549  -5.264  1.00 38.14 ? 77  PHE A CG  1 
ATOM   365  C CD1 . PHE A 1 47  ? 18.863  -1.691  -4.352  1.00 38.49 ? 77  PHE A CD1 1 
ATOM   366  C CD2 . PHE A 1 47  ? 18.210  -3.908  -4.968  1.00 38.47 ? 77  PHE A CD2 1 
ATOM   367  C CE1 . PHE A 1 47  ? 19.402  -2.179  -3.160  1.00 38.76 ? 77  PHE A CE1 1 
ATOM   368  C CE2 . PHE A 1 47  ? 18.746  -4.403  -3.783  1.00 38.77 ? 77  PHE A CE2 1 
ATOM   369  C CZ  . PHE A 1 47  ? 19.343  -3.532  -2.875  1.00 38.83 ? 77  PHE A CZ  1 
ATOM   370  N N   . GLU A 1 48  ? 17.659  -1.961  -9.818  1.00 34.81 ? 78  GLU A N   1 
ATOM   371  C CA  . GLU A 1 48  ? 17.046  -1.460  -11.040 1.00 33.74 ? 78  GLU A CA  1 
ATOM   372  C C   . GLU A 1 48  ? 15.536  -1.287  -10.874 1.00 32.28 ? 78  GLU A C   1 
ATOM   373  O O   . GLU A 1 48  ? 14.801  -1.115  -11.852 1.00 32.38 ? 78  GLU A O   1 
ATOM   374  C CB  . GLU A 1 48  ? 17.378  -2.433  -12.168 1.00 34.71 ? 78  GLU A CB  1 
ATOM   375  C CG  . GLU A 1 48  ? 18.847  -2.826  -12.156 1.00 36.05 ? 78  GLU A CG  1 
ATOM   376  C CD  . GLU A 1 48  ? 19.765  -1.616  -12.027 1.00 36.90 ? 78  GLU A CD  1 
ATOM   377  O OE1 . GLU A 1 48  ? 19.810  -0.789  -12.971 1.00 37.59 ? 78  GLU A OE1 1 
ATOM   378  O OE2 . GLU A 1 48  ? 20.437  -1.482  -10.975 1.00 37.63 ? 78  GLU A OE2 1 
ATOM   379  N N   . ASP A 1 49  ? 15.123  -1.314  -9.609  1.00 30.36 ? 79  ASP A N   1 
ATOM   380  C CA  . ASP A 1 49  ? 13.747  -1.206  -9.112  1.00 28.44 ? 79  ASP A CA  1 
ATOM   381  C C   . ASP A 1 49  ? 12.953  0.061   -9.373  1.00 26.53 ? 79  ASP A C   1 
ATOM   382  O O   . ASP A 1 49  ? 11.743  0.015   -9.586  1.00 26.32 ? 79  ASP A O   1 
ATOM   383  C CB  . ASP A 1 49  ? 13.738  -1.383  -7.573  1.00 29.16 ? 79  ASP A CB  1 
ATOM   384  C CG  . ASP A 1 49  ? 13.694  -2.809  -7.172  1.00 29.94 ? 79  ASP A CG  1 
ATOM   385  O OD1 . ASP A 1 49  ? 13.289  -3.097  -6.037  1.00 30.06 ? 79  ASP A OD1 1 
ATOM   386  O OD2 . ASP A 1 49  ? 14.062  -3.659  -8.023  1.00 31.43 ? 79  ASP A OD2 1 
ATOM   387  N N   . GLY A 1 50  ? 13.629  1.195   -9.270  1.00 24.53 ? 80  GLY A N   1 
ATOM   388  C CA  . GLY A 1 50  ? 12.953  2.462   -9.420  1.00 21.96 ? 80  GLY A CA  1 
ATOM   389  C C   . GLY A 1 50  ? 12.571  2.985   -8.037  1.00 20.25 ? 80  GLY A C   1 
ATOM   390  O O   . GLY A 1 50  ? 12.048  4.085   -7.920  1.00 19.84 ? 80  GLY A O   1 
ATOM   391  N N   . LEU A 1 51  ? 12.826  2.195   -6.994  1.00 18.67 ? 81  LEU A N   1 
ATOM   392  C CA  . LEU A 1 51  ? 12.502  2.603   -5.620  1.00 17.27 ? 81  LEU A CA  1 
ATOM   393  C C   . LEU A 1 51  ? 13.661  3.394   -5.007  1.00 16.34 ? 81  LEU A C   1 
ATOM   394  O O   . LEU A 1 51  ? 14.784  3.338   -5.501  1.00 16.46 ? 81  LEU A O   1 
ATOM   395  C CB  . LEU A 1 51  ? 12.206  1.370   -4.751  1.00 16.65 ? 81  LEU A CB  1 
ATOM   396  C CG  . LEU A 1 51  ? 11.092  0.446   -5.252  1.00 16.33 ? 81  LEU A CG  1 
ATOM   397  C CD1 . LEU A 1 51  ? 10.816  -0.696  -4.250  1.00 16.57 ? 81  LEU A CD1 1 
ATOM   398  C CD2 . LEU A 1 51  ? 9.842   1.290   -5.459  1.00 16.49 ? 81  LEU A CD2 1 
ATOM   399  N N   . ALA A 1 52  ? 13.388  4.159   -3.955  1.00 15.49 ? 82  ALA A N   1 
ATOM   400  C CA  . ALA A 1 52  ? 14.457  4.921   -3.305  1.00 14.33 ? 82  ALA A CA  1 
ATOM   401  C C   . ALA A 1 52  ? 14.820  4.157   -2.024  1.00 13.86 ? 82  ALA A C   1 
ATOM   402  O O   . ALA A 1 52  ? 15.122  2.958   -2.098  1.00 13.55 ? 82  ALA A O   1 
ATOM   403  C CB  . ALA A 1 52  ? 13.980  6.352   -3.006  1.00 14.81 ? 82  ALA A CB  1 
ATOM   404  N N   . THR A 1 53  ? 14.803  4.810   -0.861  1.00 12.61 ? 83  THR A N   1 
ATOM   405  C CA  . THR A 1 53  ? 15.135  4.086   0.369   1.00 12.06 ? 83  THR A CA  1 
ATOM   406  C C   . THR A 1 53  ? 14.193  4.379   1.523   1.00 11.10 ? 83  THR A C   1 
ATOM   407  O O   . THR A 1 53  ? 14.481  3.985   2.643   1.00 11.32 ? 83  THR A O   1 
ATOM   408  C CB  . THR A 1 53  ? 16.597  4.378   0.901   1.00 12.30 ? 83  THR A CB  1 
ATOM   409  O OG1 . THR A 1 53  ? 16.681  5.730   1.375   1.00 13.01 ? 83  THR A OG1 1 
ATOM   410  C CG2 . THR A 1 53  ? 17.640  4.191   -0.196  1.00 12.97 ? 83  THR A CG2 1 
ATOM   411  N N   . ASN A 1 54  ? 13.058  5.031   1.259   1.00 10.39 ? 84  ASN A N   1 
ATOM   412  C CA  . ASN A 1 54  ? 12.157  5.390   2.353   1.00 9.51  ? 84  ASN A CA  1 
ATOM   413  C C   . ASN A 1 54  ? 10.720  4.879   2.284   1.00 9.03  ? 84  ASN A C   1 
ATOM   414  O O   . ASN A 1 54  ? 9.893   5.329   3.058   1.00 8.11  ? 84  ASN A O   1 
ATOM   415  C CB  . ASN A 1 54  ? 12.148  6.916   2.549   1.00 9.38  ? 84  ASN A CB  1 
ATOM   416  C CG  . ASN A 1 54  ? 11.566  7.662   1.351   1.00 10.31 ? 84  ASN A CG  1 
ATOM   417  O OD1 . ASN A 1 54  ? 11.219  7.045   0.344   1.00 9.93  ? 84  ASN A OD1 1 
ATOM   418  N ND2 . ASN A 1 54  ? 11.475  9.002   1.447   1.00 9.81  ? 84  ASN A ND2 1 
ATOM   419  N N   . GLU A 1 55  ? 10.421  3.946   1.387   1.00 8.92  ? 85  GLU A N   1 
ATOM   420  C CA  . GLU A 1 55  ? 9.045   3.411   1.305   1.00 8.86  ? 85  GLU A CA  1 
ATOM   421  C C   . GLU A 1 55  ? 8.769   2.395   2.417   1.00 8.54  ? 85  GLU A C   1 
ATOM   422  O O   . GLU A 1 55  ? 9.683   1.806   2.963   1.00 8.60  ? 85  GLU A O   1 
ATOM   423  C CB  . GLU A 1 55  ? 8.801   2.716   -0.044  1.00 8.61  ? 85  GLU A CB  1 
ATOM   424  C CG  . GLU A 1 55  ? 9.070   3.600   -1.268  1.00 9.50  ? 85  GLU A CG  1 
ATOM   425  C CD  . GLU A 1 55  ? 10.528  3.533   -1.704  1.00 10.06 ? 85  GLU A CD  1 
ATOM   426  O OE1 . GLU A 1 55  ? 11.319  2.828   -1.038  1.00 11.08 ? 85  GLU A OE1 1 
ATOM   427  O OE2 . GLU A 1 55  ? 10.880  4.163   -2.720  1.00 10.48 ? 85  GLU A OE2 1 
ATOM   428  N N   . SER A 1 56  ? 7.503   2.210   2.760   1.00 8.43  ? 86  SER A N   1 
ATOM   429  C CA  . SER A 1 56  ? 7.130   1.227   3.780   1.00 8.49  ? 86  SER A CA  1 
ATOM   430  C C   . SER A 1 56  ? 5.864   0.545   3.286   1.00 8.33  ? 86  SER A C   1 
ATOM   431  O O   . SER A 1 56  ? 5.047   1.140   2.561   1.00 8.09  ? 86  SER A O   1 
ATOM   432  C CB  . SER A 1 56  ? 6.911   1.887   5.151   1.00 7.90  ? 86  SER A CB  1 
ATOM   433  O OG  . SER A 1 56  ? 6.038   2.994   5.074   1.00 8.91  ? 86  SER A OG  1 
ATOM   434  N N   . ILE A 1 57  ? 5.726   -0.706  3.673   1.00 8.36  ? 87  ILE A N   1 
ATOM   435  C CA  . ILE A 1 57  ? 4.615   -1.543  3.246   1.00 8.54  ? 87  ILE A CA  1 
ATOM   436  C C   . ILE A 1 57  ? 3.879   -2.132  4.450   1.00 8.78  ? 87  ILE A C   1 
ATOM   437  O O   . ILE A 1 57  ? 4.505   -2.707  5.339   1.00 8.24  ? 87  ILE A O   1 
ATOM   438  C CB  . ILE A 1 57  ? 5.144   -2.740  2.393   1.00 8.83  ? 87  ILE A CB  1 
ATOM   439  C CG1 . ILE A 1 57  ? 5.920   -2.217  1.165   1.00 9.12  ? 87  ILE A CG1 1 
ATOM   440  C CG2 . ILE A 1 57  ? 3.972   -3.662  1.993   1.00 9.45  ? 87  ILE A CG2 1 
ATOM   441  C CD1 . ILE A 1 57  ? 6.708   -3.334  0.377   1.00 9.86  ? 87  ILE A CD1 1 
ATOM   442  N N   . ILE A 1 58  ? 2.562   -1.984  4.476   1.00 9.05  ? 88  ILE A N   1 
ATOM   443  C CA  . ILE A 1 58  ? 1.769   -2.554  5.561   1.00 9.46  ? 88  ILE A CA  1 
ATOM   444  C C   . ILE A 1 58  ? 0.667   -3.420  4.952   1.00 9.78  ? 88  ILE A C   1 
ATOM   445  O O   . ILE A 1 58  ? -0.004  -3.009  4.022   1.00 9.80  ? 88  ILE A O   1 
ATOM   446  C CB  . ILE A 1 58  ? 1.054   -1.486  6.422   1.00 9.80  ? 88  ILE A CB  1 
ATOM   447  C CG1 . ILE A 1 58  ? 2.066   -0.617  7.176   1.00 10.13 ? 88  ILE A CG1 1 
ATOM   448  C CG2 . ILE A 1 58  ? 0.120   -2.212  7.451   1.00 9.66  ? 88  ILE A CG2 1 
ATOM   449  C CD1 . ILE A 1 58  ? 1.408   0.439   8.029   1.00 11.78 ? 88  ILE A CD1 1 
ATOM   450  N N   . VAL A 1 59  ? 0.507   -4.628  5.470   1.00 9.85  ? 89  VAL A N   1 
ATOM   451  C CA  . VAL A 1 59  ? -0.556  -5.517  5.011   1.00 10.10 ? 89  VAL A CA  1 
ATOM   452  C C   . VAL A 1 59  ? -1.415  -5.584  6.252   1.00 10.87 ? 89  VAL A C   1 
ATOM   453  O O   . VAL A 1 59  ? -0.897  -5.807  7.356   1.00 10.55 ? 89  VAL A O   1 
ATOM   454  C CB  . VAL A 1 59  ? -0.020  -6.931  4.672   1.00 10.34 ? 89  VAL A CB  1 
ATOM   455  C CG1 . VAL A 1 59  ? -1.172  -7.835  4.282   1.00 10.67 ? 89  VAL A CG1 1 
ATOM   456  C CG2 . VAL A 1 59  ? 0.984   -6.851  3.532   1.00 10.42 ? 89  VAL A CG2 1 
ATOM   457  N N   . ASP A 1 60  ? -2.717  -5.389  6.102   1.00 11.52 ? 90  ASP A N   1 
ATOM   458  C CA  . ASP A 1 60  ? -3.585  -5.392  7.272   1.00 12.39 ? 90  ASP A CA  1 
ATOM   459  C C   . ASP A 1 60  ? -4.824  -6.245  7.024   1.00 12.62 ? 90  ASP A C   1 
ATOM   460  O O   . ASP A 1 60  ? -5.505  -6.073  6.017   1.00 12.43 ? 90  ASP A O   1 
ATOM   461  C CB  . ASP A 1 60  ? -4.011  -3.970  7.587   1.00 13.03 ? 90  ASP A CB  1 
ATOM   462  C CG  . ASP A 1 60  ? -4.308  -3.762  9.064   1.00 13.92 ? 90  ASP A CG  1 
ATOM   463  O OD1 . ASP A 1 60  ? -4.479  -4.769  9.797   1.00 13.97 ? 90  ASP A OD1 1 
ATOM   464  O OD2 . ASP A 1 60  ? -4.364  -2.583  9.487   1.00 14.20 ? 90  ASP A OD2 1 
ATOM   465  N N   . LEU A 1 61  ? -5.108  -7.157  7.951   1.00 13.04 ? 91  LEU A N   1 
ATOM   466  C CA  . LEU A 1 61  ? -6.277  -8.038  7.829   1.00 13.60 ? 91  LEU A CA  1 
ATOM   467  C C   . LEU A 1 61  ? -7.406  -7.357  8.579   1.00 13.94 ? 91  LEU A C   1 
ATOM   468  O O   . LEU A 1 61  ? -7.394  -7.297  9.818   1.00 13.79 ? 91  LEU A O   1 
ATOM   469  C CB  . LEU A 1 61  ? -5.968  -9.395  8.452   1.00 13.53 ? 91  LEU A CB  1 
ATOM   470  C CG  . LEU A 1 61  ? -4.739  -10.108 7.869   1.00 13.46 ? 91  LEU A CG  1 
ATOM   471  C CD1 . LEU A 1 61  ? -4.554  -11.459 8.577   1.00 13.53 ? 91  LEU A CD1 1 
ATOM   472  C CD2 . LEU A 1 61  ? -4.921  -10.338 6.361   1.00 13.30 ? 91  LEU A CD2 1 
ATOM   473  N N   . LEU A 1 62  ? -8.375  -6.834  7.832   1.00 14.24 ? 92  LEU A N   1 
ATOM   474  C CA  . LEU A 1 62  ? -9.479  -6.104  8.429   1.00 14.92 ? 92  LEU A CA  1 
ATOM   475  C C   . LEU A 1 62  ? -10.826 -6.797  8.239   1.00 15.59 ? 92  LEU A C   1 
ATOM   476  O O   . LEU A 1 62  ? -10.977 -7.668  7.400   1.00 15.31 ? 92  LEU A O   1 
ATOM   477  C CB  . LEU A 1 62  ? -9.531  -4.698  7.816   1.00 14.78 ? 92  LEU A CB  1 
ATOM   478  C CG  . LEU A 1 62  ? -8.247  -3.846  7.942   1.00 14.73 ? 92  LEU A CG  1 
ATOM   479  C CD1 . LEU A 1 62  ? -8.435  -2.497  7.226   1.00 15.63 ? 92  LEU A CD1 1 
ATOM   480  C CD2 . LEU A 1 62  ? -7.950  -3.615  9.421   1.00 15.33 ? 92  LEU A CD2 1 
ATOM   481  N N   . GLU A 1 63  ? -11.814 -6.406  9.023   1.00 16.90 ? 93  GLU A N   1 
ATOM   482  C CA  . GLU A 1 63  ? -13.140 -7.000  8.862   1.00 18.13 ? 93  GLU A CA  1 
ATOM   483  C C   . GLU A 1 63  ? -13.714 -6.472  7.553   1.00 18.19 ? 93  GLU A C   1 
ATOM   484  O O   . GLU A 1 63  ? -13.405 -5.350  7.141   1.00 17.99 ? 93  GLU A O   1 
ATOM   485  C CB  . GLU A 1 63  ? -14.056 -6.553  9.982   1.00 19.43 ? 93  GLU A CB  1 
ATOM   486  C CG  . GLU A 1 63  ? -13.600 -6.897  11.353  1.00 22.14 ? 93  GLU A CG  1 
ATOM   487  C CD  . GLU A 1 63  ? -14.554 -6.296  12.367  1.00 23.53 ? 93  GLU A CD  1 
ATOM   488  O OE1 . GLU A 1 63  ? -15.756 -6.172  12.000  1.00 24.37 ? 93  GLU A OE1 1 
ATOM   489  O OE2 . GLU A 1 63  ? -14.120 -5.949  13.500  1.00 24.63 ? 93  GLU A OE2 1 
ATOM   490  N N   . THR A 1 64  ? -14.551 -7.268  6.900   1.00 18.59 ? 94  THR A N   1 
ATOM   491  C CA  . THR A 1 64  ? -15.164 -6.836  5.653   1.00 19.18 ? 94  THR A CA  1 
ATOM   492  C C   . THR A 1 64  ? -16.061 -5.617  5.890   1.00 19.47 ? 94  THR A C   1 
ATOM   493  O O   . THR A 1 64  ? -16.831 -5.595  6.840   1.00 19.03 ? 94  THR A O   1 
ATOM   494  C CB  . THR A 1 64  ? -16.067 -7.938  5.041   1.00 19.44 ? 94  THR A CB  1 
ATOM   495  O OG1 . THR A 1 64  ? -15.294 -9.122  4.796   1.00 20.35 ? 94  THR A OG1 1 
ATOM   496  C CG2 . THR A 1 64  ? -16.670 -7.456  3.716   1.00 19.31 ? 94  THR A CG2 1 
ATOM   497  N N   . VAL A 1 65  ? -15.969 -4.603  5.037   1.00 19.88 ? 95  VAL A N   1 
ATOM   498  C CA  . VAL A 1 65  ? -16.851 -3.467  5.206   1.00 20.79 ? 95  VAL A CA  1 
ATOM   499  C C   . VAL A 1 65  ? -18.157 -3.764  4.446   1.00 21.68 ? 95  VAL A C   1 
ATOM   500  O O   . VAL A 1 65  ? -18.155 -4.386  3.375   1.00 21.25 ? 95  VAL A O   1 
ATOM   501  C CB  . VAL A 1 65  ? -16.209 -2.143  4.711   1.00 20.39 ? 95  VAL A CB  1 
ATOM   502  C CG1 . VAL A 1 65  ? -15.909 -2.206  3.229   1.00 19.73 ? 95  VAL A CG1 1 
ATOM   503  C CG2 . VAL A 1 65  ? -17.133 -0.994  5.034   1.00 20.29 ? 95  VAL A CG2 1 
ATOM   504  N N   . ASP A 1 66  ? -19.274 -3.326  5.024   1.00 22.99 ? 96  ASP A N   1 
ATOM   505  C CA  . ASP A 1 66  ? -20.591 -3.557  4.443   1.00 24.28 ? 96  ASP A CA  1 
ATOM   506  C C   . ASP A 1 66  ? -20.901 -2.745  3.192   1.00 24.38 ? 96  ASP A C   1 
ATOM   507  O O   . ASP A 1 66  ? -21.873 -1.993  3.161   1.00 24.61 ? 96  ASP A O   1 
ATOM   508  C CB  . ASP A 1 66  ? -21.672 -3.315  5.498   1.00 25.53 ? 96  ASP A CB  1 
ATOM   509  C CG  . ASP A 1 66  ? -23.062 -3.714  5.014   1.00 26.89 ? 96  ASP A CG  1 
ATOM   510  O OD1 . ASP A 1 66  ? -23.187 -4.776  4.357   1.00 27.50 ? 96  ASP A OD1 1 
ATOM   511  O OD2 . ASP A 1 66  ? -24.029 -2.965  5.294   1.00 27.94 ? 96  ASP A OD2 1 
ATOM   512  N N   . LYS A 1 67  ? -20.067 -2.891  2.167   1.00 24.32 ? 97  LYS A N   1 
ATOM   513  C CA  . LYS A 1 67  ? -20.261 -2.208  0.886   1.00 23.99 ? 97  LYS A CA  1 
ATOM   514  C C   . LYS A 1 67  ? -20.042 -3.303  -0.154  1.00 23.60 ? 97  LYS A C   1 
ATOM   515  O O   . LYS A 1 67  ? -18.961 -3.898  -0.196  1.00 23.57 ? 97  LYS A O   1 
ATOM   516  C CB  . LYS A 1 67  ? -19.210 -1.119  0.666   1.00 24.38 ? 97  LYS A CB  1 
ATOM   517  C CG  . LYS A 1 67  ? -19.146 -0.025  1.719   1.00 25.07 ? 97  LYS A CG  1 
ATOM   518  C CD  . LYS A 1 67  ? -20.098 1.116   1.426   1.00 25.47 ? 97  LYS A CD  1 
ATOM   519  C CE  . LYS A 1 67  ? -19.878 2.259   2.435   1.00 25.87 ? 97  LYS A CE  1 
ATOM   520  N NZ  . LYS A 1 67  ? -20.536 3.517   1.997   1.00 25.99 ? 97  LYS A NZ  1 
ATOM   521  N N   . SER A 1 68  ? -21.056 -3.565  -0.984  1.00 22.97 ? 98  SER A N   1 
ATOM   522  C CA  . SER A 1 68  ? -20.983 -4.605  -2.025  1.00 22.34 ? 98  SER A CA  1 
ATOM   523  C C   . SER A 1 68  ? -20.061 -4.322  -3.198  1.00 21.38 ? 98  SER A C   1 
ATOM   524  O O   . SER A 1 68  ? -19.371 -5.229  -3.695  1.00 21.76 ? 98  SER A O   1 
ATOM   525  C CB  . SER A 1 68  ? -22.374 -4.877  -2.605  1.00 22.52 ? 98  SER A CB  1 
ATOM   526  O OG  . SER A 1 68  ? -23.186 -5.540  -1.659  1.00 24.08 ? 98  SER A OG  1 
ATOM   527  N N   . ASP A 1 69  ? -20.091 -3.082  -3.673  1.00 20.19 ? 99  ASP A N   1 
ATOM   528  C CA  . ASP A 1 69  ? -19.293 -2.674  -4.811  1.00 18.72 ? 99  ASP A CA  1 
ATOM   529  C C   . ASP A 1 69  ? -17.812 -2.651  -4.438  1.00 17.71 ? 99  ASP A C   1 
ATOM   530  O O   . ASP A 1 69  ? -17.419 -2.045  -3.433  1.00 16.86 ? 99  ASP A O   1 
ATOM   531  C CB  . ASP A 1 69  ? -19.734 -1.293  -5.291  1.00 19.23 ? 99  ASP A CB  1 
ATOM   532  C CG  . ASP A 1 69  ? -18.952 -0.825  -6.495  1.00 19.98 ? 99  ASP A CG  1 
ATOM   533  O OD1 . ASP A 1 69  ? -18.194 0.151   -6.352  1.00 20.14 ? 99  ASP A OD1 1 
ATOM   534  O OD2 . ASP A 1 69  ? -19.085 -1.435  -7.587  1.00 19.97 ? 99  ASP A OD2 1 
ATOM   535  N N   . LEU A 1 70  ? -17.003 -3.312  -5.258  1.00 16.16 ? 100 LEU A N   1 
ATOM   536  C CA  . LEU A 1 70  ? -15.577 -3.392  -5.006  1.00 15.11 ? 100 LEU A CA  1 
ATOM   537  C C   . LEU A 1 70  ? -14.907 -2.024  -4.857  1.00 14.70 ? 100 LEU A C   1 
ATOM   538  O O   . LEU A 1 70  ? -14.223 -1.781  -3.863  1.00 14.21 ? 100 LEU A O   1 
ATOM   539  C CB  . LEU A 1 70  ? -14.891 -4.191  -6.132  1.00 14.47 ? 100 LEU A CB  1 
ATOM   540  C CG  . LEU A 1 70  ? -13.359 -4.253  -6.112  1.00 13.89 ? 100 LEU A CG  1 
ATOM   541  C CD1 . LEU A 1 70  ? -12.863 -5.006  -4.858  1.00 13.24 ? 100 LEU A CD1 1 
ATOM   542  C CD2 . LEU A 1 70  ? -12.885 -4.955  -7.378  1.00 13.42 ? 100 LEU A CD2 1 
ATOM   543  N N   . LYS A 1 71  ? -15.082 -1.141  -5.844  1.00 14.29 ? 101 LYS A N   1 
ATOM   544  C CA  . LYS A 1 71  ? -14.457 0.187   -5.777  1.00 14.55 ? 101 LYS A CA  1 
ATOM   545  C C   . LYS A 1 71  ? -14.937 0.993   -4.560  1.00 14.25 ? 101 LYS A C   1 
ATOM   546  O O   . LYS A 1 71  ? -14.170 1.725   -3.936  1.00 14.16 ? 101 LYS A O   1 
ATOM   547  C CB  . LYS A 1 71  ? -14.732 0.989   -7.059  1.00 15.00 ? 101 LYS A CB  1 
ATOM   548  C CG  . LYS A 1 71  ? -14.234 2.432   -6.959  1.00 15.75 ? 101 LYS A CG  1 
ATOM   549  C CD  . LYS A 1 71  ? -14.140 3.128   -8.288  1.00 16.56 ? 101 LYS A CD  1 
ATOM   550  C CE  . LYS A 1 71  ? -13.572 4.537   -8.131  1.00 17.17 ? 101 LYS A CE  1 
ATOM   551  N NZ  . LYS A 1 71  ? -13.589 5.252   -9.452  1.00 18.05 ? 101 LYS A NZ  1 
ATOM   552  N N   . GLU A 1 72  ? -16.221 0.883   -4.235  1.00 14.01 ? 102 GLU A N   1 
ATOM   553  C CA  . GLU A 1 72  ? -16.753 1.589   -3.080  1.00 13.79 ? 102 GLU A CA  1 
ATOM   554  C C   . GLU A 1 72  ? -16.112 1.077   -1.792  1.00 13.02 ? 102 GLU A C   1 
ATOM   555  O O   . GLU A 1 72  ? -15.795 1.868   -0.893  1.00 12.92 ? 102 GLU A O   1 
ATOM   556  C CB  . GLU A 1 72  ? -18.278 1.432   -3.012  1.00 14.82 ? 102 GLU A CB  1 
ATOM   557  C CG  . GLU A 1 72  ? -19.030 2.565   -3.655  1.00 17.50 ? 102 GLU A CG  1 
ATOM   558  C CD  . GLU A 1 72  ? -20.539 2.317   -3.673  1.00 19.05 ? 102 GLU A CD  1 
ATOM   559  O OE1 . GLU A 1 72  ? -21.075 1.737   -2.695  1.00 19.73 ? 102 GLU A OE1 1 
ATOM   560  O OE2 . GLU A 1 72  ? -21.178 2.709   -4.677  1.00 20.92 ? 102 GLU A OE2 1 
ATOM   561  N N   . ALA A 1 73  ? -15.903 -0.236  -1.701  1.00 12.39 ? 103 ALA A N   1 
ATOM   562  C CA  . ALA A 1 73  ? -15.262 -0.816  -0.516  1.00 11.66 ? 103 ALA A CA  1 
ATOM   563  C C   . ALA A 1 73  ? -13.817 -0.288  -0.431  1.00 11.16 ? 103 ALA A C   1 
ATOM   564  O O   . ALA A 1 73  ? -13.312 0.032   0.647   1.00 11.01 ? 103 ALA A O   1 
ATOM   565  C CB  . ALA A 1 73  ? -15.259 -2.346  -0.605  1.00 11.28 ? 103 ALA A CB  1 
ATOM   566  N N   . TRP A 1 74  ? -13.167 -0.200  -1.578  1.00 10.63 ? 104 TRP A N   1 
ATOM   567  C CA  . TRP A 1 74  ? -11.789 0.283   -1.616  1.00 10.70 ? 104 TRP A CA  1 
ATOM   568  C C   . TRP A 1 74  ? -11.749 1.738   -1.152  1.00 10.79 ? 104 TRP A C   1 
ATOM   569  O O   . TRP A 1 74  ? -10.918 2.112   -0.307  1.00 10.37 ? 104 TRP A O   1 
ATOM   570  C CB  . TRP A 1 74  ? -11.234 0.132   -3.036  1.00 9.85  ? 104 TRP A CB  1 
ATOM   571  C CG  . TRP A 1 74  ? -9.852  0.688   -3.235  1.00 8.74  ? 104 TRP A CG  1 
ATOM   572  C CD1 . TRP A 1 74  ? -8.655  0.053   -2.979  1.00 8.47  ? 104 TRP A CD1 1 
ATOM   573  C CD2 . TRP A 1 74  ? -9.525  1.966   -3.778  1.00 8.65  ? 104 TRP A CD2 1 
ATOM   574  N NE1 . TRP A 1 74  ? -7.601  0.870   -3.353  1.00 8.09  ? 104 TRP A NE1 1 
ATOM   575  C CE2 . TRP A 1 74  ? -8.110  2.047   -3.847  1.00 8.64  ? 104 TRP A CE2 1 
ATOM   576  C CE3 . TRP A 1 74  ? -10.294 3.065   -4.226  1.00 9.10  ? 104 TRP A CE3 1 
ATOM   577  C CZ2 . TRP A 1 74  ? -7.442  3.187   -4.336  1.00 8.99  ? 104 TRP A CZ2 1 
ATOM   578  C CZ3 . TRP A 1 74  ? -9.620  4.199   -4.712  1.00 9.51  ? 104 TRP A CZ3 1 
ATOM   579  C CH2 . TRP A 1 74  ? -8.212  4.243   -4.762  1.00 9.66  ? 104 TRP A CH2 1 
ATOM   580  N N   . GLN A 1 75  ? -12.649 2.566   -1.677  1.00 10.91 ? 105 GLN A N   1 
ATOM   581  C CA  . GLN A 1 75  ? -12.673 3.980   -1.270  1.00 11.24 ? 105 GLN A CA  1 
ATOM   582  C C   . GLN A 1 75  ? -12.862 4.123   0.230   1.00 11.13 ? 105 GLN A C   1 
ATOM   583  O O   . GLN A 1 75  ? -12.279 4.997   0.864   1.00 11.25 ? 105 GLN A O   1 
ATOM   584  C CB  . GLN A 1 75  ? -13.796 4.728   -2.009  1.00 11.72 ? 105 GLN A CB  1 
ATOM   585  C CG  . GLN A 1 75  ? -13.577 4.783   -3.527  1.00 13.01 ? 105 GLN A CG  1 
ATOM   586  C CD  . GLN A 1 75  ? -14.735 5.475   -4.258  1.00 14.04 ? 105 GLN A CD  1 
ATOM   587  O OE1 . GLN A 1 75  ? -15.897 5.063   -4.141  1.00 15.07 ? 105 GLN A OE1 1 
ATOM   588  N NE2 . GLN A 1 75  ? -14.426 6.522   -4.991  1.00 14.82 ? 105 GLN A NE2 1 
ATOM   589  N N   . PHE A 1 76  ? -13.699 3.258   0.797   1.00 11.53 ? 106 PHE A N   1 
ATOM   590  C CA  . PHE A 1 76  ? -13.966 3.272   2.221   1.00 11.56 ? 106 PHE A CA  1 
ATOM   591  C C   . PHE A 1 76  ? -12.674 3.005   2.992   1.00 11.01 ? 106 PHE A C   1 
ATOM   592  O O   . PHE A 1 76  ? -12.371 3.691   3.978   1.00 10.61 ? 106 PHE A O   1 
ATOM   593  C CB  . PHE A 1 76  ? -14.995 2.181   2.565   1.00 12.51 ? 106 PHE A CB  1 
ATOM   594  C CG  . PHE A 1 76  ? -15.229 2.010   4.050   1.00 14.55 ? 106 PHE A CG  1 
ATOM   595  C CD1 . PHE A 1 76  ? -16.192 2.755   4.709   1.00 15.27 ? 106 PHE A CD1 1 
ATOM   596  C CD2 . PHE A 1 76  ? -14.441 1.126   4.792   1.00 15.64 ? 106 PHE A CD2 1 
ATOM   597  C CE1 . PHE A 1 76  ? -16.368 2.633   6.091   1.00 15.93 ? 106 PHE A CE1 1 
ATOM   598  C CE2 . PHE A 1 76  ? -14.610 0.997   6.180   1.00 16.38 ? 106 PHE A CE2 1 
ATOM   599  C CZ  . PHE A 1 76  ? -15.572 1.751   6.825   1.00 15.83 ? 106 PHE A CZ  1 
ATOM   600  N N   . HIS A 1 77  ? -11.912 1.995   2.544   1.00 10.88 ? 107 HIS A N   1 
ATOM   601  C CA  . HIS A 1 77  ? -10.676 1.652   3.226   1.00 10.62 ? 107 HIS A CA  1 
ATOM   602  C C   . HIS A 1 77  ? -9.606  2.693   3.036   1.00 10.69 ? 107 HIS A C   1 
ATOM   603  O O   . HIS A 1 77  ? -8.766  2.884   3.921   1.00 10.34 ? 107 HIS A O   1 
ATOM   604  C CB  . HIS A 1 77  ? -10.174 0.283   2.778   1.00 10.57 ? 107 HIS A CB  1 
ATOM   605  C CG  . HIS A 1 77  ? -10.986 -0.844  3.330   1.00 10.74 ? 107 HIS A CG  1 
ATOM   606  N ND1 . HIS A 1 77  ? -11.035 -1.128  4.679   1.00 10.84 ? 107 HIS A ND1 1 
ATOM   607  C CD2 . HIS A 1 77  ? -11.808 -1.734  2.728   1.00 11.13 ? 107 HIS A CD2 1 
ATOM   608  C CE1 . HIS A 1 77  ? -11.856 -2.145  4.883   1.00 11.30 ? 107 HIS A CE1 1 
ATOM   609  N NE2 . HIS A 1 77  ? -12.339 -2.533  3.715   1.00 10.75 ? 107 HIS A NE2 1 
ATOM   610  N N   . VAL A 1 78  ? -9.623  3.351   1.884   1.00 10.39 ? 108 VAL A N   1 
ATOM   611  C CA  . VAL A 1 78  ? -8.657  4.432   1.632   1.00 10.69 ? 108 VAL A CA  1 
ATOM   612  C C   . VAL A 1 78  ? -8.952  5.581   2.612   1.00 11.76 ? 108 VAL A C   1 
ATOM   613  O O   . VAL A 1 78  ? -8.025  6.155   3.219   1.00 11.47 ? 108 VAL A O   1 
ATOM   614  C CB  . VAL A 1 78  ? -8.773  4.981   0.163   1.00 9.69  ? 108 VAL A CB  1 
ATOM   615  C CG1 . VAL A 1 78  ? -7.903  6.255   0.017   1.00 9.25  ? 108 VAL A CG1 1 
ATOM   616  C CG2 . VAL A 1 78  ? -8.250  3.939   -0.835  1.00 8.80  ? 108 VAL A CG2 1 
ATOM   617  N N   . GLU A 1 79  ? -10.237 5.920   2.750   1.00 12.98 ? 109 GLU A N   1 
ATOM   618  C CA  . GLU A 1 79  ? -10.651 7.015   3.642   1.00 14.68 ? 109 GLU A CA  1 
ATOM   619  C C   . GLU A 1 79  ? -10.148 6.760   5.064   1.00 15.46 ? 109 GLU A C   1 
ATOM   620  O O   . GLU A 1 79  ? -9.610  7.667   5.715   1.00 15.42 ? 109 GLU A O   1 
ATOM   621  C CB  . GLU A 1 79  ? -12.182 7.167   3.627   1.00 15.23 ? 109 GLU A CB  1 
ATOM   622  C CG  . GLU A 1 79  ? -12.737 8.301   4.509   1.00 16.47 ? 109 GLU A CG  1 
ATOM   623  C CD  . GLU A 1 79  ? -12.307 9.701   4.066   1.00 17.48 ? 109 GLU A CD  1 
ATOM   624  O OE1 . GLU A 1 79  ? -12.012 9.908   2.871   1.00 18.57 ? 109 GLU A OE1 1 
ATOM   625  O OE2 . GLU A 1 79  ? -12.281 10.617  4.920   1.00 18.59 ? 109 GLU A OE2 1 
ATOM   626  N N   . ASP A 1 80  ? -10.300 5.528   5.552   1.00 16.67 ? 110 ASP A N   1 
ATOM   627  C CA  . ASP A 1 80  ? -9.815  5.214   6.901   1.00 18.04 ? 110 ASP A CA  1 
ATOM   628  C C   . ASP A 1 80  ? -8.323  5.483   7.058   1.00 18.05 ? 110 ASP A C   1 
ATOM   629  O O   . ASP A 1 80  ? -7.868  5.927   8.120   1.00 18.81 ? 110 ASP A O   1 
ATOM   630  C CB  . ASP A 1 80  ? -10.104 3.760   7.263   1.00 19.60 ? 110 ASP A CB  1 
ATOM   631  C CG  . ASP A 1 80  ? -11.564 3.527   7.589   1.00 21.18 ? 110 ASP A CG  1 
ATOM   632  O OD1 . ASP A 1 80  ? -12.323 4.511   7.656   1.00 22.63 ? 110 ASP A OD1 1 
ATOM   633  O OD2 . ASP A 1 80  ? -11.966 2.357   7.783   1.00 22.72 ? 110 ASP A OD2 1 
ATOM   634  N N   . LEU A 1 81  ? -7.547  5.203   6.018   1.00 17.61 ? 111 LEU A N   1 
ATOM   635  C CA  . LEU A 1 81  ? -6.106  5.443   6.068   1.00 16.99 ? 111 LEU A CA  1 
ATOM   636  C C   . LEU A 1 81  ? -5.744  6.930   5.970   1.00 16.62 ? 111 LEU A C   1 
ATOM   637  O O   . LEU A 1 81  ? -4.865  7.424   6.687   1.00 16.43 ? 111 LEU A O   1 
ATOM   638  C CB  . LEU A 1 81  ? -5.401  4.712   4.919   1.00 17.36 ? 111 LEU A CB  1 
ATOM   639  C CG  . LEU A 1 81  ? -5.265  3.191   4.952   1.00 17.65 ? 111 LEU A CG  1 
ATOM   640  C CD1 . LEU A 1 81  ? -4.934  2.698   3.533   1.00 18.20 ? 111 LEU A CD1 1 
ATOM   641  C CD2 . LEU A 1 81  ? -4.151  2.770   5.935   1.00 17.90 ? 111 LEU A CD2 1 
ATOM   642  N N   . THR A 1 82  ? -6.397  7.648   5.068   1.00 15.57 ? 112 THR A N   1 
ATOM   643  C CA  . THR A 1 82  ? -6.066  9.048   4.884   1.00 15.22 ? 112 THR A CA  1 
ATOM   644  C C   . THR A 1 82  ? -6.599  9.930   6.006   1.00 15.64 ? 112 THR A C   1 
ATOM   645  O O   . THR A 1 82  ? -5.930  10.870  6.429   1.00 15.03 ? 112 THR A O   1 
ATOM   646  C CB  . THR A 1 82  ? -6.611  9.555   3.535   1.00 14.49 ? 112 THR A CB  1 
ATOM   647  O OG1 . THR A 1 82  ? -8.015  9.282   3.469   1.00 13.61 ? 112 THR A OG1 1 
ATOM   648  C CG2 . THR A 1 82  ? -5.916  8.838   2.358   1.00 14.46 ? 112 THR A CG2 1 
ATOM   649  N N   . GLU A 1 83  ? -7.796  9.632   6.495   1.00 16.65 ? 113 GLU A N   1 
ATOM   650  C CA  . GLU A 1 83  ? -8.376  10.460  7.555   1.00 18.59 ? 113 GLU A CA  1 
ATOM   651  C C   . GLU A 1 83  ? -7.490  10.592  8.778   1.00 18.77 ? 113 GLU A C   1 
ATOM   652  O O   . GLU A 1 83  ? -7.555  11.592  9.487   1.00 19.08 ? 113 GLU A O   1 
ATOM   653  C CB  . GLU A 1 83  ? -9.747  9.934   7.986   1.00 19.72 ? 113 GLU A CB  1 
ATOM   654  C CG  . GLU A 1 83  ? -10.895 10.623  7.285   1.00 22.74 ? 113 GLU A CG  1 
ATOM   655  C CD  . GLU A 1 83  ? -12.251 10.329  7.909   1.00 24.33 ? 113 GLU A CD  1 
ATOM   656  O OE1 . GLU A 1 83  ? -12.354 10.438  9.159   1.00 25.77 ? 113 GLU A OE1 1 
ATOM   657  O OE2 . GLU A 1 83  ? -13.221 10.012  7.160   1.00 25.31 ? 113 GLU A OE2 1 
ATOM   658  N N   . LEU A 1 84  ? -6.662  9.585   9.033   1.00 19.28 ? 114 LEU A N   1 
ATOM   659  C CA  . LEU A 1 84  ? -5.788  9.627   10.198  1.00 19.62 ? 114 LEU A CA  1 
ATOM   660  C C   . LEU A 1 84  ? -4.682  10.673  10.076  1.00 19.37 ? 114 LEU A C   1 
ATOM   661  O O   . LEU A 1 84  ? -4.102  11.093  11.093  1.00 19.71 ? 114 LEU A O   1 
ATOM   662  C CB  . LEU A 1 84  ? -5.151  8.257   10.427  1.00 20.43 ? 114 LEU A CB  1 
ATOM   663  C CG  . LEU A 1 84  ? -6.094  7.102   10.774  1.00 21.23 ? 114 LEU A CG  1 
ATOM   664  C CD1 . LEU A 1 84  ? -5.246  5.901   11.144  1.00 21.58 ? 114 LEU A CD1 1 
ATOM   665  C CD2 . LEU A 1 84  ? -7.012  7.475   11.933  1.00 21.56 ? 114 LEU A CD2 1 
ATOM   666  N N   . ASN A 1 85  ? -4.385  11.072  8.839   1.00 18.47 ? 115 ASN A N   1 
ATOM   667  C CA  . ASN A 1 85  ? -3.346  12.054  8.544   1.00 17.41 ? 115 ASN A CA  1 
ATOM   668  C C   . ASN A 1 85  ? -3.907  13.478  8.491   1.00 16.37 ? 115 ASN A C   1 
ATOM   669  O O   . ASN A 1 85  ? -3.174  14.420  8.184   1.00 16.27 ? 115 ASN A O   1 
ATOM   670  C CB  . ASN A 1 85  ? -2.723  11.750  7.189   1.00 18.08 ? 115 ASN A CB  1 
ATOM   671  C CG  . ASN A 1 85  ? -2.119  10.357  7.114   1.00 19.03 ? 115 ASN A CG  1 
ATOM   672  O OD1 . ASN A 1 85  ? -1.975  9.785   6.015   1.00 19.86 ? 115 ASN A OD1 1 
ATOM   673  N ND2 . ASN A 1 85  ? -1.748  9.807   8.269   1.00 18.69 ? 115 ASN A ND2 1 
ATOM   674  N N   . GLY A 1 86  ? -5.197  13.621  8.775   1.00 15.21 ? 116 GLY A N   1 
ATOM   675  C CA  . GLY A 1 86  ? -5.831  14.927  8.723   1.00 14.05 ? 116 GLY A CA  1 
ATOM   676  C C   . GLY A 1 86  ? -6.303  15.253  7.312   1.00 13.30 ? 116 GLY A C   1 
ATOM   677  O O   . GLY A 1 86  ? -6.750  16.365  7.032   1.00 13.17 ? 116 GLY A O   1 
ATOM   678  N N   . THR A 1 87  ? -6.202  14.275  6.420   1.00 12.79 ? 117 THR A N   1 
ATOM   679  C CA  . THR A 1 87  ? -6.647  14.476  5.047   1.00 12.27 ? 117 THR A CA  1 
ATOM   680  C C   . THR A 1 87  ? -8.170  14.605  5.006   1.00 12.06 ? 117 THR A C   1 
ATOM   681  O O   . THR A 1 87  ? -8.881  13.821  5.634   1.00 11.63 ? 117 THR A O   1 
ATOM   682  C CB  . THR A 1 87  ? -6.244  13.291  4.173   1.00 12.32 ? 117 THR A CB  1 
ATOM   683  O OG1 . THR A 1 87  ? -4.816  13.231  4.104   1.00 12.13 ? 117 THR A OG1 1 
ATOM   684  C CG2 . THR A 1 87  ? -6.814  13.436  2.752   1.00 11.67 ? 117 THR A CG2 1 
ATOM   685  N N   . THR A 1 88  ? -8.682  15.579  4.268   1.00 11.99 ? 118 THR A N   1 
ATOM   686  C CA  . THR A 1 88  ? -10.137 15.715  4.151   1.00 12.50 ? 118 THR A CA  1 
ATOM   687  C C   . THR A 1 88  ? -10.631 15.420  2.733   1.00 12.65 ? 118 THR A C   1 
ATOM   688  O O   . THR A 1 88  ? -11.830 15.193  2.520   1.00 13.30 ? 118 THR A O   1 
ATOM   689  C CB  . THR A 1 88  ? -10.588 17.110  4.538   1.00 12.19 ? 118 THR A CB  1 
ATOM   690  O OG1 . THR A 1 88  ? -9.764  18.049  3.853   1.00 12.16 ? 118 THR A OG1 1 
ATOM   691  C CG2 . THR A 1 88  ? -10.477 17.300  6.072   1.00 12.20 ? 118 THR A CG2 1 
ATOM   692  N N   . LYS A 1 89  ? -9.725  15.452  1.764   1.00 12.83 ? 119 LYS A N   1 
ATOM   693  C CA  . LYS A 1 89  ? -10.077 15.126  0.379   1.00 13.14 ? 119 LYS A CA  1 
ATOM   694  C C   . LYS A 1 89  ? -8.846  14.528  -0.261  1.00 12.31 ? 119 LYS A C   1 
ATOM   695  O O   . LYS A 1 89  ? -7.726  14.978  -0.028  1.00 11.67 ? 119 LYS A O   1 
ATOM   696  C CB  . LYS A 1 89  ? -10.498 16.365  -0.425  1.00 14.35 ? 119 LYS A CB  1 
ATOM   697  C CG  . LYS A 1 89  ? -11.651 17.126  0.208   1.00 16.82 ? 119 LYS A CG  1 
ATOM   698  C CD  . LYS A 1 89  ? -12.180 18.235  -0.688  1.00 18.55 ? 119 LYS A CD  1 
ATOM   699  C CE  . LYS A 1 89  ? -13.360 18.930  0.019   1.00 19.61 ? 119 LYS A CE  1 
ATOM   700  N NZ  . LYS A 1 89  ? -14.069 19.801  -0.940  1.00 20.70 ? 119 LYS A NZ  1 
ATOM   701  N N   . TRP A 1 90  ? -9.055  13.514  -1.080  1.00 11.88 ? 120 TRP A N   1 
ATOM   702  C CA  . TRP A 1 90  ? -7.932  12.882  -1.741  1.00 11.89 ? 120 TRP A CA  1 
ATOM   703  C C   . TRP A 1 90  ? -8.320  12.533  -3.158  1.00 12.16 ? 120 TRP A C   1 
ATOM   704  O O   . TRP A 1 90  ? -9.518  12.526  -3.514  1.00 11.65 ? 120 TRP A O   1 
ATOM   705  C CB  . TRP A 1 90  ? -7.499  11.597  -0.997  1.00 11.42 ? 120 TRP A CB  1 
ATOM   706  C CG  . TRP A 1 90  ? -8.630  10.626  -0.666  1.00 11.36 ? 120 TRP A CG  1 
ATOM   707  C CD1 . TRP A 1 90  ? -9.419  10.637  0.453   1.00 11.24 ? 120 TRP A CD1 1 
ATOM   708  C CD2 . TRP A 1 90  ? -9.072  9.510   -1.457  1.00 11.39 ? 120 TRP A CD2 1 
ATOM   709  N NE1 . TRP A 1 90  ? -10.321 9.596   0.413   1.00 11.64 ? 120 TRP A NE1 1 
ATOM   710  C CE2 . TRP A 1 90  ? -10.128 8.886   -0.748  1.00 11.86 ? 120 TRP A CE2 1 
ATOM   711  C CE3 . TRP A 1 90  ? -8.677  8.978   -2.688  1.00 11.18 ? 120 TRP A CE3 1 
ATOM   712  C CZ2 . TRP A 1 90  ? -10.802 7.748   -1.239  1.00 11.87 ? 120 TRP A CZ2 1 
ATOM   713  C CZ3 . TRP A 1 90  ? -9.349  7.840   -3.181  1.00 11.56 ? 120 TRP A CZ3 1 
ATOM   714  C CH2 . TRP A 1 90  ? -10.396 7.241   -2.448  1.00 12.28 ? 120 TRP A CH2 1 
ATOM   715  N N   . GLU A 1 91  ? -7.318  12.239  -3.971  1.00 12.90 ? 121 GLU A N   1 
ATOM   716  C CA  . GLU A 1 91  ? -7.609  11.851  -5.338  1.00 13.96 ? 121 GLU A CA  1 
ATOM   717  C C   . GLU A 1 91  ? -6.860  10.587  -5.709  1.00 13.49 ? 121 GLU A C   1 
ATOM   718  O O   . GLU A 1 91  ? -5.781  10.298  -5.162  1.00 12.76 ? 121 GLU A O   1 
ATOM   719  C CB  . GLU A 1 91  ? -7.286  12.985  -6.313  1.00 15.53 ? 121 GLU A CB  1 
ATOM   720  C CG  . GLU A 1 91  ? -5.837  13.391  -6.473  1.00 18.26 ? 121 GLU A CG  1 
ATOM   721  C CD  . GLU A 1 91  ? -5.694  14.566  -7.475  1.00 19.85 ? 121 GLU A CD  1 
ATOM   722  O OE1 . GLU A 1 91  ? -4.544  14.938  -7.809  1.00 21.69 ? 121 GLU A OE1 1 
ATOM   723  O OE2 . GLU A 1 91  ? -6.732  15.113  -7.918  1.00 21.29 ? 121 GLU A OE2 1 
ATOM   724  N N   . ALA A 1 92  ? -7.464  9.810   -6.600  1.00 13.45 ? 122 ALA A N   1 
ATOM   725  C CA  . ALA A 1 92  ? -6.847  8.584   -7.062  1.00 13.81 ? 122 ALA A CA  1 
ATOM   726  C C   . ALA A 1 92  ? -6.035  8.957   -8.288  1.00 14.23 ? 122 ALA A C   1 
ATOM   727  O O   . ALA A 1 92  ? -6.615  9.305   -9.319  1.00 14.32 ? 122 ALA A O   1 
ATOM   728  C CB  . ALA A 1 92  ? -7.932  7.556   -7.418  1.00 14.19 ? 122 ALA A CB  1 
ATOM   729  N N   . LEU A 1 93  ? -4.707  8.913   -8.172  1.00 14.28 ? 123 LEU A N   1 
ATOM   730  C CA  . LEU A 1 93  ? -3.829  9.233   -9.295  1.00 14.85 ? 123 LEU A CA  1 
ATOM   731  C C   . LEU A 1 93  ? -3.861  8.120   -10.336 1.00 15.36 ? 123 LEU A C   1 
ATOM   732  O O   . LEU A 1 93  ? -3.642  8.360   -11.525 1.00 15.10 ? 123 LEU A O   1 
ATOM   733  C CB  . LEU A 1 93  ? -2.386  9.424   -8.824  1.00 14.97 ? 123 LEU A CB  1 
ATOM   734  C CG  . LEU A 1 93  ? -2.152  10.467  -7.731  1.00 15.39 ? 123 LEU A CG  1 
ATOM   735  C CD1 . LEU A 1 93  ? -0.671  10.653  -7.517  1.00 15.11 ? 123 LEU A CD1 1 
ATOM   736  C CD2 . LEU A 1 93  ? -2.805  11.778  -8.123  1.00 15.83 ? 123 LEU A CD2 1 
ATOM   737  N N   . GLN A 1 94  ? -4.101  6.900   -9.865  1.00 15.49 ? 124 GLN A N   1 
ATOM   738  C CA  . GLN A 1 94  ? -4.192  5.725   -10.724 1.00 16.39 ? 124 GLN A CA  1 
ATOM   739  C C   . GLN A 1 94  ? -5.163  4.753   -10.045 1.00 16.13 ? 124 GLN A C   1 
ATOM   740  O O   . GLN A 1 94  ? -5.276  4.746   -8.818  1.00 15.43 ? 124 GLN A O   1 
ATOM   741  C CB  . GLN A 1 94  ? -2.816  5.062   -10.867 1.00 17.78 ? 124 GLN A CB  1 
ATOM   742  C CG  . GLN A 1 94  ? -2.786  3.998   -11.944 1.00 20.12 ? 124 GLN A CG  1 
ATOM   743  C CD  . GLN A 1 94  ? -1.561  4.116   -12.819 1.00 21.15 ? 124 GLN A CD  1 
ATOM   744  O OE1 . GLN A 1 94  ? -0.945  5.174   -12.893 1.00 22.67 ? 124 GLN A OE1 1 
ATOM   745  N NE2 . GLN A 1 94  ? -1.219  3.044   -13.508 1.00 21.86 ? 124 GLN A NE2 1 
ATOM   746  N N   . GLU A 1 95  ? -5.887  3.960   -10.835 1.00 15.88 ? 125 GLU A N   1 
ATOM   747  C CA  . GLU A 1 95  ? -6.813  2.992   -10.246 1.00 16.02 ? 125 GLU A CA  1 
ATOM   748  C C   . GLU A 1 95  ? -7.168  1.890   -11.229 1.00 15.62 ? 125 GLU A C   1 
ATOM   749  O O   . GLU A 1 95  ? -7.251  2.120   -12.430 1.00 15.44 ? 125 GLU A O   1 
ATOM   750  C CB  . GLU A 1 95  ? -8.091  3.674   -9.750  1.00 17.18 ? 125 GLU A CB  1 
ATOM   751  C CG  . GLU A 1 95  ? -8.916  4.361   -10.838 1.00 18.75 ? 125 GLU A CG  1 
ATOM   752  C CD  . GLU A 1 95  ? -10.193 4.984   -10.286 1.00 19.72 ? 125 GLU A CD  1 
ATOM   753  O OE1 . GLU A 1 95  ? -11.232 4.285   -10.220 1.00 20.59 ? 125 GLU A OE1 1 
ATOM   754  O OE2 . GLU A 1 95  ? -10.153 6.177   -9.907  1.00 20.84 ? 125 GLU A OE2 1 
ATOM   755  N N   . ASP A 1 96  ? -7.369  0.688   -10.708 1.00 14.99 ? 126 ASP A N   1 
ATOM   756  C CA  . ASP A 1 96  ? -7.714  -0.446  -11.554 1.00 14.58 ? 126 ASP A CA  1 
ATOM   757  C C   . ASP A 1 96  ? -8.459  -1.553  -10.808 1.00 14.15 ? 126 ASP A C   1 
ATOM   758  O O   . ASP A 1 96  ? -8.187  -1.833  -9.642  1.00 13.36 ? 126 ASP A O   1 
ATOM   759  C CB  . ASP A 1 96  ? -6.460  -1.114  -12.130 1.00 14.74 ? 126 ASP A CB  1 
ATOM   760  C CG  . ASP A 1 96  ? -5.684  -0.225  -13.088 1.00 16.24 ? 126 ASP A CG  1 
ATOM   761  O OD1 . ASP A 1 96  ? -4.650  0.358   -12.675 1.00 16.07 ? 126 ASP A OD1 1 
ATOM   762  O OD2 . ASP A 1 96  ? -6.098  -0.114  -14.263 1.00 16.09 ? 126 ASP A OD2 1 
ATOM   763  N N   . THR A 1 97  ? -9.401  -2.176  -11.502 1.00 14.29 ? 127 THR A N   1 
ATOM   764  C CA  . THR A 1 97  ? -10.066 -3.340  -10.955 1.00 14.35 ? 127 THR A CA  1 
ATOM   765  C C   . THR A 1 97  ? -9.149  -4.430  -11.495 1.00 14.77 ? 127 THR A C   1 
ATOM   766  O O   . THR A 1 97  ? -9.082  -4.649  -12.720 1.00 14.89 ? 127 THR A O   1 
ATOM   767  C CB  . THR A 1 97  ? -11.474 -3.552  -11.524 1.00 14.27 ? 127 THR A CB  1 
ATOM   768  O OG1 . THR A 1 97  ? -12.371 -2.616  -10.918 1.00 14.09 ? 127 THR A OG1 1 
ATOM   769  C CG2 . THR A 1 97  ? -11.965 -4.942  -11.178 1.00 14.01 ? 127 THR A CG2 1 
ATOM   770  N N   . VAL A 1 98  ? -8.428  -5.096  -10.603 1.00 14.53 ? 128 VAL A N   1 
ATOM   771  C CA  . VAL A 1 98  ? -7.506  -6.155  -11.013 1.00 14.66 ? 128 VAL A CA  1 
ATOM   772  C C   . VAL A 1 98  ? -8.290  -7.466  -11.222 1.00 15.04 ? 128 VAL A C   1 
ATOM   773  O O   . VAL A 1 98  ? -7.992  -8.249  -12.128 1.00 14.89 ? 128 VAL A O   1 
ATOM   774  C CB  . VAL A 1 98  ? -6.415  -6.343  -9.957  1.00 14.18 ? 128 VAL A CB  1 
ATOM   775  C CG1 . VAL A 1 98  ? -5.648  -7.628  -10.226 1.00 14.00 ? 128 VAL A CG1 1 
ATOM   776  C CG2 . VAL A 1 98  ? -5.455  -5.127  -9.993  1.00 13.21 ? 128 VAL A CG2 1 
ATOM   777  N N   . GLN A 1 99  ? -9.299  -7.690  -10.386 1.00 15.19 ? 129 GLN A N   1 
ATOM   778  C CA  . GLN A 1 99  ? -10.133 -8.883  -10.526 1.00 16.17 ? 129 GLN A CA  1 
ATOM   779  C C   . GLN A 1 99  ? -11.531 -8.523  -10.053 1.00 15.67 ? 129 GLN A C   1 
ATOM   780  O O   . GLN A 1 99  ? -11.717 -8.128  -8.904  1.00 15.11 ? 129 GLN A O   1 
ATOM   781  C CB  . GLN A 1 99  ? -9.577  -10.054 -9.716  1.00 16.96 ? 129 GLN A CB  1 
ATOM   782  C CG  . GLN A 1 99  ? -10.251 -11.399 -10.060 1.00 19.35 ? 129 GLN A CG  1 
ATOM   783  C CD  . GLN A 1 99  ? -9.563  -12.587 -9.408  1.00 20.95 ? 129 GLN A CD  1 
ATOM   784  O OE1 . GLN A 1 99  ? -9.742  -12.848 -8.214  1.00 22.88 ? 129 GLN A OE1 1 
ATOM   785  N NE2 . GLN A 1 99  ? -8.745  -13.305 -10.182 1.00 22.16 ? 129 GLN A NE2 1 
ATOM   786  N N   . GLN A 1 100 ? -12.513 -8.637  -10.948 1.00 15.78 ? 130 GLN A N   1 
ATOM   787  C CA  . GLN A 1 100 ? -13.872 -8.272  -10.598 1.00 16.36 ? 130 GLN A CA  1 
ATOM   788  C C   . GLN A 1 100 ? -14.307 -8.942  -9.317  1.00 15.66 ? 130 GLN A C   1 
ATOM   789  O O   . GLN A 1 100 ? -14.050 -10.129 -9.083  1.00 14.92 ? 130 GLN A O   1 
ATOM   790  C CB  . GLN A 1 100 ? -14.843 -8.598  -11.740 1.00 17.99 ? 130 GLN A CB  1 
ATOM   791  C CG  . GLN A 1 100 ? -14.616 -7.749  -13.006 1.00 20.97 ? 130 GLN A CG  1 
ATOM   792  C CD  . GLN A 1 100 ? -14.859 -6.251  -12.798 1.00 22.51 ? 130 GLN A CD  1 
ATOM   793  O OE1 . GLN A 1 100 ? -15.757 -5.856  -12.044 1.00 24.87 ? 130 GLN A OE1 1 
ATOM   794  N NE2 . GLN A 1 100 ? -14.089 -5.412  -13.492 1.00 24.48 ? 130 GLN A NE2 1 
ATOM   795  N N   . GLY A 1 101 ? -14.920 -8.128  -8.467  1.00 15.39 ? 131 GLY A N   1 
ATOM   796  C CA  . GLY A 1 101 ? -15.419 -8.587  -7.192  1.00 14.91 ? 131 GLY A CA  1 
ATOM   797  C C   . GLY A 1 101 ? -14.433 -8.680  -6.048  1.00 14.55 ? 131 GLY A C   1 
ATOM   798  O O   . GLY A 1 101 ? -14.835 -8.485  -4.905  1.00 14.89 ? 131 GLY A O   1 
ATOM   799  N N   . THR A 1 102 ? -13.142 -8.905  -6.309  1.00 13.69 ? 132 THR A N   1 
ATOM   800  C CA  . THR A 1 102 ? -12.252 -9.069  -5.173  1.00 12.93 ? 132 THR A CA  1 
ATOM   801  C C   . THR A 1 102 ? -10.950 -8.286  -5.072  1.00 11.70 ? 132 THR A C   1 
ATOM   802  O O   . THR A 1 102 ? -10.427 -8.158  -3.973  1.00 11.75 ? 132 THR A O   1 
ATOM   803  C CB  . THR A 1 102 ? -11.882 -10.536 -4.991  1.00 13.29 ? 132 THR A CB  1 
ATOM   804  O OG1 . THR A 1 102 ? -11.151 -10.974 -6.140  1.00 14.36 ? 132 THR A OG1 1 
ATOM   805  C CG2 . THR A 1 102 ? -13.141 -11.404 -4.812  1.00 13.67 ? 132 THR A CG2 1 
ATOM   806  N N   . LYS A 1 103 ? -10.433 -7.761  -6.179  1.00 11.32 ? 133 LYS A N   1 
ATOM   807  C CA  . LYS A 1 103 ? -9.138  -7.079  -6.111  1.00 10.55 ? 133 LYS A CA  1 
ATOM   808  C C   . LYS A 1 103 ? -9.123  -5.741  -6.815  1.00 9.96  ? 133 LYS A C   1 
ATOM   809  O O   . LYS A 1 103 ? -9.398  -5.663  -8.010  1.00 9.47  ? 133 LYS A O   1 
ATOM   810  C CB  . LYS A 1 103 ? -8.046  -7.969  -6.701  1.00 11.02 ? 133 LYS A CB  1 
ATOM   811  C CG  . LYS A 1 103 ? -7.894  -9.307  -5.995  1.00 11.88 ? 133 LYS A CG  1 
ATOM   812  C CD  . LYS A 1 103 ? -6.875  -10.213 -6.689  1.00 11.83 ? 133 LYS A CD  1 
ATOM   813  C CE  . LYS A 1 103 ? -6.589  -11.441 -5.826  1.00 13.37 ? 133 LYS A CE  1 
ATOM   814  N NZ  . LYS A 1 103 ? -5.504  -12.290 -6.441  1.00 13.76 ? 133 LYS A NZ  1 
ATOM   815  N N   . PHE A 1 104 ? -8.771  -4.702  -6.054  1.00 9.60  ? 134 PHE A N   1 
ATOM   816  C CA  . PHE A 1 104 ? -8.735  -3.340  -6.575  1.00 9.49  ? 134 PHE A CA  1 
ATOM   817  C C   . PHE A 1 104 ? -7.455  -2.659  -6.112  1.00 9.19  ? 134 PHE A C   1 
ATOM   818  O O   . PHE A 1 104 ? -7.034  -2.849  -4.966  1.00 8.63  ? 134 PHE A O   1 
ATOM   819  C CB  . PHE A 1 104 ? -9.962  -2.573  -6.054  1.00 9.92  ? 134 PHE A CB  1 
ATOM   820  C CG  . PHE A 1 104 ? -10.262 -1.333  -6.838  1.00 10.02 ? 134 PHE A CG  1 
ATOM   821  C CD1 . PHE A 1 104 ? -11.142 -1.375  -7.910  1.00 10.47 ? 134 PHE A CD1 1 
ATOM   822  C CD2 . PHE A 1 104 ? -9.617  -0.130  -6.531  1.00 10.71 ? 134 PHE A CD2 1 
ATOM   823  C CE1 . PHE A 1 104 ? -11.392 -0.229  -8.689  1.00 10.90 ? 134 PHE A CE1 1 
ATOM   824  C CE2 . PHE A 1 104 ? -9.858  1.021   -7.293  1.00 10.62 ? 134 PHE A CE2 1 
ATOM   825  C CZ  . PHE A 1 104 ? -10.749 0.966   -8.377  1.00 10.61 ? 134 PHE A CZ  1 
ATOM   826  N N   . THR A 1 105 ? -6.838  -1.869  -6.999  1.00 9.34  ? 135 THR A N   1 
ATOM   827  C CA  . THR A 1 105 ? -5.605  -1.155  -6.672  1.00 9.48  ? 135 THR A CA  1 
ATOM   828  C C   . THR A 1 105 ? -5.642  0.313   -7.145  1.00 9.64  ? 135 THR A C   1 
ATOM   829  O O   . THR A 1 105 ? -6.341  0.648   -8.098  1.00 9.36  ? 135 THR A O   1 
ATOM   830  C CB  . THR A 1 105 ? -4.370  -1.820  -7.354  1.00 9.46  ? 135 THR A CB  1 
ATOM   831  O OG1 . THR A 1 105 ? -4.538  -1.810  -8.785  1.00 10.13 ? 135 THR A OG1 1 
ATOM   832  C CG2 . THR A 1 105 ? -4.222  -3.256  -6.902  1.00 8.76  ? 135 THR A CG2 1 
ATOM   833  N N   . GLY A 1 106 ? -4.866  1.167   -6.474  1.00 9.69  ? 136 GLY A N   1 
ATOM   834  C CA  . GLY A 1 106 ? -4.790  2.560   -6.879  1.00 9.73  ? 136 GLY A CA  1 
ATOM   835  C C   . GLY A 1 106 ? -3.681  3.289   -6.128  1.00 9.85  ? 136 GLY A C   1 
ATOM   836  O O   . GLY A 1 106 ? -3.114  2.742   -5.171  1.00 9.65  ? 136 GLY A O   1 
ATOM   837  N N   . LEU A 1 107 ? -3.329  4.480   -6.614  1.00 9.94  ? 137 LEU A N   1 
ATOM   838  C CA  . LEU A 1 107 ? -2.347  5.349   -5.957  1.00 10.36 ? 137 LEU A CA  1 
ATOM   839  C C   . LEU A 1 107 ? -3.220  6.520   -5.482  1.00 10.70 ? 137 LEU A C   1 
ATOM   840  O O   . LEU A 1 107 ? -4.054  7.022   -6.233  1.00 10.59 ? 137 LEU A O   1 
ATOM   841  C CB  . LEU A 1 107 ? -1.313  5.879   -6.940  1.00 10.63 ? 137 LEU A CB  1 
ATOM   842  C CG  . LEU A 1 107 ? -0.253  4.934   -7.481  1.00 10.67 ? 137 LEU A CG  1 
ATOM   843  C CD1 . LEU A 1 107 ? 0.618   5.759   -8.421  1.00 11.29 ? 137 LEU A CD1 1 
ATOM   844  C CD2 . LEU A 1 107 ? 0.584   4.354   -6.344  1.00 10.97 ? 137 LEU A CD2 1 
ATOM   845  N N   . VAL A 1 108 ? -3.006  6.967   -4.261  1.00 11.23 ? 138 VAL A N   1 
ATOM   846  C CA  . VAL A 1 108 ? -3.836  8.011   -3.669  1.00 11.90 ? 138 VAL A CA  1 
ATOM   847  C C   . VAL A 1 108 ? -2.989  9.153   -3.123  1.00 11.93 ? 138 VAL A C   1 
ATOM   848  O O   . VAL A 1 108 ? -1.878  8.930   -2.658  1.00 10.61 ? 138 VAL A O   1 
ATOM   849  C CB  . VAL A 1 108 ? -4.655  7.375   -2.521  1.00 12.53 ? 138 VAL A CB  1 
ATOM   850  C CG1 . VAL A 1 108 ? -5.319  8.449   -1.652  1.00 13.74 ? 138 VAL A CG1 1 
ATOM   851  C CG2 . VAL A 1 108 ? -5.715  6.425   -3.141  1.00 12.76 ? 138 VAL A CG2 1 
ATOM   852  N N   . MET A 1 109 ? -3.529  10.370  -3.185  1.00 12.33 ? 139 MET A N   1 
ATOM   853  C CA  . MET A 1 109 ? -2.797  11.526  -2.694  1.00 13.41 ? 139 MET A CA  1 
ATOM   854  C C   . MET A 1 109 ? -3.773  12.538  -2.127  1.00 12.84 ? 139 MET A C   1 
ATOM   855  O O   . MET A 1 109 ? -4.836  12.804  -2.710  1.00 12.92 ? 139 MET A O   1 
ATOM   856  C CB  . MET A 1 109 ? -2.024  12.180  -3.841  1.00 14.54 ? 139 MET A CB  1 
ATOM   857  C CG  . MET A 1 109 ? -1.049  13.289  -3.419  1.00 16.41 ? 139 MET A CG  1 
ATOM   858  S SD  . MET A 1 109 ? -0.240  13.977  -4.916  1.00 18.86 ? 139 MET A SD  1 
ATOM   859  C CE  . MET A 1 109 ? -1.658  14.460  -5.771  1.00 18.41 ? 139 MET A CE  1 
ATOM   860  N N   . GLU A 1 110 ? -3.416  13.084  -0.972  1.00 13.05 ? 140 GLU A N   1 
ATOM   861  C CA  . GLU A 1 110 ? -4.234  14.103  -0.322  1.00 12.94 ? 140 GLU A CA  1 
ATOM   862  C C   . GLU A 1 110 ? -4.258  15.340  -1.216  1.00 12.90 ? 140 GLU A C   1 
ATOM   863  O O   . GLU A 1 110 ? -3.239  15.670  -1.833  1.00 12.91 ? 140 GLU A O   1 
ATOM   864  C CB  . GLU A 1 110 ? -3.591  14.505  1.018   1.00 13.24 ? 140 GLU A CB  1 
ATOM   865  C CG  . GLU A 1 110 ? -3.984  15.911  1.525   1.00 13.25 ? 140 GLU A CG  1 
ATOM   866  C CD  . GLU A 1 110 ? -3.328  16.243  2.847   1.00 13.52 ? 140 GLU A CD  1 
ATOM   867  O OE1 . GLU A 1 110 ? -3.602  15.515  3.822   1.00 13.57 ? 140 GLU A OE1 1 
ATOM   868  O OE2 . GLU A 1 110 ? -2.539  17.223  2.913   1.00 13.84 ? 140 GLU A OE2 1 
ATOM   869  N N   . VAL A 1 111 ? -5.408  16.003  -1.313  1.00 12.17 ? 141 VAL A N   1 
ATOM   870  C CA  . VAL A 1 111 ? -5.459  17.265  -2.047  1.00 11.79 ? 141 VAL A CA  1 
ATOM   871  C C   . VAL A 1 111 ? -5.962  18.349  -1.086  1.00 11.45 ? 141 VAL A C   1 
ATOM   872  O O   . VAL A 1 111 ? -5.830  19.538  -1.363  1.00 11.55 ? 141 VAL A O   1 
ATOM   873  C CB  . VAL A 1 111 ? -6.338  17.196  -3.336  1.00 11.66 ? 141 VAL A CB  1 
ATOM   874  C CG1 . VAL A 1 111 ? -5.652  16.290  -4.356  1.00 12.31 ? 141 VAL A CG1 1 
ATOM   875  C CG2 . VAL A 1 111 ? -7.760  16.742  -3.027  1.00 12.06 ? 141 VAL A CG2 1 
ATOM   876  N N   . ALA A 1 112 ? -6.528  17.934  0.048   1.00 10.59 ? 142 ALA A N   1 
ATOM   877  C CA  . ALA A 1 112 ? -6.992  18.888  1.054   1.00 10.25 ? 142 ALA A CA  1 
ATOM   878  C C   . ALA A 1 112 ? -6.885  18.294  2.455   1.00 10.19 ? 142 ALA A C   1 
ATOM   879  O O   . ALA A 1 112 ? -7.060  17.076  2.635   1.00 9.79  ? 142 ALA A O   1 
ATOM   880  C CB  . ALA A 1 112 ? -8.430  19.321  0.780   1.00 9.93  ? 142 ALA A CB  1 
ATOM   881  N N   . ASN A 1 113 ? -6.551  19.130  3.438   1.00 9.96  ? 143 ASN A N   1 
ATOM   882  C CA  . ASN A 1 113 ? -6.499  18.613  4.805   1.00 9.80  ? 143 ASN A CA  1 
ATOM   883  C C   . ASN A 1 113 ? -7.282  19.543  5.738   1.00 10.00 ? 143 ASN A C   1 
ATOM   884  O O   . ASN A 1 113 ? -7.702  20.635  5.333   1.00 10.37 ? 143 ASN A O   1 
ATOM   885  C CB  . ASN A 1 113 ? -5.044  18.402  5.287   1.00 9.81  ? 143 ASN A CB  1 
ATOM   886  C CG  . ASN A 1 113 ? -4.201  19.659  5.253   1.00 9.64  ? 143 ASN A CG  1 
ATOM   887  O OD1 . ASN A 1 113 ? -4.604  20.731  5.723   1.00 9.87  ? 143 ASN A OD1 1 
ATOM   888  N ND2 . ASN A 1 113 ? -2.994  19.527  4.721   1.00 10.21 ? 143 ASN A ND2 1 
ATOM   889  N N   . LYS A 1 114 ? -7.508  19.114  6.976   1.00 10.16 ? 144 LYS A N   1 
ATOM   890  C CA  . LYS A 1 114 ? -8.300  19.917  7.912   1.00 10.18 ? 144 LYS A CA  1 
ATOM   891  C C   . LYS A 1 114 ? -7.737  21.263  8.321   1.00 10.16 ? 144 LYS A C   1 
ATOM   892  O O   . LYS A 1 114 ? -8.483  22.112  8.848   1.00 9.99  ? 144 LYS A O   1 
ATOM   893  C CB  . LYS A 1 114 ? -8.611  19.105  9.186   1.00 10.25 ? 144 LYS A CB  1 
ATOM   894  C CG  . LYS A 1 114 ? -7.385  18.733  10.019  1.00 11.24 ? 144 LYS A CG  1 
ATOM   895  C CD  . LYS A 1 114 ? -7.792  18.066  11.359  1.00 11.81 ? 144 LYS A CD  1 
ATOM   896  C CE  . LYS A 1 114 ? -8.822  18.925  12.113  1.00 12.22 ? 144 LYS A CE  1 
ATOM   897  N NZ  . LYS A 1 114 ? -9.405  18.254  13.337  1.00 12.35 ? 144 LYS A NZ  1 
ATOM   898  N N   . TRP A 1 115 ? -6.439  21.473  8.089   1.00 9.91  ? 145 TRP A N   1 
ATOM   899  C CA  . TRP A 1 115 ? -5.797  22.743  8.472   1.00 10.08 ? 145 TRP A CA  1 
ATOM   900  C C   . TRP A 1 115 ? -5.814  23.732  7.296   1.00 10.53 ? 145 TRP A C   1 
ATOM   901  O O   . TRP A 1 115 ? -5.347  24.865  7.424   1.00 9.76  ? 145 TRP A O   1 
ATOM   902  C CB  . TRP A 1 115 ? -4.354  22.482  8.912   1.00 9.62  ? 145 TRP A CB  1 
ATOM   903  C CG  . TRP A 1 115 ? -4.301  21.493  10.040  1.00 10.08 ? 145 TRP A CG  1 
ATOM   904  C CD1 . TRP A 1 115 ? -4.661  21.717  11.341  1.00 9.59  ? 145 TRP A CD1 1 
ATOM   905  C CD2 . TRP A 1 115 ? -3.990  20.099  9.939   1.00 10.48 ? 145 TRP A CD2 1 
ATOM   906  N NE1 . TRP A 1 115 ? -4.601  20.537  12.057  1.00 10.19 ? 145 TRP A NE1 1 
ATOM   907  C CE2 . TRP A 1 115 ? -4.194  19.531  11.218  1.00 10.50 ? 145 TRP A CE2 1 
ATOM   908  C CE3 . TRP A 1 115 ? -3.557  19.273  8.888   1.00 10.69 ? 145 TRP A CE3 1 
ATOM   909  C CZ2 . TRP A 1 115 ? -3.984  18.164  11.479  1.00 11.36 ? 145 TRP A CZ2 1 
ATOM   910  C CZ3 . TRP A 1 115 ? -3.346  17.915  9.147   1.00 11.06 ? 145 TRP A CZ3 1 
ATOM   911  C CH2 . TRP A 1 115 ? -3.563  17.377  10.434  1.00 10.79 ? 145 TRP A CH2 1 
ATOM   912  N N   . GLY A 1 116 ? -6.325  23.265  6.156   1.00 11.76 ? 146 GLY A N   1 
ATOM   913  C CA  . GLY A 1 116 ? -6.418  24.104  4.966   1.00 13.71 ? 146 GLY A CA  1 
ATOM   914  C C   . GLY A 1 116 ? -5.073  24.430  4.332   1.00 14.99 ? 146 GLY A C   1 
ATOM   915  O O   . GLY A 1 116 ? -4.942  25.428  3.629   1.00 15.24 ? 146 GLY A O   1 
ATOM   916  N N   . LYS A 1 117 ? -4.075  23.586  4.547   1.00 16.17 ? 147 LYS A N   1 
ATOM   917  C CA  . LYS A 1 117 ? -2.741  23.837  4.001   1.00 17.68 ? 147 LYS A CA  1 
ATOM   918  C C   . LYS A 1 117 ? -2.175  22.552  3.419   1.00 18.19 ? 147 LYS A C   1 
ATOM   919  O O   . LYS A 1 117 ? -1.313  21.904  4.020   1.00 17.91 ? 147 LYS A O   1 
ATOM   920  C CB  . LYS A 1 117 ? -1.806  24.358  5.100   1.00 18.30 ? 147 LYS A CB  1 
ATOM   921  C CG  . LYS A 1 117 ? -2.191  25.727  5.651   1.00 20.26 ? 147 LYS A CG  1 
ATOM   922  C CD  . LYS A 1 117 ? -1.764  26.837  4.677   1.00 21.59 ? 147 LYS A CD  1 
ATOM   923  C CE  . LYS A 1 117 ? -2.013  28.230  5.247   1.00 22.18 ? 147 LYS A CE  1 
ATOM   924  N NZ  . LYS A 1 117 ? -3.444  28.646  5.092   1.00 23.62 ? 147 LYS A NZ  1 
ATOM   925  N N   . PRO A 1 118 ? -2.656  22.159  2.234   1.00 18.99 ? 148 PRO A N   1 
ATOM   926  C CA  . PRO A 1 118 ? -2.139  20.923  1.636   1.00 19.75 ? 148 PRO A CA  1 
ATOM   927  C C   . PRO A 1 118 ? -0.653  20.965  1.246   1.00 20.56 ? 148 PRO A C   1 
ATOM   928  O O   . PRO A 1 118 ? -0.046  19.927  0.980   1.00 20.92 ? 148 PRO A O   1 
ATOM   929  C CB  . PRO A 1 118 ? -3.089  20.681  0.452   1.00 19.80 ? 148 PRO A CB  1 
ATOM   930  C CG  . PRO A 1 118 ? -3.572  22.043  0.086   1.00 19.33 ? 148 PRO A CG  1 
ATOM   931  C CD  . PRO A 1 118 ? -3.708  22.777  1.407   1.00 19.37 ? 148 PRO A CD  1 
ATOM   932  N N   . ASP A 1 119 ? -0.048  22.140  1.236   1.00 21.25 ? 149 ASP A N   1 
ATOM   933  C CA  . ASP A 1 119 ? 1.369   22.202  0.893   1.00 22.15 ? 149 ASP A CA  1 
ATOM   934  C C   . ASP A 1 119 ? 2.219   22.651  2.098   1.00 21.74 ? 149 ASP A C   1 
ATOM   935  O O   . ASP A 1 119 ? 3.337   23.139  1.948   1.00 21.77 ? 149 ASP A O   1 
ATOM   936  C CB  . ASP A 1 119 ? 1.550   23.121  -0.316  1.00 23.70 ? 149 ASP A CB  1 
ATOM   937  C CG  . ASP A 1 119 ? 0.740   22.643  -1.544  1.00 25.31 ? 149 ASP A CG  1 
ATOM   938  O OD1 . ASP A 1 119 ? 1.064   21.558  -2.093  1.00 26.02 ? 149 ASP A OD1 1 
ATOM   939  O OD2 . ASP A 1 119 ? -0.229  23.346  -1.960  1.00 26.16 ? 149 ASP A OD2 1 
ATOM   940  N N   . LEU A 1 120 ? 1.690   22.447  3.305   1.00 21.44 ? 150 LEU A N   1 
ATOM   941  C CA  . LEU A 1 120 ? 2.381   22.833  4.538   1.00 20.87 ? 150 LEU A CA  1 
ATOM   942  C C   . LEU A 1 120 ? 3.660   22.003  4.756   1.00 20.06 ? 150 LEU A C   1 
ATOM   943  O O   . LEU A 1 120 ? 4.629   22.485  5.345   1.00 19.93 ? 150 LEU A O   1 
ATOM   944  C CB  . LEU A 1 120 ? 1.449   22.643  5.727   1.00 21.92 ? 150 LEU A CB  1 
ATOM   945  C CG  . LEU A 1 120 ? 1.544   23.561  6.953   1.00 22.87 ? 150 LEU A CG  1 
ATOM   946  C CD1 . LEU A 1 120 ? 1.171   25.006  6.613   1.00 23.23 ? 150 LEU A CD1 1 
ATOM   947  C CD2 . LEU A 1 120 ? 0.572   23.000  7.988   1.00 23.65 ? 150 LEU A CD2 1 
ATOM   948  N N   . ALA A 1 121 ? 3.656   20.755  4.296   1.00 18.73 ? 151 ALA A N   1 
ATOM   949  C CA  . ALA A 1 121 ? 4.838   19.907  4.435   1.00 17.52 ? 151 ALA A CA  1 
ATOM   950  C C   . ALA A 1 121 ? 4.947   18.912  3.284   1.00 16.55 ? 151 ALA A C   1 
ATOM   951  O O   . ALA A 1 121 ? 4.187   18.947  2.324   1.00 16.45 ? 151 ALA A O   1 
ATOM   952  C CB  . ALA A 1 121 ? 4.799   19.155  5.790   1.00 17.57 ? 151 ALA A CB  1 
ATOM   953  N N   . GLN A 1 122 ? 5.913   18.015  3.399   1.00 15.73 ? 152 GLN A N   1 
ATOM   954  C CA  . GLN A 1 122 ? 6.157   17.001  2.382   1.00 14.89 ? 152 GLN A CA  1 
ATOM   955  C C   . GLN A 1 122 ? 4.889   16.219  1.989   1.00 14.73 ? 152 GLN A C   1 
ATOM   956  O O   . GLN A 1 122 ? 4.079   15.871  2.849   1.00 14.66 ? 152 GLN A O   1 
ATOM   957  C CB  . GLN A 1 122 ? 7.221   16.040  2.920   1.00 14.60 ? 152 GLN A CB  1 
ATOM   958  C CG  . GLN A 1 122 ? 7.398   14.763  2.144   1.00 14.12 ? 152 GLN A CG  1 
ATOM   959  C CD  . GLN A 1 122 ? 8.456   13.897  2.780   1.00 13.73 ? 152 GLN A CD  1 
ATOM   960  O OE1 . GLN A 1 122 ? 8.479   13.729  4.019   1.00 13.34 ? 152 GLN A OE1 1 
ATOM   961  N NE2 . GLN A 1 122 ? 9.337   13.335  1.954   1.00 13.32 ? 152 GLN A NE2 1 
ATOM   962  N N   . THR A 1 123 ? 4.748   15.944  0.688   1.00 14.56 ? 153 THR A N   1 
ATOM   963  C CA  . THR A 1 123 ? 3.613   15.178  0.149   1.00 14.54 ? 153 THR A CA  1 
ATOM   964  C C   . THR A 1 123 ? 3.928   13.689  0.267   1.00 13.49 ? 153 THR A C   1 
ATOM   965  O O   . THR A 1 123 ? 5.070   13.295  0.116   1.00 12.80 ? 153 THR A O   1 
ATOM   966  C CB  . THR A 1 123 ? 3.418   15.442  -1.362  1.00 14.88 ? 153 THR A CB  1 
ATOM   967  O OG1 . THR A 1 123 ? 3.170   16.831  -1.574  1.00 16.62 ? 153 THR A OG1 1 
ATOM   968  C CG2 . THR A 1 123 ? 2.231   14.640  -1.907  1.00 15.70 ? 153 THR A CG2 1 
ATOM   969  N N   . VAL A 1 124 ? 2.911   12.877  0.527   1.00 12.90 ? 154 VAL A N   1 
ATOM   970  C CA  . VAL A 1 124 ? 3.092   11.429  0.602   1.00 12.41 ? 154 VAL A CA  1 
ATOM   971  C C   . VAL A 1 124 ? 2.032   10.779  -0.307  1.00 11.92 ? 154 VAL A C   1 
ATOM   972  O O   . VAL A 1 124 ? 0.843   11.088  -0.187  1.00 12.36 ? 154 VAL A O   1 
ATOM   973  C CB  . VAL A 1 124 ? 2.903   10.902  2.054   1.00 12.30 ? 154 VAL A CB  1 
ATOM   974  C CG1 . VAL A 1 124 ? 3.009   9.353   2.082   1.00 12.83 ? 154 VAL A CG1 1 
ATOM   975  C CG2 . VAL A 1 124 ? 3.992   11.496  2.979   1.00 12.59 ? 154 VAL A CG2 1 
ATOM   976  N N   . VAL A 1 125 ? 2.459   9.932   -1.235  1.00 10.64 ? 155 VAL A N   1 
ATOM   977  C CA  . VAL A 1 125 ? 1.513   9.225   -2.097  1.00 10.34 ? 155 VAL A CA  1 
ATOM   978  C C   . VAL A 1 125 ? 1.371   7.874   -1.420  1.00 9.69  ? 155 VAL A C   1 
ATOM   979  O O   . VAL A 1 125 ? 2.330   7.401   -0.801  1.00 9.49  ? 155 VAL A O   1 
ATOM   980  C CB  . VAL A 1 125 ? 2.064   9.061   -3.539  1.00 10.81 ? 155 VAL A CB  1 
ATOM   981  C CG1 . VAL A 1 125 ? 1.250   7.974   -4.319  1.00 11.11 ? 155 VAL A CG1 1 
ATOM   982  C CG2 . VAL A 1 125 ? 1.917   10.401  -4.271  1.00 10.94 ? 155 VAL A CG2 1 
ATOM   983  N N   . ILE A 1 126 ? 0.192   7.261   -1.499  1.00 9.34  ? 156 ILE A N   1 
ATOM   984  C CA  . ILE A 1 126 ? 0.022   5.967   -0.857  1.00 9.39  ? 156 ILE A CA  1 
ATOM   985  C C   . ILE A 1 126 ? -0.569  4.998   -1.852  1.00 8.72  ? 156 ILE A C   1 
ATOM   986  O O   . ILE A 1 126 ? -1.602  5.283   -2.463  1.00 9.03  ? 156 ILE A O   1 
ATOM   987  C CB  . ILE A 1 126 ? -0.942  6.054   0.379   1.00 10.19 ? 156 ILE A CB  1 
ATOM   988  C CG1 . ILE A 1 126 ? -0.460  7.129   1.377   1.00 10.89 ? 156 ILE A CG1 1 
ATOM   989  C CG2 . ILE A 1 126 ? -0.988  4.686   1.095   1.00 9.43  ? 156 ILE A CG2 1 
ATOM   990  C CD1 . ILE A 1 126 ? -1.537  7.545   2.392   1.00 11.81 ? 156 ILE A CD1 1 
ATOM   991  N N   . GLY A 1 127 ? 0.104   3.874   -2.066  1.00 8.17  ? 157 GLY A N   1 
ATOM   992  C CA  . GLY A 1 127 ? -0.461  2.896   -2.977  1.00 7.66  ? 157 GLY A CA  1 
ATOM   993  C C   . GLY A 1 127 ? -1.412  2.103   -2.096  1.00 7.31  ? 157 GLY A C   1 
ATOM   994  O O   . GLY A 1 127 ? -1.038  1.711   -1.001  1.00 7.16  ? 157 GLY A O   1 
ATOM   995  N N   . VAL A 1 128 ? -2.643  1.874   -2.533  1.00 6.85  ? 158 VAL A N   1 
ATOM   996  C CA  . VAL A 1 128 ? -3.558  1.103   -1.686  1.00 6.75  ? 158 VAL A CA  1 
ATOM   997  C C   . VAL A 1 128 ? -4.213  -0.011  -2.494  1.00 6.56  ? 158 VAL A C   1 
ATOM   998  O O   . VAL A 1 128 ? -4.739  0.242   -3.579  1.00 5.78  ? 158 VAL A O   1 
ATOM   999  C CB  . VAL A 1 128 ? -4.688  1.983   -1.113  1.00 6.53  ? 158 VAL A CB  1 
ATOM   1000 C CG1 . VAL A 1 128 ? -5.624  1.135   -0.223  1.00 6.71  ? 158 VAL A CG1 1 
ATOM   1001 C CG2 . VAL A 1 128 ? -4.091  3.135   -0.301  1.00 6.86  ? 158 VAL A CG2 1 
ATOM   1002 N N   . ALA A 1 129 ? -4.175  -1.234  -1.967  1.00 6.58  ? 159 ALA A N   1 
ATOM   1003 C CA  . ALA A 1 129 ? -4.827  -2.346  -2.641  1.00 7.14  ? 159 ALA A CA  1 
ATOM   1004 C C   . ALA A 1 129 ? -5.813  -3.004  -1.693  1.00 7.56  ? 159 ALA A C   1 
ATOM   1005 O O   . ALA A 1 129 ? -5.583  -3.059  -0.487  1.00 7.73  ? 159 ALA A O   1 
ATOM   1006 C CB  . ALA A 1 129 ? -3.809  -3.368  -3.107  1.00 7.20  ? 159 ALA A CB  1 
ATOM   1007 N N   . LEU A 1 130 ? -6.928  -3.477  -2.248  1.00 8.16  ? 160 LEU A N   1 
ATOM   1008 C CA  . LEU A 1 130 ? -7.935  -4.177  -1.461  1.00 8.29  ? 160 LEU A CA  1 
ATOM   1009 C C   . LEU A 1 130 ? -8.069  -5.559  -2.072  1.00 8.34  ? 160 LEU A C   1 
ATOM   1010 O O   . LEU A 1 130 ? -8.168  -5.680  -3.290  1.00 8.10  ? 160 LEU A O   1 
ATOM   1011 C CB  . LEU A 1 130 ? -9.282  -3.461  -1.559  1.00 8.31  ? 160 LEU A CB  1 
ATOM   1012 C CG  . LEU A 1 130 ? -10.485 -4.255  -1.028  1.00 8.29  ? 160 LEU A CG  1 
ATOM   1013 C CD1 . LEU A 1 130 ? -10.319 -4.604  0.492   1.00 8.28  ? 160 LEU A CD1 1 
ATOM   1014 C CD2 . LEU A 1 130 ? -11.750 -3.406  -1.253  1.00 8.01  ? 160 LEU A CD2 1 
ATOM   1015 N N   . ILE A 1 131 ? -8.034  -6.591  -1.231  1.00 8.63  ? 161 ILE A N   1 
ATOM   1016 C CA  . ILE A 1 131 ? -8.215  -7.973  -1.666  1.00 8.58  ? 161 ILE A CA  1 
ATOM   1017 C C   . ILE A 1 131 ? -9.331  -8.469  -0.744  1.00 8.82  ? 161 ILE A C   1 
ATOM   1018 O O   . ILE A 1 131 ? -9.121  -8.619  0.458   1.00 8.62  ? 161 ILE A O   1 
ATOM   1019 C CB  . ILE A 1 131 ? -6.947  -8.826  -1.434  1.00 8.68  ? 161 ILE A CB  1 
ATOM   1020 C CG1 . ILE A 1 131 ? -5.809  -8.298  -2.315  1.00 8.39  ? 161 ILE A CG1 1 
ATOM   1021 C CG2 . ILE A 1 131 ? -7.239  -10.278 -1.801  1.00 9.52  ? 161 ILE A CG2 1 
ATOM   1022 C CD1 . ILE A 1 131 ? -4.407  -8.877  -2.009  1.00 7.64  ? 161 ILE A CD1 1 
ATOM   1023 N N   . ARG A 1 132 ? -10.510 -8.705  -1.306  1.00 8.94  ? 162 ARG A N   1 
ATOM   1024 C CA  . ARG A 1 132 ? -11.641 -9.143  -0.489  1.00 9.58  ? 162 ARG A CA  1 
ATOM   1025 C C   . ARG A 1 132 ? -11.686 -10.658 -0.314  1.00 9.99  ? 162 ARG A C   1 
ATOM   1026 O O   . ARG A 1 132 ? -11.869 -11.384 -1.293  1.00 10.10 ? 162 ARG A O   1 
ATOM   1027 C CB  . ARG A 1 132 ? -12.944 -8.658  -1.140  1.00 9.77  ? 162 ARG A CB  1 
ATOM   1028 C CG  . ARG A 1 132 ? -12.885 -7.186  -1.631  1.00 9.58  ? 162 ARG A CG  1 
ATOM   1029 C CD  . ARG A 1 132 ? -14.284 -6.564  -1.690  1.00 9.62  ? 162 ARG A CD  1 
ATOM   1030 N NE  . ARG A 1 132 ? -14.751 -6.224  -0.347  1.00 10.18 ? 162 ARG A NE  1 
ATOM   1031 C CZ  . ARG A 1 132 ? -15.976 -5.779  -0.063  1.00 10.47 ? 162 ARG A CZ  1 
ATOM   1032 N NH1 . ARG A 1 132 ? -16.880 -5.629  -1.026  1.00 10.28 ? 162 ARG A NH1 1 
ATOM   1033 N NH2 . ARG A 1 132 ? -16.279 -5.430  1.187   1.00 10.85 ? 162 ARG A NH2 1 
ATOM   1034 N N   . LEU A 1 133 ? -11.492 -11.132 0.916   1.00 10.26 ? 163 LEU A N   1 
ATOM   1035 C CA  . LEU A 1 133 ? -11.582 -12.562 1.203   1.00 10.94 ? 163 LEU A CA  1 
ATOM   1036 C C   . LEU A 1 133 ? -12.975 -12.773 1.812   1.00 11.81 ? 163 LEU A C   1 
ATOM   1037 O O   . LEU A 1 133 ? -13.137 -13.004 3.017   1.00 11.92 ? 163 LEU A O   1 
ATOM   1038 C CB  . LEU A 1 133 ? -10.494 -12.981 2.183   1.00 11.08 ? 163 LEU A CB  1 
ATOM   1039 C CG  . LEU A 1 133 ? -9.070  -12.758 1.649   1.00 10.96 ? 163 LEU A CG  1 
ATOM   1040 C CD1 . LEU A 1 133 ? -8.076  -13.264 2.699   1.00 11.22 ? 163 LEU A CD1 1 
ATOM   1041 C CD2 . LEU A 1 133 ? -8.862  -13.516 0.322   1.00 11.34 ? 163 LEU A CD2 1 
ATOM   1042 N N   . THR A 1 134 ? -13.975 -12.646 0.938   1.00 12.05 ? 164 THR A N   1 
ATOM   1043 C CA  . THR A 1 134 ? -15.387 -12.752 1.288   1.00 13.03 ? 164 THR A CA  1 
ATOM   1044 C C   . THR A 1 134 ? -15.724 -14.004 2.095   1.00 13.56 ? 164 THR A C   1 
ATOM   1045 O O   . THR A 1 134 ? -16.500 -13.944 3.058   1.00 14.15 ? 164 THR A O   1 
ATOM   1046 C CB  . THR A 1 134 ? -16.215 -12.690 -0.004  1.00 12.70 ? 164 THR A CB  1 
ATOM   1047 O OG1 . THR A 1 134 ? -15.808 -11.524 -0.747  1.00 13.44 ? 164 THR A OG1 1 
ATOM   1048 C CG2 . THR A 1 134 ? -17.687 -12.613 0.305   1.00 12.54 ? 164 THR A CG2 1 
ATOM   1049 N N   . GLN A 1 135 ? -15.088 -15.101 1.723   1.00 14.27 ? 165 GLN A N   1 
ATOM   1050 C CA  . GLN A 1 135 ? -15.250 -16.410 2.360   1.00 15.01 ? 165 GLN A CA  1 
ATOM   1051 C C   . GLN A 1 135 ? -14.865 -16.390 3.848   1.00 14.96 ? 165 GLN A C   1 
ATOM   1052 O O   . GLN A 1 135 ? -15.322 -17.227 4.632   1.00 14.60 ? 165 GLN A O   1 
ATOM   1053 C CB  . GLN A 1 135 ? -14.354 -17.415 1.621   1.00 15.85 ? 165 GLN A CB  1 
ATOM   1054 C CG  . GLN A 1 135 ? -14.428 -18.817 2.132   1.00 17.97 ? 165 GLN A CG  1 
ATOM   1055 C CD  . GLN A 1 135 ? -13.624 -19.823 1.308   1.00 18.75 ? 165 GLN A CD  1 
ATOM   1056 O OE1 . GLN A 1 135 ? -13.825 -21.041 1.443   1.00 19.72 ? 165 GLN A OE1 1 
ATOM   1057 N NE2 . GLN A 1 135 ? -12.698 -19.333 0.475   1.00 19.11 ? 165 GLN A NE2 1 
ATOM   1058 N N   . PHE A 1 136 ? -14.012 -15.441 4.230   1.00 14.98 ? 166 PHE A N   1 
ATOM   1059 C CA  . PHE A 1 136 ? -13.545 -15.327 5.610   1.00 15.16 ? 166 PHE A CA  1 
ATOM   1060 C C   . PHE A 1 136 ? -13.883 -13.984 6.247   1.00 15.45 ? 166 PHE A C   1 
ATOM   1061 O O   . PHE A 1 136 ? -13.295 -13.617 7.266   1.00 15.39 ? 166 PHE A O   1 
ATOM   1062 C CB  . PHE A 1 136 ? -12.035 -15.541 5.674   1.00 15.26 ? 166 PHE A CB  1 
ATOM   1063 C CG  . PHE A 1 136 ? -11.585 -16.821 5.035   1.00 15.24 ? 166 PHE A CG  1 
ATOM   1064 C CD1 . PHE A 1 136 ? -10.796 -16.798 3.901   1.00 15.17 ? 166 PHE A CD1 1 
ATOM   1065 C CD2 . PHE A 1 136 ? -11.992 -18.052 5.548   1.00 15.09 ? 166 PHE A CD2 1 
ATOM   1066 C CE1 . PHE A 1 136 ? -10.413 -17.977 3.266   1.00 15.70 ? 166 PHE A CE1 1 
ATOM   1067 C CE2 . PHE A 1 136 ? -11.611 -19.251 4.917   1.00 15.18 ? 166 PHE A CE2 1 
ATOM   1068 C CZ  . PHE A 1 136 ? -10.824 -19.210 3.776   1.00 15.09 ? 166 PHE A CZ  1 
ATOM   1069 N N   . ASP A 1 137 ? -14.807 -13.260 5.630   1.00 15.55 ? 167 ASP A N   1 
ATOM   1070 C CA  . ASP A 1 137 ? -15.254 -11.963 6.121   1.00 16.14 ? 167 ASP A CA  1 
ATOM   1071 C C   . ASP A 1 137 ? -14.046 -11.088 6.437   1.00 15.35 ? 167 ASP A C   1 
ATOM   1072 O O   . ASP A 1 137 ? -13.994 -10.428 7.476   1.00 15.17 ? 167 ASP A O   1 
ATOM   1073 C CB  . ASP A 1 137 ? -16.062 -12.148 7.390   1.00 18.30 ? 167 ASP A CB  1 
ATOM   1074 C CG  . ASP A 1 137 ? -17.310 -11.353 7.370   1.00 20.12 ? 167 ASP A CG  1 
ATOM   1075 O OD1 . ASP A 1 137 ? -18.249 -11.713 6.591   1.00 21.14 ? 167 ASP A OD1 1 
ATOM   1076 O OD2 . ASP A 1 137 ? -17.338 -10.344 8.112   1.00 21.90 ? 167 ASP A OD2 1 
ATOM   1077 N N   . THR A 1 138 ? -13.067 -11.120 5.546   1.00 14.37 ? 168 THR A N   1 
ATOM   1078 C CA  . THR A 1 138 ? -11.870 -10.325 5.749   1.00 13.15 ? 168 THR A CA  1 
ATOM   1079 C C   . THR A 1 138 ? -11.568 -9.488  4.516   1.00 12.51 ? 168 THR A C   1 
ATOM   1080 O O   . THR A 1 138 ? -11.614 -9.997  3.403   1.00 11.89 ? 168 THR A O   1 
ATOM   1081 C CB  . THR A 1 138 ? -10.668 -11.237 6.042   1.00 13.36 ? 168 THR A CB  1 
ATOM   1082 O OG1 . THR A 1 138 ? -10.906 -11.958 7.259   1.00 13.85 ? 168 THR A OG1 1 
ATOM   1083 C CG2 . THR A 1 138 ? -9.392  -10.426 6.163   1.00 12.94 ? 168 THR A CG2 1 
ATOM   1084 N N   . ASP A 1 139 ? -11.284 -8.202  4.727   1.00 11.52 ? 169 ASP A N   1 
ATOM   1085 C CA  . ASP A 1 139 ? -10.888 -7.296  3.645   1.00 10.87 ? 169 ASP A CA  1 
ATOM   1086 C C   . ASP A 1 139 ? -9.386  -7.066  3.901   1.00 10.11 ? 169 ASP A C   1 
ATOM   1087 O O   . ASP A 1 139 ? -9.013  -6.504  4.942   1.00 9.67  ? 169 ASP A O   1 
ATOM   1088 C CB  . ASP A 1 139 ? -11.618 -5.939  3.737   1.00 11.26 ? 169 ASP A CB  1 
ATOM   1089 C CG  . ASP A 1 139 ? -12.877 -5.888  2.872   1.00 12.02 ? 169 ASP A CG  1 
ATOM   1090 O OD1 . ASP A 1 139 ? -13.061 -6.824  2.043   1.00 11.76 ? 169 ASP A OD1 1 
ATOM   1091 O OD2 . ASP A 1 139 ? -13.667 -4.908  3.004   1.00 12.10 ? 169 ASP A OD2 1 
ATOM   1092 N N   . VAL A 1 140 ? -8.539  -7.571  3.002   1.00 9.46  ? 170 VAL A N   1 
ATOM   1093 C CA  . VAL A 1 140 ? -7.088  -7.372  3.148   1.00 8.64  ? 170 VAL A CA  1 
ATOM   1094 C C   . VAL A 1 140 ? -6.730  -6.018  2.529   1.00 8.66  ? 170 VAL A C   1 
ATOM   1095 O O   . VAL A 1 140 ? -7.022  -5.791  1.352   1.00 8.48  ? 170 VAL A O   1 
ATOM   1096 C CB  . VAL A 1 140 ? -6.298  -8.435  2.402   1.00 8.88  ? 170 VAL A CB  1 
ATOM   1097 C CG1 . VAL A 1 140 ? -4.777  -8.200  2.609   1.00 7.77  ? 170 VAL A CG1 1 
ATOM   1098 C CG2 . VAL A 1 140 ? -6.720  -9.825  2.893   1.00 8.43  ? 170 VAL A CG2 1 
ATOM   1099 N N   . VAL A 1 141 ? -6.087  -5.135  3.302   1.00 8.14  ? 171 VAL A N   1 
ATOM   1100 C CA  . VAL A 1 141 ? -5.695  -3.824  2.772   1.00 7.98  ? 171 VAL A CA  1 
ATOM   1101 C C   . VAL A 1 141 ? -4.161  -3.726  2.777   1.00 8.38  ? 171 VAL A C   1 
ATOM   1102 O O   . VAL A 1 141 ? -3.522  -3.887  3.807   1.00 8.07  ? 171 VAL A O   1 
ATOM   1103 C CB  . VAL A 1 141 ? -6.322  -2.650  3.579   1.00 8.23  ? 171 VAL A CB  1 
ATOM   1104 C CG1 . VAL A 1 141 ? -5.867  -1.290  3.009   1.00 8.05  ? 171 VAL A CG1 1 
ATOM   1105 C CG2 . VAL A 1 141 ? -7.862  -2.734  3.507   1.00 8.08  ? 171 VAL A CG2 1 
ATOM   1106 N N   . ILE A 1 142 ? -3.587  -3.500  1.600   1.00 8.70  ? 172 ILE A N   1 
ATOM   1107 C CA  . ILE A 1 142 ? -2.134  -3.376  1.481   1.00 8.69  ? 172 ILE A CA  1 
ATOM   1108 C C   . ILE A 1 142 ? -1.849  -1.907  1.200   1.00 8.90  ? 172 ILE A C   1 
ATOM   1109 O O   . ILE A 1 142 ? -2.418  -1.348  0.246   1.00 9.08  ? 172 ILE A O   1 
ATOM   1110 C CB  . ILE A 1 142 ? -1.567  -4.223  0.312   1.00 9.24  ? 172 ILE A CB  1 
ATOM   1111 C CG1 . ILE A 1 142 ? -1.889  -5.713  0.527   1.00 9.43  ? 172 ILE A CG1 1 
ATOM   1112 C CG2 . ILE A 1 142 ? -0.036  -4.074  0.260   1.00 9.19  ? 172 ILE A CG2 1 
ATOM   1113 C CD1 . ILE A 1 142 ? -1.228  -6.690  -0.498  1.00 10.34 ? 172 ILE A CD1 1 
ATOM   1114 N N   . SER A 1 143 ? -1.020  -1.266  2.036   1.00 8.70  ? 173 SER A N   1 
ATOM   1115 C CA  . SER A 1 143 ? -0.682  0.145   1.809   1.00 8.55  ? 173 SER A CA  1 
ATOM   1116 C C   . SER A 1 143 ? 0.826   0.299   1.662   1.00 8.29  ? 173 SER A C   1 
ATOM   1117 O O   . SER A 1 143 ? 1.599   -0.371  2.349   1.00 8.42  ? 173 SER A O   1 
ATOM   1118 C CB  . SER A 1 143 ? -1.197  1.066   2.946   1.00 8.40  ? 173 SER A CB  1 
ATOM   1119 O OG  . SER A 1 143 ? -0.896  0.603   4.261   1.00 10.01 ? 173 SER A OG  1 
ATOM   1120 N N   . ILE A 1 144 ? 1.237   1.147   0.725   1.00 8.38  ? 174 ILE A N   1 
ATOM   1121 C CA  . ILE A 1 144 ? 2.653   1.391   0.513   1.00 7.96  ? 174 ILE A CA  1 
ATOM   1122 C C   . ILE A 1 144 ? 2.805   2.902   0.546   1.00 8.56  ? 174 ILE A C   1 
ATOM   1123 O O   . ILE A 1 144 ? 2.258   3.602   -0.299  1.00 8.07  ? 174 ILE A O   1 
ATOM   1124 C CB  . ILE A 1 144 ? 3.153   0.837   -0.848  1.00 7.38  ? 174 ILE A CB  1 
ATOM   1125 C CG1 . ILE A 1 144 ? 2.856   -0.673  -0.953  1.00 6.81  ? 174 ILE A CG1 1 
ATOM   1126 C CG2 . ILE A 1 144 ? 4.693   1.102   -0.967  1.00 6.64  ? 174 ILE A CG2 1 
ATOM   1127 C CD1 . ILE A 1 144 ? 3.321   -1.361  -2.290  1.00 6.38  ? 174 ILE A CD1 1 
ATOM   1128 N N   . ASN A 1 145 ? 3.562   3.391   1.530   1.00 9.24  ? 175 ASN A N   1 
ATOM   1129 C CA  . ASN A 1 145 ? 3.782   4.818   1.698   1.00 10.07 ? 175 ASN A CA  1 
ATOM   1130 C C   . ASN A 1 145 ? 5.006   5.290   0.918   1.00 9.78  ? 175 ASN A C   1 
ATOM   1131 O O   . ASN A 1 145 ? 6.058   4.661   0.987   1.00 9.08  ? 175 ASN A O   1 
ATOM   1132 C CB  . ASN A 1 145 ? 3.968   5.133   3.177   1.00 11.97 ? 175 ASN A CB  1 
ATOM   1133 C CG  . ASN A 1 145 ? 2.848   4.607   3.997   1.00 13.86 ? 175 ASN A CG  1 
ATOM   1134 O OD1 . ASN A 1 145 ? 1.695   5.054   3.856   1.00 16.13 ? 175 ASN A OD1 1 
ATOM   1135 N ND2 . ASN A 1 145 ? 3.146   3.630   4.860   1.00 15.40 ? 175 ASN A ND2 1 
ATOM   1136 N N   . VAL A 1 146 ? 4.844   6.396   0.187   1.00 9.36  ? 176 VAL A N   1 
ATOM   1137 C CA  . VAL A 1 146 ? 5.911   6.967   -0.611  1.00 9.41  ? 176 VAL A CA  1 
ATOM   1138 C C   . VAL A 1 146 ? 6.095   8.456   -0.276  1.00 9.52  ? 176 VAL A C   1 
ATOM   1139 O O   . VAL A 1 146 ? 5.413   9.321   -0.836  1.00 9.04  ? 176 VAL A O   1 
ATOM   1140 C CB  . VAL A 1 146 ? 5.588   6.835   -2.129  1.00 9.43  ? 176 VAL A CB  1 
ATOM   1141 C CG1 . VAL A 1 146 ? 6.851   7.110   -2.963  1.00 9.42  ? 176 VAL A CG1 1 
ATOM   1142 C CG2 . VAL A 1 146 ? 4.979   5.441   -2.421  1.00 9.34  ? 176 VAL A CG2 1 
ATOM   1143 N N   . PRO A 1 147 ? 7.016   8.773   0.655   1.00 9.57  ? 177 PRO A N   1 
ATOM   1144 C CA  . PRO A 1 147 ? 7.251   10.179  1.023   1.00 9.84  ? 177 PRO A CA  1 
ATOM   1145 C C   . PRO A 1 147 ? 7.985   10.784  -0.172  1.00 10.16 ? 177 PRO A C   1 
ATOM   1146 O O   . PRO A 1 147 ? 9.121   10.392  -0.460  1.00 10.64 ? 177 PRO A O   1 
ATOM   1147 C CB  . PRO A 1 147 ? 8.145   10.086  2.277   1.00 9.69  ? 177 PRO A CB  1 
ATOM   1148 C CG  . PRO A 1 147 ? 7.857   8.630   2.819   1.00 9.65  ? 177 PRO A CG  1 
ATOM   1149 C CD  . PRO A 1 147 ? 7.758   7.845   1.531   1.00 9.87  ? 177 PRO A CD  1 
ATOM   1150 N N   . LEU A 1 148 ? 7.347   11.746  -0.850  1.00 10.40 ? 178 LEU A N   1 
ATOM   1151 C CA  . LEU A 1 148 ? 7.938   12.333  -2.055  1.00 11.18 ? 178 LEU A CA  1 
ATOM   1152 C C   . LEU A 1 148 ? 9.029   13.368  -1.819  1.00 11.96 ? 178 LEU A C   1 
ATOM   1153 O O   . LEU A 1 148 ? 9.023   14.073  -0.816  1.00 11.68 ? 178 LEU A O   1 
ATOM   1154 C CB  . LEU A 1 148 ? 6.867   13.000  -2.926  1.00 11.00 ? 178 LEU A CB  1 
ATOM   1155 C CG  . LEU A 1 148 ? 5.642   12.189  -3.359  1.00 10.80 ? 178 LEU A CG  1 
ATOM   1156 C CD1 . LEU A 1 148 ? 4.805   12.990  -4.351  1.00 11.00 ? 178 LEU A CD1 1 
ATOM   1157 C CD2 . LEU A 1 148 ? 6.121   10.877  -3.995  1.00 10.93 ? 178 LEU A CD2 1 
ATOM   1158 N N   . THR A 1 149 ? 9.937   13.470  -2.788  1.00 12.75 ? 179 THR A N   1 
ATOM   1159 C CA  . THR A 1 149 ? 11.012  14.442  -2.709  1.00 14.13 ? 179 THR A CA  1 
ATOM   1160 C C   . THR A 1 149 ? 10.357  15.751  -3.155  1.00 15.08 ? 179 THR A C   1 
ATOM   1161 O O   . THR A 1 149 ? 9.222   15.752  -3.639  1.00 14.61 ? 179 THR A O   1 
ATOM   1162 C CB  . THR A 1 149 ? 12.150  14.115  -3.708  1.00 13.88 ? 179 THR A CB  1 
ATOM   1163 O OG1 . THR A 1 149 ? 11.629  14.166  -5.042  1.00 13.30 ? 179 THR A OG1 1 
ATOM   1164 C CG2 . THR A 1 149 ? 12.729  12.730  -3.465  1.00 13.35 ? 179 THR A CG2 1 
ATOM   1165 N N   . LYS A 1 150 ? 11.058  16.866  -2.977  1.00 16.89 ? 180 LYS A N   1 
ATOM   1166 C CA  . LYS A 1 150 ? 10.526  18.158  -3.415  1.00 18.57 ? 180 LYS A CA  1 
ATOM   1167 C C   . LYS A 1 150 ? 10.248  18.099  -4.922  1.00 19.24 ? 180 LYS A C   1 
ATOM   1168 O O   . LYS A 1 150 ? 9.229   18.598  -5.411  1.00 19.32 ? 180 LYS A O   1 
ATOM   1169 C CB  . LYS A 1 150 ? 11.549  19.255  -3.126  1.00 19.61 ? 180 LYS A CB  1 
ATOM   1170 C CG  . LYS A 1 150 ? 11.181  20.658  -3.676  1.00 21.51 ? 180 LYS A CG  1 
ATOM   1171 C CD  . LYS A 1 150 ? 12.354  21.638  -3.416  1.00 22.91 ? 180 LYS A CD  1 
ATOM   1172 C CE  . LYS A 1 150 ? 11.973  23.113  -3.604  1.00 23.63 ? 180 LYS A CE  1 
ATOM   1173 N NZ  . LYS A 1 150 ? 13.176  23.974  -3.255  1.00 24.94 ? 180 LYS A NZ  1 
ATOM   1174 N N   . GLU A 1 151 ? 11.163  17.480  -5.653  1.00 20.16 ? 181 GLU A N   1 
ATOM   1175 C CA  . GLU A 1 151 ? 11.034  17.366  -7.104  1.00 21.32 ? 181 GLU A CA  1 
ATOM   1176 C C   . GLU A 1 151 ? 9.800   16.551  -7.508  1.00 21.06 ? 181 GLU A C   1 
ATOM   1177 O O   . GLU A 1 151 ? 9.041   16.949  -8.403  1.00 20.67 ? 181 GLU A O   1 
ATOM   1178 C CB  . GLU A 1 151 ? 12.289  16.715  -7.678  1.00 23.01 ? 181 GLU A CB  1 
ATOM   1179 C CG  . GLU A 1 151 ? 12.249  16.516  -9.175  1.00 25.94 ? 181 GLU A CG  1 
ATOM   1180 C CD  . GLU A 1 151 ? 13.079  17.551  -9.916  1.00 27.77 ? 181 GLU A CD  1 
ATOM   1181 O OE1 . GLU A 1 151 ? 13.055  18.743  -9.502  1.00 29.59 ? 181 GLU A OE1 1 
ATOM   1182 O OE2 . GLU A 1 151 ? 13.754  17.178  -10.911 1.00 29.52 ? 181 GLU A OE2 1 
ATOM   1183 N N   . GLU A 1 152 ? 9.608   15.401  -6.860  1.00 20.46 ? 182 GLU A N   1 
ATOM   1184 C CA  . GLU A 1 152 ? 8.456   14.547  -7.160  1.00 20.26 ? 182 GLU A CA  1 
ATOM   1185 C C   . GLU A 1 152 ? 7.136   15.224  -6.784  1.00 20.87 ? 182 GLU A C   1 
ATOM   1186 O O   . GLU A 1 152 ? 6.124   15.034  -7.460  1.00 20.74 ? 182 GLU A O   1 
ATOM   1187 C CB  . GLU A 1 152 ? 8.582   13.204  -6.416  1.00 19.02 ? 182 GLU A CB  1 
ATOM   1188 C CG  . GLU A 1 152 ? 9.759   12.329  -6.875  1.00 17.28 ? 182 GLU A CG  1 
ATOM   1189 C CD  . GLU A 1 152 ? 10.020  11.147  -5.919  1.00 16.58 ? 182 GLU A CD  1 
ATOM   1190 O OE1 . GLU A 1 152 ? 9.719   11.290  -4.707  1.00 15.50 ? 182 GLU A OE1 1 
ATOM   1191 O OE2 . GLU A 1 152 ? 10.543  10.097  -6.372  1.00 15.43 ? 182 GLU A OE2 1 
ATOM   1192 N N   . ALA A 1 153 ? 7.133   16.000  -5.703  1.00 21.86 ? 183 ALA A N   1 
ATOM   1193 C CA  . ALA A 1 153 ? 5.910   16.675  -5.284  1.00 23.21 ? 183 ALA A CA  1 
ATOM   1194 C C   . ALA A 1 153 ? 5.524   17.727  -6.317  1.00 24.38 ? 183 ALA A C   1 
ATOM   1195 O O   . ALA A 1 153 ? 4.338   17.924  -6.601  1.00 24.24 ? 183 ALA A O   1 
ATOM   1196 C CB  . ALA A 1 153 ? 6.095   17.310  -3.906  1.00 23.10 ? 183 ALA A CB  1 
ATOM   1197 N N   . SER A 1 154 ? 6.528   18.385  -6.891  1.00 25.89 ? 184 SER A N   1 
ATOM   1198 C CA  . SER A 1 154 ? 6.284   19.394  -7.924  1.00 27.65 ? 184 SER A CA  1 
ATOM   1199 C C   . SER A 1 154 ? 5.652   18.746  -9.147  1.00 28.68 ? 184 SER A C   1 
ATOM   1200 O O   . SER A 1 154 ? 4.704   19.277  -9.719  1.00 28.96 ? 184 SER A O   1 
ATOM   1201 C CB  . SER A 1 154 ? 7.588   20.084  -8.313  1.00 27.88 ? 184 SER A CB  1 
ATOM   1202 O OG  . SER A 1 154 ? 8.045   20.891  -7.241  1.00 29.03 ? 184 SER A OG  1 
ATOM   1203 N N   . GLN A 1 155 ? 6.174   17.592  -9.548  1.00 30.01 ? 185 GLN A N   1 
ATOM   1204 C CA  . GLN A 1 155 ? 5.618   16.866  -10.689 1.00 31.38 ? 185 GLN A CA  1 
ATOM   1205 C C   . GLN A 1 155 ? 4.149   16.531  -10.420 1.00 32.33 ? 185 GLN A C   1 
ATOM   1206 O O   . GLN A 1 155 ? 3.276   16.804  -11.248 1.00 32.42 ? 185 GLN A O   1 
ATOM   1207 C CB  . GLN A 1 155 ? 6.392   15.563  -10.939 1.00 31.37 ? 185 GLN A CB  1 
ATOM   1208 C CG  . GLN A 1 155 ? 7.774   15.726  -11.553 1.00 31.80 ? 185 GLN A CG  1 
ATOM   1209 C CD  . GLN A 1 155 ? 8.489   14.390  -11.705 1.00 31.87 ? 185 GLN A CD  1 
ATOM   1210 O OE1 . GLN A 1 155 ? 8.857   13.754  -10.716 1.00 31.66 ? 185 GLN A OE1 1 
ATOM   1211 N NE2 . GLN A 1 155 ? 8.671   13.950  -12.951 1.00 31.90 ? 185 GLN A NE2 1 
ATOM   1212 N N   . ALA A 1 156 ? 3.880   15.934  -9.261  1.00 33.50 ? 186 ALA A N   1 
ATOM   1213 C CA  . ALA A 1 156 ? 2.515   15.563  -8.892  1.00 34.79 ? 186 ALA A CA  1 
ATOM   1214 C C   . ALA A 1 156 ? 1.578   16.770  -8.924  1.00 35.71 ? 186 ALA A C   1 
ATOM   1215 O O   . ALA A 1 156 ? 0.460   16.678  -9.421  1.00 35.84 ? 186 ALA A O   1 
ATOM   1216 C CB  . ALA A 1 156 ? 2.496   14.925  -7.507  1.00 34.79 ? 186 ALA A CB  1 
ATOM   1217 N N   . SER A 1 157 ? 2.031   17.898  -8.388  1.00 36.70 ? 187 SER A N   1 
ATOM   1218 C CA  . SER A 1 157 ? 1.200   19.099  -8.385  1.00 37.67 ? 187 SER A CA  1 
ATOM   1219 C C   . SER A 1 157 ? 1.012   19.613  -9.818  1.00 38.21 ? 187 SER A C   1 
ATOM   1220 O O   . SER A 1 157 ? 0.054   20.326  -10.110 1.00 38.27 ? 187 SER A O   1 
ATOM   1221 C CB  . SER A 1 157 ? 1.831   20.183  -7.506  1.00 37.82 ? 187 SER A CB  1 
ATOM   1222 O OG  . SER A 1 157 ? 2.967   20.748  -8.123  1.00 38.36 ? 187 SER A OG  1 
ATOM   1223 N N   . ASN A 1 158 ? 1.930   19.238  -10.708 1.00 38.73 ? 188 ASN A N   1 
ATOM   1224 C CA  . ASN A 1 158 ? 1.868   19.635  -12.109 1.00 39.12 ? 188 ASN A CA  1 
ATOM   1225 C C   . ASN A 1 158 ? 1.170   18.526  -12.901 1.00 38.92 ? 188 ASN A C   1 
ATOM   1226 O O   . ASN A 1 158 ? 1.258   18.462  -14.131 1.00 38.92 ? 188 ASN A O   1 
ATOM   1227 C CB  . ASN A 1 158 ? 3.281   19.862  -12.652 1.00 39.94 ? 188 ASN A CB  1 
ATOM   1228 C CG  . ASN A 1 158 ? 3.285   20.402  -14.071 1.00 40.76 ? 188 ASN A CG  1 
ATOM   1229 O OD1 . ASN A 1 158 ? 2.786   21.505  -14.332 1.00 41.14 ? 188 ASN A OD1 1 
ATOM   1230 N ND2 . ASN A 1 158 ? 3.852   19.628  -15.002 1.00 41.04 ? 188 ASN A ND2 1 
ATOM   1231 N N   . LYS A 1 159 ? 0.484   17.653  -12.172 1.00 38.49 ? 189 LYS A N   1 
ATOM   1232 C CA  . LYS A 1 159 ? -0.265  16.538  -12.745 1.00 38.08 ? 189 LYS A CA  1 
ATOM   1233 C C   . LYS A 1 159 ? 0.542   15.479  -13.500 1.00 37.20 ? 189 LYS A C   1 
ATOM   1234 O O   . LYS A 1 159 ? 0.005   14.766  -14.349 1.00 37.05 ? 189 LYS A O   1 
ATOM   1235 C CB  . LYS A 1 159 ? -1.385  17.076  -13.636 1.00 38.90 ? 189 LYS A CB  1 
ATOM   1236 C CG  . LYS A 1 159 ? -2.471  17.797  -12.858 1.00 39.97 ? 189 LYS A CG  1 
ATOM   1237 C CD  . LYS A 1 159 ? -3.746  17.848  -13.667 1.00 41.07 ? 189 LYS A CD  1 
ATOM   1238 C CE  . LYS A 1 159 ? -4.942  18.274  -12.826 1.00 41.69 ? 189 LYS A CE  1 
ATOM   1239 N NZ  . LYS A 1 159 ? -6.188  18.249  -13.655 1.00 42.29 ? 189 LYS A NZ  1 
ATOM   1240 N N   . GLU A 1 160 ? 1.826   15.366  -13.171 1.00 35.90 ? 190 GLU A N   1 
ATOM   1241 C CA  . GLU A 1 160 ? 2.700   14.382  -13.797 1.00 34.67 ? 190 GLU A CA  1 
ATOM   1242 C C   . GLU A 1 160 ? 2.999   13.305  -12.752 1.00 33.17 ? 190 GLU A C   1 
ATOM   1243 O O   . GLU A 1 160 ? 3.302   13.622  -11.599 1.00 33.15 ? 190 GLU A O   1 
ATOM   1244 C CB  . GLU A 1 160 ? 4.001   15.047  -14.240 1.00 35.70 ? 190 GLU A CB  1 
ATOM   1245 C CG  . GLU A 1 160 ? 4.896   14.172  -15.096 1.00 37.09 ? 190 GLU A CG  1 
ATOM   1246 C CD  . GLU A 1 160 ? 6.293   14.754  -15.249 1.00 37.74 ? 190 GLU A CD  1 
ATOM   1247 O OE1 . GLU A 1 160 ? 6.450   15.988  -15.086 1.00 38.54 ? 190 GLU A OE1 1 
ATOM   1248 O OE2 . GLU A 1 160 ? 7.232   13.983  -15.547 1.00 38.56 ? 190 GLU A OE2 1 
ATOM   1249 N N   . LEU A 1 161 ? 2.905   12.039  -13.150 1.00 30.98 ? 191 LEU A N   1 
ATOM   1250 C CA  . LEU A 1 161 ? 3.153   10.938  -12.224 1.00 28.79 ? 191 LEU A CA  1 
ATOM   1251 C C   . LEU A 1 161 ? 4.633   10.626  -12.112 1.00 26.67 ? 191 LEU A C   1 
ATOM   1252 O O   . LEU A 1 161 ? 5.250   10.175  -13.070 1.00 26.45 ? 191 LEU A O   1 
ATOM   1253 C CB  . LEU A 1 161 ? 2.412   9.681   -12.686 1.00 29.61 ? 191 LEU A CB  1 
ATOM   1254 C CG  . LEU A 1 161 ? 2.349   8.492   -11.721 1.00 30.28 ? 191 LEU A CG  1 
ATOM   1255 C CD1 . LEU A 1 161 ? 1.632   8.908   -10.434 1.00 30.54 ? 191 LEU A CD1 1 
ATOM   1256 C CD2 . LEU A 1 161 ? 1.620   7.345   -12.389 1.00 30.70 ? 191 LEU A CD2 1 
ATOM   1257 N N   . PRO A 1 162 ? 5.223   10.862  -10.931 1.00 24.58 ? 192 PRO A N   1 
ATOM   1258 C CA  . PRO A 1 162 ? 6.649   10.582  -10.732 1.00 22.71 ? 192 PRO A CA  1 
ATOM   1259 C C   . PRO A 1 162 ? 6.982   9.128   -11.093 1.00 21.33 ? 192 PRO A C   1 
ATOM   1260 O O   . PRO A 1 162 ? 6.177   8.222   -10.865 1.00 20.65 ? 192 PRO A O   1 
ATOM   1261 C CB  . PRO A 1 162 ? 6.854   10.857  -9.239  1.00 22.88 ? 192 PRO A CB  1 
ATOM   1262 C CG  . PRO A 1 162 ? 5.842   11.911  -8.939  1.00 23.59 ? 192 PRO A CG  1 
ATOM   1263 C CD  . PRO A 1 162 ? 4.619   11.449  -9.718  1.00 24.20 ? 192 PRO A CD  1 
ATOM   1264 N N   . ALA A 1 163 ? 8.166   8.907   -11.657 1.00 19.48 ? 193 ALA A N   1 
ATOM   1265 C CA  . ALA A 1 163 ? 8.592   7.552   -12.028 1.00 18.05 ? 193 ALA A CA  1 
ATOM   1266 C C   . ALA A 1 163 ? 8.542   6.589   -10.847 1.00 17.00 ? 193 ALA A C   1 
ATOM   1267 O O   . ALA A 1 163 ? 8.176   5.424   -11.003 1.00 16.64 ? 193 ALA A O   1 
ATOM   1268 C CB  . ALA A 1 163 ? 10.026  7.573   -12.579 1.00 18.21 ? 193 ALA A CB  1 
ATOM   1269 N N   . ARG A 1 164 ? 8.939   7.068   -9.671  1.00 15.74 ? 194 ARG A N   1 
ATOM   1270 C CA  . ARG A 1 164 ? 8.964   6.186   -8.504  1.00 14.89 ? 194 ARG A CA  1 
ATOM   1271 C C   . ARG A 1 164 ? 7.552   5.752   -8.132  1.00 14.84 ? 194 ARG A C   1 
ATOM   1272 O O   . ARG A 1 164 ? 7.357   4.637   -7.653  1.00 14.63 ? 194 ARG A O   1 
ATOM   1273 C CB  . ARG A 1 164 ? 9.639   6.870   -7.305  1.00 14.28 ? 194 ARG A CB  1 
ATOM   1274 C CG  . ARG A 1 164 ? 9.802   5.930   -6.107  1.00 13.45 ? 194 ARG A CG  1 
ATOM   1275 C CD  . ARG A 1 164 ? 10.847  6.434   -5.118  1.00 13.44 ? 194 ARG A CD  1 
ATOM   1276 N NE  . ARG A 1 164 ? 10.547  7.757   -4.563  1.00 12.43 ? 194 ARG A NE  1 
ATOM   1277 C CZ  . ARG A 1 164 ? 10.349  7.999   -3.267  1.00 12.51 ? 194 ARG A CZ  1 
ATOM   1278 N NH1 . ARG A 1 164 ? 10.399  7.006   -2.389  1.00 11.94 ? 194 ARG A NH1 1 
ATOM   1279 N NH2 . ARG A 1 164 ? 10.175  9.247   -2.843  1.00 11.70 ? 194 ARG A NH2 1 
ATOM   1280 N N   . CYS A 1 165 ? 6.572   6.632   -8.331  1.00 14.79 ? 195 CYS A N   1 
ATOM   1281 C CA  . CYS A 1 165 ? 5.182   6.264   -8.050  1.00 14.73 ? 195 CYS A CA  1 
ATOM   1282 C C   . CYS A 1 165 ? 4.740   5.168   -9.017  1.00 14.40 ? 195 CYS A C   1 
ATOM   1283 O O   . CYS A 1 165 ? 3.995   4.261   -8.653  1.00 13.87 ? 195 CYS A O   1 
ATOM   1284 C CB  . CYS A 1 165 ? 4.284   7.478   -8.183  1.00 15.16 ? 195 CYS A CB  1 
ATOM   1285 S SG  . CYS A 1 165 ? 4.577   8.644   -6.803  1.00 17.62 ? 195 CYS A SG  1 
ATOM   1286 N N   . HIS A 1 166 ? 5.197   5.264   -10.263 1.00 14.18 ? 196 HIS A N   1 
ATOM   1287 C CA  . HIS A 1 166 ? 4.875   4.232   -11.245 1.00 14.35 ? 196 HIS A CA  1 
ATOM   1288 C C   . HIS A 1 166 ? 5.491   2.900   -10.779 1.00 13.46 ? 196 HIS A C   1 
ATOM   1289 O O   . HIS A 1 166 ? 4.879   1.816   -10.920 1.00 13.19 ? 196 HIS A O   1 
ATOM   1290 C CB  . HIS A 1 166 ? 5.441   4.635   -12.612 1.00 15.89 ? 196 HIS A CB  1 
ATOM   1291 C CG  . HIS A 1 166 ? 5.104   3.677   -13.709 1.00 18.06 ? 196 HIS A CG  1 
ATOM   1292 N ND1 . HIS A 1 166 ? 5.692   2.434   -13.820 1.00 19.22 ? 196 HIS A ND1 1 
ATOM   1293 C CD2 . HIS A 1 166 ? 4.190   3.751   -14.708 1.00 19.00 ? 196 HIS A CD2 1 
ATOM   1294 C CE1 . HIS A 1 166 ? 5.149   1.779   -14.837 1.00 19.53 ? 196 HIS A CE1 1 
ATOM   1295 N NE2 . HIS A 1 166 ? 4.234   2.556   -15.392 1.00 19.07 ? 196 HIS A NE2 1 
ATOM   1296 N N   . ALA A 1 167 ? 6.684   2.980   -10.195 1.00 12.47 ? 197 ALA A N   1 
ATOM   1297 C CA  . ALA A 1 167 ? 7.370   1.782   -9.725  1.00 11.65 ? 197 ALA A CA  1 
ATOM   1298 C C   . ALA A 1 167 ? 6.604   1.201   -8.531  1.00 11.14 ? 197 ALA A C   1 
ATOM   1299 O O   . ALA A 1 167 ? 6.374   -0.015  -8.460  1.00 10.94 ? 197 ALA A O   1 
ATOM   1300 C CB  . ALA A 1 167 ? 8.793   2.124   -9.325  1.00 12.18 ? 197 ALA A CB  1 
ATOM   1301 N N   . VAL A 1 168 ? 6.199   2.071   -7.605  1.00 10.01 ? 198 VAL A N   1 
ATOM   1302 C CA  . VAL A 1 168 ? 5.444   1.614   -6.443  1.00 9.47  ? 198 VAL A CA  1 
ATOM   1303 C C   . VAL A 1 168 ? 4.119   0.958   -6.868  1.00 9.11  ? 198 VAL A C   1 
ATOM   1304 O O   . VAL A 1 168 ? 3.708   -0.055  -6.317  1.00 8.65  ? 198 VAL A O   1 
ATOM   1305 C CB  . VAL A 1 168 ? 5.172   2.789   -5.482  1.00 9.30  ? 198 VAL A CB  1 
ATOM   1306 C CG1 . VAL A 1 168 ? 4.107   2.401   -4.425  1.00 9.08  ? 198 VAL A CG1 1 
ATOM   1307 C CG2 . VAL A 1 168 ? 6.499   3.173   -4.814  1.00 9.66  ? 198 VAL A CG2 1 
ATOM   1308 N N   . TYR A 1 169 ? 3.476   1.521   -7.879  1.00 8.91  ? 199 TYR A N   1 
ATOM   1309 C CA  . TYR A 1 169 ? 2.214   0.950   -8.330  1.00 8.72  ? 199 TYR A CA  1 
ATOM   1310 C C   . TYR A 1 169 ? 2.449   -0.420  -8.945  1.00 8.54  ? 199 TYR A C   1 
ATOM   1311 O O   . TYR A 1 169 ? 1.615   -1.313  -8.811  1.00 7.81  ? 199 TYR A O   1 
ATOM   1312 C CB  . TYR A 1 169 ? 1.524   1.869   -9.337  1.00 8.79  ? 199 TYR A CB  1 
ATOM   1313 C CG  . TYR A 1 169 ? 0.091   1.470   -9.581  1.00 9.68  ? 199 TYR A CG  1 
ATOM   1314 C CD1 . TYR A 1 169 ? -0.851  1.510   -8.549  1.00 9.77  ? 199 TYR A CD1 1 
ATOM   1315 C CD2 . TYR A 1 169 ? -0.338  1.087   -10.853 1.00 10.19 ? 199 TYR A CD2 1 
ATOM   1316 C CE1 . TYR A 1 169 ? -2.199  1.191   -8.792  1.00 10.41 ? 199 TYR A CE1 1 
ATOM   1317 C CE2 . TYR A 1 169 ? -1.673  0.758   -11.100 1.00 10.29 ? 199 TYR A CE2 1 
ATOM   1318 C CZ  . TYR A 1 169 ? -2.593  0.822   -10.067 1.00 10.50 ? 199 TYR A CZ  1 
ATOM   1319 O OH  . TYR A 1 169 ? -3.913  0.536   -10.330 1.00 10.42 ? 199 TYR A OH  1 
ATOM   1320 N N   . GLN A 1 170 ? 3.576   -0.601  -9.625  1.00 8.76  ? 200 GLN A N   1 
ATOM   1321 C CA  . GLN A 1 170 ? 3.849   -1.911  -10.202 1.00 8.91  ? 200 GLN A CA  1 
ATOM   1322 C C   . GLN A 1 170 ? 4.052   -2.913  -9.056  1.00 9.05  ? 200 GLN A C   1 
ATOM   1323 O O   . GLN A 1 170 ? 3.528   -4.025  -9.083  1.00 9.25  ? 200 GLN A O   1 
ATOM   1324 C CB  . GLN A 1 170 ? 5.096   -1.885  -11.082 1.00 9.94  ? 200 GLN A CB  1 
ATOM   1325 C CG  . GLN A 1 170 ? 5.342   -3.227  -11.742 1.00 11.00 ? 200 GLN A CG  1 
ATOM   1326 C CD  . GLN A 1 170 ? 6.525   -3.197  -12.692 1.00 12.57 ? 200 GLN A CD  1 
ATOM   1327 O OE1 . GLN A 1 170 ? 6.912   -2.124  -13.192 1.00 13.35 ? 200 GLN A OE1 1 
ATOM   1328 N NE2 . GLN A 1 170 ? 7.100   -4.371  -12.958 1.00 12.14 ? 200 GLN A NE2 1 
ATOM   1329 N N   . LEU A 1 171 ? 4.796   -2.504  -8.033  1.00 9.02  ? 201 LEU A N   1 
ATOM   1330 C CA  . LEU A 1 171 ? 5.015   -3.379  -6.871  1.00 8.55  ? 201 LEU A CA  1 
ATOM   1331 C C   . LEU A 1 171 ? 3.678   -3.751  -6.249  1.00 8.54  ? 201 LEU A C   1 
ATOM   1332 O O   . LEU A 1 171 ? 3.417   -4.914  -5.958  1.00 8.38  ? 201 LEU A O   1 
ATOM   1333 C CB  . LEU A 1 171 ? 5.887   -2.668  -5.824  1.00 8.70  ? 201 LEU A CB  1 
ATOM   1334 C CG  . LEU A 1 171 ? 5.930   -3.275  -4.422  1.00 8.24  ? 201 LEU A CG  1 
ATOM   1335 C CD1 . LEU A 1 171 ? 6.501   -4.701  -4.473  1.00 9.02  ? 201 LEU A CD1 1 
ATOM   1336 C CD2 . LEU A 1 171 ? 6.804   -2.388  -3.519  1.00 8.85  ? 201 LEU A CD2 1 
ATOM   1337 N N   . LEU A 1 172 ? 2.827   -2.749  -6.055  1.00 8.51  ? 202 LEU A N   1 
ATOM   1338 C CA  . LEU A 1 172 ? 1.512   -2.964  -5.441  1.00 8.02  ? 202 LEU A CA  1 
ATOM   1339 C C   . LEU A 1 172 ? 0.722   -4.016  -6.219  1.00 8.48  ? 202 LEU A C   1 
ATOM   1340 O O   . LEU A 1 172 ? 0.150   -4.950  -5.636  1.00 8.66  ? 202 LEU A O   1 
ATOM   1341 C CB  . LEU A 1 172 ? 0.731   -1.653  -5.402  1.00 7.83  ? 202 LEU A CB  1 
ATOM   1342 C CG  . LEU A 1 172 ? -0.629  -1.725  -4.675  1.00 7.50  ? 202 LEU A CG  1 
ATOM   1343 C CD1 . LEU A 1 172 ? -0.416  -1.851  -3.147  1.00 8.00  ? 202 LEU A CD1 1 
ATOM   1344 C CD2 . LEU A 1 172 ? -1.439  -0.446  -5.016  1.00 7.76  ? 202 LEU A CD2 1 
ATOM   1345 N N   . GLN A 1 173 ? 0.684   -3.873  -7.539  1.00 8.86  ? 203 GLN A N   1 
ATOM   1346 C CA  . GLN A 1 173 ? -0.041  -4.828  -8.355  1.00 9.25  ? 203 GLN A CA  1 
ATOM   1347 C C   . GLN A 1 173 ? 0.583   -6.222  -8.294  1.00 9.31  ? 203 GLN A C   1 
ATOM   1348 O O   . GLN A 1 173 ? -0.134  -7.225  -8.274  1.00 8.72  ? 203 GLN A O   1 
ATOM   1349 C CB  . GLN A 1 173 ? -0.168  -4.294  -9.787  1.00 10.00 ? 203 GLN A CB  1 
ATOM   1350 C CG  . GLN A 1 173 ? -1.135  -3.086  -9.840  1.00 12.00 ? 203 GLN A CG  1 
ATOM   1351 C CD  . GLN A 1 173 ? -1.721  -2.798  -11.213 1.00 13.15 ? 203 GLN A CD  1 
ATOM   1352 O OE1 . GLN A 1 173 ? -0.986  -2.716  -12.213 1.00 14.31 ? 203 GLN A OE1 1 
ATOM   1353 N NE2 . GLN A 1 173 ? -3.065  -2.620  -11.270 1.00 13.50 ? 203 GLN A NE2 1 
ATOM   1354 N N   . GLU A 1 174 ? 1.913   -6.294  -8.248  1.00 9.38  ? 204 GLU A N   1 
ATOM   1355 C CA  . GLU A 1 174 ? 2.577   -7.609  -8.146  1.00 9.64  ? 204 GLU A CA  1 
ATOM   1356 C C   . GLU A 1 174 ? 2.254   -8.274  -6.802  1.00 9.60  ? 204 GLU A C   1 
ATOM   1357 O O   . GLU A 1 174 ? 2.086   -9.490  -6.740  1.00 9.69  ? 204 GLU A O   1 
ATOM   1358 C CB  . GLU A 1 174 ? 4.095   -7.488  -8.321  1.00 10.00 ? 204 GLU A CB  1 
ATOM   1359 C CG  . GLU A 1 174 ? 4.509   -6.989  -9.724  1.00 10.05 ? 204 GLU A CG  1 
ATOM   1360 C CD  . GLU A 1 174 ? 5.992   -7.183  -10.018 1.00 10.63 ? 204 GLU A CD  1 
ATOM   1361 O OE1 . GLU A 1 174 ? 6.465   -6.641  -11.046 1.00 10.45 ? 204 GLU A OE1 1 
ATOM   1362 O OE2 . GLU A 1 174 ? 6.692   -7.884  -9.239  1.00 11.36 ? 204 GLU A OE2 1 
ATOM   1363 N N   . MET A 1 175 ? 2.178   -7.483  -5.728  1.00 9.83  ? 205 MET A N   1 
ATOM   1364 C CA  . MET A 1 175 ? 1.828   -8.030  -4.420  1.00 9.82  ? 205 MET A CA  1 
ATOM   1365 C C   . MET A 1 175 ? 0.422   -8.618  -4.460  1.00 10.14 ? 205 MET A C   1 
ATOM   1366 O O   . MET A 1 175 ? 0.148   -9.676  -3.862  1.00 10.72 ? 205 MET A O   1 
ATOM   1367 C CB  . MET A 1 175 ? 1.886   -6.938  -3.347  1.00 9.67  ? 205 MET A CB  1 
ATOM   1368 C CG  . MET A 1 175 ? 3.316   -6.433  -3.078  1.00 9.34  ? 205 MET A CG  1 
ATOM   1369 S SD  . MET A 1 175 ? 3.320   -5.364  -1.625  1.00 9.96  ? 205 MET A SD  1 
ATOM   1370 C CE  . MET A 1 175 ? 3.059   -6.581  -0.286  1.00 8.96  ? 205 MET A CE  1 
ATOM   1371 N N   . VAL A 1 176 ? -0.470  -7.946  -5.178  1.00 10.26 ? 206 VAL A N   1 
ATOM   1372 C CA  . VAL A 1 176 ? -1.845  -8.427  -5.286  1.00 10.69 ? 206 VAL A CA  1 
ATOM   1373 C C   . VAL A 1 176 ? -1.915  -9.698  -6.117  1.00 11.46 ? 206 VAL A C   1 
ATOM   1374 O O   . VAL A 1 176 ? -2.589  -10.664 -5.735  1.00 11.40 ? 206 VAL A O   1 
ATOM   1375 C CB  . VAL A 1 176 ? -2.740  -7.345  -5.917  1.00 10.24 ? 206 VAL A CB  1 
ATOM   1376 C CG1 . VAL A 1 176 ? -4.117  -7.928  -6.322  1.00 10.19 ? 206 VAL A CG1 1 
ATOM   1377 C CG2 . VAL A 1 176 ? -2.904  -6.198  -4.920  1.00 9.75  ? 206 VAL A CG2 1 
ATOM   1378 N N   . ARG A 1 177 ? -1.220  -9.701  -7.252  1.00 11.97 ? 207 ARG A N   1 
ATOM   1379 C CA  . ARG A 1 177 ? -1.235  -10.884 -8.112  1.00 13.21 ? 207 ARG A CA  1 
ATOM   1380 C C   . ARG A 1 177 ? -0.570  -12.085 -7.469  1.00 13.66 ? 207 ARG A C   1 
ATOM   1381 O O   . ARG A 1 177 ? -0.985  -13.215 -7.719  1.00 13.69 ? 207 ARG A O   1 
ATOM   1382 C CB  . ARG A 1 177 ? -0.578  -10.575 -9.456  1.00 13.65 ? 207 ARG A CB  1 
ATOM   1383 C CG  . ARG A 1 177 ? -1.525  -9.757  -10.333 1.00 15.39 ? 207 ARG A CG  1 
ATOM   1384 C CD  . ARG A 1 177 ? -1.101  -9.793  -11.751 1.00 16.52 ? 207 ARG A CD  1 
ATOM   1385 N NE  . ARG A 1 177 ? -2.202  -9.475  -12.658 1.00 18.28 ? 207 ARG A NE  1 
ATOM   1386 C CZ  . ARG A 1 177 ? -2.918  -8.379  -12.586 1.00 17.83 ? 207 ARG A CZ  1 
ATOM   1387 N NH1 . ARG A 1 177 ? -2.640  -7.516  -11.625 1.00 19.49 ? 207 ARG A NH1 1 
ATOM   1388 N NH2 . ARG A 1 177 ? -3.854  -8.112  -13.502 1.00 17.89 ? 207 ARG A NH2 1 
ATOM   1389 N N   . LYS A 1 178 ? 0.436   -11.836 -6.634  1.00 14.02 ? 208 LYS A N   1 
ATOM   1390 C CA  . LYS A 1 178 ? 1.175   -12.906 -5.945  1.00 14.99 ? 208 LYS A CA  1 
ATOM   1391 C C   . LYS A 1 178 ? 0.601   -13.315 -4.587  1.00 14.83 ? 208 LYS A C   1 
ATOM   1392 O O   . LYS A 1 178 ? 1.074   -14.285 -3.965  1.00 15.18 ? 208 LYS A O   1 
ATOM   1393 C CB  . LYS A 1 178 ? 2.625   -12.472 -5.730  1.00 15.55 ? 208 LYS A CB  1 
ATOM   1394 C CG  . LYS A 1 178 ? 3.472   -12.471 -6.990  1.00 17.26 ? 208 LYS A CG  1 
ATOM   1395 C CD  . LYS A 1 178 ? 3.942   -13.879 -7.305  1.00 18.66 ? 208 LYS A CD  1 
ATOM   1396 C CE  . LYS A 1 178 ? 4.993   -13.852 -8.396  1.00 19.89 ? 208 LYS A CE  1 
ATOM   1397 N NZ  . LYS A 1 178 ? 5.690   -15.179 -8.474  1.00 20.76 ? 208 LYS A NZ  1 
ATOM   1398 N N   . PHE A 1 179 ? -0.414  -12.587 -4.137  1.00 14.84 ? 209 PHE A N   1 
ATOM   1399 C CA  . PHE A 1 179 ? -1.043  -12.822 -2.843  1.00 14.84 ? 209 PHE A CA  1 
ATOM   1400 C C   . PHE A 1 179 ? -1.717  -14.194 -2.770  1.00 15.33 ? 209 PHE A C   1 
ATOM   1401 O O   . PHE A 1 179 ? -2.573  -14.515 -3.592  1.00 15.06 ? 209 PHE A O   1 
ATOM   1402 C CB  . PHE A 1 179 ? -2.077  -11.717 -2.572  1.00 14.91 ? 209 PHE A CB  1 
ATOM   1403 C CG  . PHE A 1 179 ? -2.649  -11.747 -1.176  1.00 14.87 ? 209 PHE A CG  1 
ATOM   1404 C CD1 . PHE A 1 179 ? -2.009  -11.081 -0.128  1.00 15.17 ? 209 PHE A CD1 1 
ATOM   1405 C CD2 . PHE A 1 179 ? -3.793  -12.480 -0.906  1.00 15.10 ? 209 PHE A CD2 1 
ATOM   1406 C CE1 . PHE A 1 179 ? -2.519  -11.152 1.197   1.00 15.32 ? 209 PHE A CE1 1 
ATOM   1407 C CE2 . PHE A 1 179 ? -4.308  -12.564 0.414   1.00 15.48 ? 209 PHE A CE2 1 
ATOM   1408 C CZ  . PHE A 1 179 ? -3.664  -11.897 1.453   1.00 15.01 ? 209 PHE A CZ  1 
ATOM   1409 N N   . HIS A 1 180 ? -1.340  -14.997 -1.778  1.00 16.19 ? 210 HIS A N   1 
ATOM   1410 C CA  . HIS A 1 180 ? -1.923  -16.334 -1.656  1.00 17.03 ? 210 HIS A CA  1 
ATOM   1411 C C   . HIS A 1 180 ? -2.163  -16.778 -0.219  1.00 17.13 ? 210 HIS A C   1 
ATOM   1412 O O   . HIS A 1 180 ? -1.284  -16.640 0.649   1.00 16.62 ? 210 HIS A O   1 
ATOM   1413 C CB  . HIS A 1 180 ? -1.015  -17.375 -2.343  1.00 18.09 ? 210 HIS A CB  1 
ATOM   1414 C CG  . HIS A 1 180 ? -0.977  -17.260 -3.835  1.00 19.67 ? 210 HIS A CG  1 
ATOM   1415 N ND1 . HIS A 1 180 ? -2.112  -17.324 -4.616  1.00 20.59 ? 210 HIS A ND1 1 
ATOM   1416 C CD2 . HIS A 1 180 ? 0.063   -17.102 -4.694  1.00 20.32 ? 210 HIS A CD2 1 
ATOM   1417 C CE1 . HIS A 1 180 ? -1.772  -17.209 -5.891  1.00 20.91 ? 210 HIS A CE1 1 
ATOM   1418 N NE2 . HIS A 1 180 ? -0.457  -17.072 -5.965  1.00 21.01 ? 210 HIS A NE2 1 
ATOM   1419 N N   . VAL A 1 181 ? -3.357  -17.309 0.037   1.00 17.15 ? 211 VAL A N   1 
ATOM   1420 C CA  . VAL A 1 181 ? -3.658  -17.811 1.369   1.00 17.61 ? 211 VAL A CA  1 
ATOM   1421 C C   . VAL A 1 181 ? -3.192  -19.265 1.349   1.00 18.28 ? 211 VAL A C   1 
ATOM   1422 O O   . VAL A 1 181 ? -3.684  -20.078 0.565   1.00 18.05 ? 211 VAL A O   1 
ATOM   1423 C CB  . VAL A 1 181 ? -5.172  -17.743 1.709   1.00 16.92 ? 211 VAL A CB  1 
ATOM   1424 C CG1 . VAL A 1 181 ? -5.397  -18.253 3.126   1.00 16.62 ? 211 VAL A CG1 1 
ATOM   1425 C CG2 . VAL A 1 181 ? -5.671  -16.289 1.599   1.00 16.28 ? 211 VAL A CG2 1 
ATOM   1426 N N   . VAL A 1 182 ? -2.213  -19.564 2.193   1.00 18.98 ? 212 VAL A N   1 
ATOM   1427 C CA  . VAL A 1 182 ? -1.636  -20.902 2.286   1.00 20.02 ? 212 VAL A CA  1 
ATOM   1428 C C   . VAL A 1 182 ? -2.359  -21.747 3.327   1.00 20.65 ? 212 VAL A C   1 
ATOM   1429 O O   . VAL A 1 182 ? -2.639  -22.923 3.092   1.00 21.24 ? 212 VAL A O   1 
ATOM   1430 C CB  . VAL A 1 182 ? -0.135  -20.816 2.675   1.00 19.99 ? 212 VAL A CB  1 
ATOM   1431 C CG1 . VAL A 1 182 ? 0.424   -22.205 2.976   1.00 20.14 ? 212 VAL A CG1 1 
ATOM   1432 C CG2 . VAL A 1 182 ? 0.650   -20.167 1.548   1.00 19.94 ? 212 VAL A CG2 1 
ATOM   1433 N N   . ASP A 1 183 ? -2.660  -21.133 4.469   1.00 21.32 ? 213 ASP A N   1 
ATOM   1434 C CA  . ASP A 1 183 ? -3.316  -21.810 5.581   1.00 22.28 ? 213 ASP A CA  1 
ATOM   1435 C C   . ASP A 1 183 ? -4.562  -21.050 6.029   1.00 22.52 ? 213 ASP A C   1 
ATOM   1436 O O   . ASP A 1 183 ? -4.475  -20.016 6.701   1.00 22.51 ? 213 ASP A O   1 
ATOM   1437 C CB  . ASP A 1 183 ? -2.307  -21.944 6.738   1.00 22.61 ? 213 ASP A CB  1 
ATOM   1438 C CG  . ASP A 1 183 ? -2.924  -22.514 8.012   1.00 23.69 ? 213 ASP A CG  1 
ATOM   1439 O OD1 . ASP A 1 183 ? -4.063  -23.031 7.966   1.00 24.49 ? 213 ASP A OD1 1 
ATOM   1440 O OD2 . ASP A 1 183 ? -2.258  -22.450 9.070   1.00 24.18 ? 213 ASP A OD2 1 
ATOM   1441 N N   . THR A 1 184 ? -5.727  -21.571 5.668   1.00 23.09 ? 214 THR A N   1 
ATOM   1442 C CA  . THR A 1 184 ? -6.985  -20.924 6.025   1.00 23.85 ? 214 THR A CA  1 
ATOM   1443 C C   . THR A 1 184 ? -7.296  -20.885 7.524   1.00 24.35 ? 214 THR A C   1 
ATOM   1444 O O   . THR A 1 184 ? -8.172  -20.128 7.957   1.00 24.35 ? 214 THR A O   1 
ATOM   1445 C CB  . THR A 1 184 ? -8.157  -21.601 5.314   1.00 24.09 ? 214 THR A CB  1 
ATOM   1446 O OG1 . THR A 1 184 ? -8.193  -22.986 5.681   1.00 24.53 ? 214 THR A OG1 1 
ATOM   1447 C CG2 . THR A 1 184 ? -7.999  -21.481 3.818   1.00 24.15 ? 214 THR A CG2 1 
ATOM   1448 N N   . SER A 1 185 ? -6.585  -21.680 8.323   1.00 24.76 ? 215 SER A N   1 
ATOM   1449 C CA  . SER A 1 185 ? -6.832  -21.692 9.763   1.00 25.56 ? 215 SER A CA  1 
ATOM   1450 C C   . SER A 1 185 ? -6.527  -20.342 10.370  1.00 25.68 ? 215 SER A C   1 
ATOM   1451 O O   . SER A 1 185 ? -6.909  -20.066 11.507  1.00 25.83 ? 215 SER A O   1 
ATOM   1452 C CB  . SER A 1 185 ? -6.012  -22.789 10.458  1.00 25.58 ? 215 SER A CB  1 
ATOM   1453 O OG  . SER A 1 185 ? -4.618  -22.599 10.286  1.00 27.11 ? 215 SER A OG  1 
ATOM   1454 N N   . LEU A 1 186 ? -5.838  -19.486 9.617   1.00 26.03 ? 216 LEU A N   1 
ATOM   1455 C CA  . LEU A 1 186 ? -5.543  -18.143 10.101  1.00 26.29 ? 216 LEU A CA  1 
ATOM   1456 C C   . LEU A 1 186 ? -6.873  -17.427 10.352  1.00 26.61 ? 216 LEU A C   1 
ATOM   1457 O O   . LEU A 1 186 ? -6.954  -16.536 11.200  1.00 26.55 ? 216 LEU A O   1 
ATOM   1458 C CB  . LEU A 1 186 ? -4.748  -17.352 9.053   1.00 25.84 ? 216 LEU A CB  1 
ATOM   1459 C CG  . LEU A 1 186 ? -4.491  -15.856 9.295   1.00 25.80 ? 216 LEU A CG  1 
ATOM   1460 C CD1 . LEU A 1 186 ? -3.488  -15.663 10.433  1.00 25.55 ? 216 LEU A CD1 1 
ATOM   1461 C CD2 . LEU A 1 186 ? -3.945  -15.219 8.017   1.00 25.37 ? 216 LEU A CD2 1 
ATOM   1462 N N   . PHE A 1 187 ? -7.909  -17.811 9.602   1.00 27.13 ? 217 PHE A N   1 
ATOM   1463 C CA  . PHE A 1 187 ? -9.216  -17.164 9.731   1.00 28.07 ? 217 PHE A CA  1 
ATOM   1464 C C   . PHE A 1 187 ? -10.230 -17.993 10.508  1.00 29.17 ? 217 PHE A C   1 
ATOM   1465 O O   . PHE A 1 187 ? -11.432 -17.693 10.477  1.00 29.75 ? 217 PHE A O   1 
ATOM   1466 C CB  . PHE A 1 187 ? -9.785  -16.833 8.344   1.00 26.81 ? 217 PHE A CB  1 
ATOM   1467 C CG  . PHE A 1 187 ? -8.842  -16.057 7.478   1.00 25.62 ? 217 PHE A CG  1 
ATOM   1468 C CD1 . PHE A 1 187 ? -8.173  -16.679 6.425   1.00 25.22 ? 217 PHE A CD1 1 
ATOM   1469 C CD2 . PHE A 1 187 ? -8.580  -14.715 7.745   1.00 25.16 ? 217 PHE A CD2 1 
ATOM   1470 C CE1 . PHE A 1 187 ? -7.256  -15.983 5.651   1.00 24.66 ? 217 PHE A CE1 1 
ATOM   1471 C CE2 . PHE A 1 187 ? -7.661  -14.001 6.975   1.00 24.66 ? 217 PHE A CE2 1 
ATOM   1472 C CZ  . PHE A 1 187 ? -6.996  -14.635 5.926   1.00 24.92 ? 217 PHE A CZ  1 
ATOM   1473 N N   . ALA A 1 188 ? -9.726  -19.016 11.204  1.00 30.72 ? 218 ALA A N   1 
ATOM   1474 C CA  . ALA A 1 188 ? -10.511 -19.952 12.018  1.00 31.78 ? 218 ALA A CA  1 
ATOM   1475 C C   . ALA A 1 188 ? -12.003 -19.856 11.767  1.00 32.57 ? 218 ALA A C   1 
ATOM   1476 O O   . ALA A 1 188 ? -12.763 -19.749 12.764  1.00 32.90 ? 218 ALA A O   1 
ATOM   1477 C CB  . ALA A 1 188 ? -10.221 -19.724 13.491  1.00 31.95 ? 218 ALA A CB  1 
ATOM   1478 O OXT . ALA A 1 188 ? -12.395 -19.895 10.576  1.00 33.73 ? 218 ALA A OXT 1 
HETATM 1479 O O   . HOH B 2 .   ? 14.103  -9.360  17.573  1.00 9.22  ? 219 HOH A O   1 
HETATM 1480 O O   . HOH B 2 .   ? -9.547  11.516  3.861   1.00 12.88 ? 220 HOH A O   1 
HETATM 1481 O O   . HOH B 2 .   ? 7.286   5.268   4.300   1.00 7.26  ? 221 HOH A O   1 
HETATM 1482 O O   . HOH B 2 .   ? 10.279  9.692   -9.078  1.00 9.21  ? 222 HOH A O   1 
HETATM 1483 O O   . HOH B 2 .   ? -2.699  -1.262  5.137   1.00 9.92  ? 223 HOH A O   1 
HETATM 1484 O O   . HOH B 2 .   ? 13.460  9.826   -1.581  1.00 18.51 ? 224 HOH A O   1 
HETATM 1485 O O   . HOH B 2 .   ? 12.346  -5.252  -7.117  1.00 16.13 ? 225 HOH A O   1 
HETATM 1486 O O   . HOH B 2 .   ? 0.414   14.283  1.392   1.00 11.63 ? 226 HOH A O   1 
HETATM 1487 O O   . HOH B 2 .   ? 16.859  2.568   4.224   1.00 11.15 ? 227 HOH A O   1 
HETATM 1488 O O   . HOH B 2 .   ? -12.589 12.338  1.610   1.00 22.70 ? 228 HOH A O   1 
HETATM 1489 O O   . HOH B 2 .   ? 2.969   -15.799 -3.225  1.00 14.91 ? 229 HOH A O   1 
HETATM 1490 O O   . HOH B 2 .   ? 5.653   -7.645  10.053  1.00 14.21 ? 230 HOH A O   1 
HETATM 1491 O O   . HOH B 2 .   ? 27.111  0.522   -0.017  1.00 74.99 ? 231 HOH A O   1 
HETATM 1492 O O   . HOH B 2 .   ? -17.974 -5.099  -7.221  1.00 19.11 ? 232 HOH A O   1 
HETATM 1493 O O   . HOH B 2 .   ? -8.151  0.820   5.668   1.00 16.06 ? 233 HOH A O   1 
HETATM 1494 O O   . HOH B 2 .   ? -16.831 -6.153  -3.887  1.00 15.76 ? 234 HOH A O   1 
HETATM 1495 O O   . HOH B 2 .   ? 16.965  1.705   -4.004  1.00 12.81 ? 235 HOH A O   1 
HETATM 1496 O O   . HOH B 2 .   ? -4.177  20.299  -3.203  1.00 17.90 ? 236 HOH A O   1 
HETATM 1497 O O   . HOH B 2 .   ? 8.502   -7.333  -12.312 1.00 17.59 ? 237 HOH A O   1 
HETATM 1498 O O   . HOH B 2 .   ? 11.844  5.488   -10.027 1.00 12.14 ? 238 HOH A O   1 
HETATM 1499 O O   . HOH B 2 .   ? -9.974  -1.235  -14.135 1.00 24.77 ? 239 HOH A O   1 
HETATM 1500 O O   . HOH B 2 .   ? 13.320  -9.090  7.120   1.00 15.94 ? 240 HOH A O   1 
HETATM 1501 O O   . HOH B 2 .   ? 10.629  11.699  -10.592 1.00 19.93 ? 241 HOH A O   1 
HETATM 1502 O O   . HOH B 2 .   ? -10.981 22.062  9.724   1.00 20.41 ? 242 HOH A O   1 
HETATM 1503 O O   . HOH B 2 .   ? -15.455 -19.255 6.360   1.00 19.31 ? 243 HOH A O   1 
HETATM 1504 O O   . HOH B 2 .   ? -16.531 -9.122  0.379   1.00 21.58 ? 244 HOH A O   1 
HETATM 1505 O O   . HOH B 2 .   ? 3.818   -9.399  11.263  1.00 20.35 ? 245 HOH A O   1 
HETATM 1506 O O   . HOH B 2 .   ? 2.973   1.098   -12.927 1.00 16.14 ? 246 HOH A O   1 
HETATM 1507 O O   . HOH B 2 .   ? 15.144  8.990   2.294   1.00 16.99 ? 247 HOH A O   1 
HETATM 1508 O O   . HOH B 2 .   ? 19.472  4.542   3.275   1.00 18.10 ? 248 HOH A O   1 
HETATM 1509 O O   . HOH B 2 .   ? -10.678 0.417   6.932   1.00 18.97 ? 249 HOH A O   1 
HETATM 1510 O O   . HOH B 2 .   ? 14.495  7.591   -0.196  1.00 15.24 ? 250 HOH A O   1 
HETATM 1511 O O   . HOH B 2 .   ? -13.863 5.072   5.824   1.00 21.66 ? 251 HOH A O   1 
HETATM 1512 O O   . HOH B 2 .   ? -15.989 -5.750  -9.143  1.00 18.78 ? 252 HOH A O   1 
HETATM 1513 O O   . HOH B 2 .   ? 3.825   -11.433 9.249   1.00 20.19 ? 253 HOH A O   1 
HETATM 1514 O O   . HOH B 2 .   ? 5.165   -8.653  16.319  1.00 20.66 ? 254 HOH A O   1 
HETATM 1515 O O   . HOH B 2 .   ? -11.542 -9.484  -13.557 1.00 22.94 ? 255 HOH A O   1 
HETATM 1516 O O   . HOH B 2 .   ? 12.730  8.106   -9.789  1.00 19.00 ? 256 HOH A O   1 
HETATM 1517 O O   . HOH B 2 .   ? -4.313  -3.139  -13.902 1.00 24.49 ? 257 HOH A O   1 
HETATM 1518 O O   . HOH B 2 .   ? 9.146   -8.905  -9.272  1.00 24.72 ? 258 HOH A O   1 
HETATM 1519 O O   . HOH B 2 .   ? -14.928 -3.569  -10.251 1.00 19.83 ? 259 HOH A O   1 
HETATM 1520 O O   . HOH B 2 .   ? -11.979 2.307   -11.951 1.00 30.85 ? 260 HOH A O   1 
HETATM 1521 O O   . HOH B 2 .   ? -11.917 12.598  -1.107  1.00 19.65 ? 261 HOH A O   1 
HETATM 1522 O O   . HOH B 2 .   ? -9.813  22.807  3.518   1.00 30.32 ? 262 HOH A O   1 
HETATM 1523 O O   . HOH B 2 .   ? 4.858   -13.897 10.663  1.00 24.04 ? 263 HOH A O   1 
HETATM 1524 O O   . HOH B 2 .   ? -10.840 20.758  4.407   1.00 26.37 ? 264 HOH A O   1 
HETATM 1525 O O   . HOH B 2 .   ? -12.905 -12.688 -8.020  1.00 22.79 ? 265 HOH A O   1 
HETATM 1526 O O   . HOH B 2 .   ? -13.016 -15.411 0.078   1.00 25.49 ? 266 HOH A O   1 
HETATM 1527 O O   . HOH B 2 .   ? 14.867  -4.911  -10.414 1.00 21.21 ? 267 HOH A O   1 
HETATM 1528 O O   . HOH B 2 .   ? -2.141  15.440  6.052   1.00 18.76 ? 268 HOH A O   1 
HETATM 1529 O O   . HOH B 2 .   ? 19.568  2.181   -2.727  1.00 23.17 ? 269 HOH A O   1 
HETATM 1530 O O   . HOH B 2 .   ? -2.956  11.291  3.484   1.00 27.56 ? 270 HOH A O   1 
HETATM 1531 O O   . HOH B 2 .   ? 13.521  13.228  -6.860  1.00 16.48 ? 271 HOH A O   1 
HETATM 1532 O O   . HOH B 2 .   ? -14.418 -9.273  2.334   1.00 19.73 ? 272 HOH A O   1 
HETATM 1533 O O   . HOH B 2 .   ? 16.491  -8.636  0.856   1.00 26.13 ? 273 HOH A O   1 
HETATM 1534 O O   . HOH B 2 .   ? -2.469  1.329   8.568   1.00 27.36 ? 274 HOH A O   1 
HETATM 1535 O O   . HOH B 2 .   ? -6.263  27.658  6.080   1.00 25.12 ? 275 HOH A O   1 
HETATM 1536 O O   . HOH B 2 .   ? 1.462   3.412   -13.308 1.00 30.99 ? 276 HOH A O   1 
HETATM 1537 O O   . HOH B 2 .   ? 23.150  4.380   3.380   1.00 27.31 ? 277 HOH A O   1 
HETATM 1538 O O   . HOH B 2 .   ? 11.495  11.471  -0.353  1.00 20.95 ? 278 HOH A O   1 
HETATM 1539 O O   . HOH B 2 .   ? 1.224   19.303  3.467   1.00 31.42 ? 279 HOH A O   1 
HETATM 1540 O O   . HOH B 2 .   ? -11.820 7.404   -5.771  1.00 23.13 ? 280 HOH A O   1 
HETATM 1541 O O   . HOH B 2 .   ? -4.067  -0.556  7.669   1.00 17.10 ? 281 HOH A O   1 
HETATM 1542 O O   . HOH B 2 .   ? 12.211  -4.262  20.101  1.00 22.89 ? 282 HOH A O   1 
HETATM 1543 O O   . HOH B 2 .   ? -5.010  -11.717 -9.097  1.00 22.02 ? 283 HOH A O   1 
HETATM 1544 O O   . HOH B 2 .   ? -17.392 4.143   -0.286  1.00 24.22 ? 284 HOH A O   1 
HETATM 1545 O O   . HOH B 2 .   ? -16.444 -11.578 -3.587  1.00 22.95 ? 285 HOH A O   1 
HETATM 1546 O O   . HOH B 2 .   ? 7.798   20.432  -3.857  1.00 27.72 ? 286 HOH A O   1 
HETATM 1547 O O   . HOH B 2 .   ? 11.529  11.596  3.042   1.00 23.81 ? 287 HOH A O   1 
HETATM 1548 O O   . HOH B 2 .   ? -11.155 -4.757  11.263  1.00 18.29 ? 288 HOH A O   1 
HETATM 1549 O O   . HOH B 2 .   ? 10.802  1.505   16.892  1.00 41.78 ? 289 HOH A O   1 
HETATM 1550 O O   . HOH B 2 .   ? 9.388   11.044  -13.087 1.00 27.71 ? 290 HOH A O   1 
HETATM 1551 O O   . HOH B 2 .   ? 5.163   24.940  5.081   1.00 19.81 ? 291 HOH A O   1 
HETATM 1552 O O   . HOH B 2 .   ? 9.524   -14.652 4.731   1.00 25.24 ? 292 HOH A O   1 
HETATM 1553 O O   . HOH B 2 .   ? 18.770  3.044   8.138   1.00 35.69 ? 293 HOH A O   1 
HETATM 1554 O O   . HOH B 2 .   ? -11.592 -10.204 10.192  1.00 33.92 ? 294 HOH A O   1 
HETATM 1555 O O   . HOH B 2 .   ? -1.470  -0.971  -14.168 1.00 27.15 ? 295 HOH A O   1 
HETATM 1556 O O   . HOH B 2 .   ? 1.085   -9.966  12.910  1.00 20.70 ? 296 HOH A O   1 
HETATM 1557 O O   . HOH B 2 .   ? 7.255   16.453  -0.905  1.00 23.98 ? 297 HOH A O   1 
HETATM 1558 O O   . HOH B 2 .   ? 12.374  -11.755 -8.549  1.00 32.52 ? 298 HOH A O   1 
HETATM 1559 O O   . HOH B 2 .   ? 9.842   -11.851 5.549   1.00 20.22 ? 299 HOH A O   1 
HETATM 1560 O O   . HOH B 2 .   ? 2.836   -2.884  18.140  1.00 33.91 ? 300 HOH A O   1 
HETATM 1561 O O   . HOH B 2 .   ? -16.438 -1.725  -8.652  1.00 24.48 ? 301 HOH A O   1 
HETATM 1562 O O   . HOH B 2 .   ? -5.229  11.084  13.605  1.00 29.92 ? 302 HOH A O   1 
HETATM 1563 O O   . HOH B 2 .   ? 14.540  -0.865  11.015  1.00 41.83 ? 303 HOH A O   1 
HETATM 1564 O O   . HOH B 2 .   ? -1.642  1.077   11.200  1.00 27.09 ? 304 HOH A O   1 
HETATM 1565 O O   . HOH B 2 .   ? -11.374 -17.323 -0.201  1.00 26.40 ? 305 HOH A O   1 
HETATM 1566 O O   . HOH B 2 .   ? -0.988  17.566  0.686   1.00 40.36 ? 306 HOH A O   1 
HETATM 1567 O O   . HOH B 2 .   ? -11.657 7.451   -8.404  1.00 32.02 ? 307 HOH A O   1 
HETATM 1568 O O   . HOH B 2 .   ? -4.081  27.539  2.151   1.00 30.34 ? 308 HOH A O   1 
HETATM 1569 O O   . HOH B 2 .   ? 10.464  -0.398  -11.645 1.00 29.26 ? 309 HOH A O   1 
HETATM 1570 O O   . HOH B 2 .   ? -1.290  12.064  0.734   1.00 20.04 ? 310 HOH A O   1 
HETATM 1571 O O   . HOH B 2 .   ? -17.874 -11.710 3.599   1.00 32.43 ? 311 HOH A O   1 
HETATM 1572 O O   . HOH B 2 .   ? 2.010   -9.405  15.262  1.00 28.26 ? 312 HOH A O   1 
HETATM 1573 O O   . HOH B 2 .   ? 11.881  -0.376  12.351  1.00 27.83 ? 313 HOH A O   1 
HETATM 1574 O O   . HOH B 2 .   ? -12.661 -13.628 -2.003  1.00 20.77 ? 314 HOH A O   1 
HETATM 1575 O O   . HOH B 2 .   ? -6.309  0.703   7.537   1.00 26.06 ? 315 HOH A O   1 
HETATM 1576 O O   . HOH B 2 .   ? -4.784  19.571  -5.747  1.00 13.60 ? 316 HOH A O   1 
HETATM 1577 O O   . HOH B 2 .   ? -2.752  -13.583 -9.902  1.00 25.31 ? 317 HOH A O   1 
HETATM 1578 O O   . HOH B 2 .   ? 1.668   -12.322 12.593  1.00 27.63 ? 318 HOH A O   1 
HETATM 1579 O O   . HOH B 2 .   ? 15.998  -8.937  8.118   1.00 28.74 ? 319 HOH A O   1 
HETATM 1580 O O   . HOH B 2 .   ? -9.262  14.127  8.390   1.00 25.64 ? 320 HOH A O   1 
HETATM 1581 O O   . HOH B 2 .   ? 10.710  -6.242  20.893  1.00 24.41 ? 321 HOH A O   1 
HETATM 1582 O O   . HOH B 2 .   ? -9.853  10.759  -7.762  1.00 25.60 ? 322 HOH A O   1 
HETATM 1583 O O   . HOH B 2 .   ? -5.467  -17.214 -1.886  1.00 29.57 ? 323 HOH A O   1 
HETATM 1584 O O   . HOH B 2 .   ? -21.619 -0.873  -2.491  1.00 28.92 ? 324 HOH A O   1 
HETATM 1585 O O   . HOH B 2 .   ? -16.125 -3.598  -12.521 1.00 33.48 ? 325 HOH A O   1 
HETATM 1586 O O   . HOH B 2 .   ? 17.322  1.298   7.530   1.00 41.63 ? 326 HOH A O   1 
HETATM 1587 O O   . HOH B 2 .   ? 22.206  5.947   5.132   1.00 33.31 ? 327 HOH A O   1 
HETATM 1588 O O   . HOH B 2 .   ? 13.136  9.984   -6.080  1.00 25.07 ? 328 HOH A O   1 
HETATM 1589 O O   . HOH B 2 .   ? 17.519  -7.284  -7.291  1.00 31.59 ? 329 HOH A O   1 
HETATM 1590 O O   . HOH B 2 .   ? -18.209 2.227   -7.844  1.00 26.39 ? 330 HOH A O   1 
HETATM 1591 O O   . HOH B 2 .   ? -15.836 0.143   -10.401 1.00 29.98 ? 331 HOH A O   1 
HETATM 1592 O O   . HOH B 2 .   ? 16.042  -8.065  10.685  1.00 29.93 ? 332 HOH A O   1 
HETATM 1593 O O   . HOH B 2 .   ? 3.881   -20.937 3.805   1.00 28.17 ? 333 HOH A O   1 
HETATM 1594 O O   . HOH B 2 .   ? 13.340  -8.226  1.380   1.00 37.47 ? 334 HOH A O   1 
HETATM 1595 O O   . HOH B 2 .   ? 8.014   0.847   -12.836 1.00 31.33 ? 335 HOH A O   1 
HETATM 1596 O O   . HOH B 2 .   ? 8.095   -9.409  16.681  1.00 34.11 ? 336 HOH A O   1 
HETATM 1597 O O   . HOH B 2 .   ? -12.690 10.688  -2.927  1.00 39.15 ? 337 HOH A O   1 
HETATM 1598 O O   . HOH B 2 .   ? -7.831  -0.064  10.357  1.00 40.19 ? 338 HOH A O   1 
HETATM 1599 O O   . HOH B 2 .   ? 16.015  -6.561  -12.048 1.00 36.62 ? 339 HOH A O   1 
HETATM 1600 O O   . HOH B 2 .   ? -7.737  7.667   -11.123 1.00 29.89 ? 340 HOH A O   1 
HETATM 1601 O O   . HOH B 2 .   ? -9.470  -11.209 9.655   1.00 33.43 ? 341 HOH A O   1 
HETATM 1602 O O   . HOH B 2 .   ? -12.634 -0.394  -12.020 1.00 26.71 ? 342 HOH A O   1 
HETATM 1603 O O   . HOH B 2 .   ? 7.589   19.247  -1.430  1.00 23.98 ? 343 HOH A O   1 
HETATM 1604 O O   . HOH B 2 .   ? 4.743   7.352   -14.324 1.00 30.98 ? 344 HOH A O   1 
HETATM 1605 O O   . HOH B 2 .   ? -10.769 15.894  9.948   1.00 23.85 ? 345 HOH A O   1 
HETATM 1606 O O   . HOH B 2 .   ? -17.430 4.565   -6.400  1.00 34.92 ? 346 HOH A O   1 
HETATM 1607 O O   . HOH B 2 .   ? -0.808  24.631  1.584   1.00 31.95 ? 347 HOH A O   1 
HETATM 1608 O O   . HOH B 2 .   ? 18.728  -8.511  -5.522  1.00 40.27 ? 348 HOH A O   1 
HETATM 1609 O O   . HOH B 2 .   ? 18.213  -8.830  11.693  1.00 49.92 ? 349 HOH A O   1 
HETATM 1610 O O   . HOH B 2 .   ? -7.789  -1.693  -15.458 1.00 35.57 ? 350 HOH A O   1 
HETATM 1611 O O   . HOH B 2 .   ? 14.546  9.803   -3.903  1.00 25.00 ? 351 HOH A O   1 
HETATM 1612 O O   . HOH B 2 .   ? -2.214  13.630  12.569  1.00 39.49 ? 352 HOH A O   1 
HETATM 1613 O O   . HOH B 2 .   ? -2.806  18.356  -7.241  1.00 34.49 ? 353 HOH A O   1 
HETATM 1614 O O   . HOH B 2 .   ? 20.579  4.096   5.410   1.00 44.60 ? 354 HOH A O   1 
HETATM 1615 O O   . HOH B 2 .   ? 4.628   19.116  -0.550  1.00 28.08 ? 355 HOH A O   1 
HETATM 1616 O O   . HOH B 2 .   ? -13.617 -2.800  7.716   1.00 31.55 ? 356 HOH A O   1 
HETATM 1617 O O   . HOH B 2 .   ? -2.567  -5.985  18.312  1.00 33.56 ? 357 HOH A O   1 
HETATM 1618 O O   . HOH B 2 .   ? 13.923  17.079  -5.158  1.00 29.26 ? 358 HOH A O   1 
HETATM 1619 O O   . HOH B 2 .   ? -10.768 16.123  12.504  1.00 29.32 ? 359 HOH A O   1 
HETATM 1620 O O   . HOH B 2 .   ? 9.497   -4.779  -14.727 1.00 31.40 ? 360 HOH A O   1 
HETATM 1621 O O   . HOH B 2 .   ? 11.347  -2.942  -12.884 1.00 34.27 ? 361 HOH A O   1 
HETATM 1622 O O   . HOH B 2 .   ? 0.087   -19.083 10.961  1.00 29.71 ? 362 HOH A O   1 
HETATM 1623 O O   . HOH B 2 .   ? -5.426  -11.586 12.735  1.00 32.61 ? 363 HOH A O   1 
HETATM 1624 O O   . HOH B 2 .   ? 0.314   -21.364 9.088   1.00 30.37 ? 364 HOH A O   1 
HETATM 1625 O O   . HOH B 2 .   ? 18.826  -4.582  3.683   1.00 30.60 ? 365 HOH A O   1 
HETATM 1626 O O   . HOH B 2 .   ? -1.709  6.346   6.429   1.00 34.71 ? 366 HOH A O   1 
HETATM 1627 O O   . HOH B 2 .   ? -14.507 -21.214 10.113  1.00 42.11 ? 367 HOH A O   1 
HETATM 1628 O O   . HOH B 2 .   ? 5.239   -15.878 -4.459  1.00 36.14 ? 368 HOH A O   1 
HETATM 1629 O O   . HOH B 2 .   ? -1.920  -20.741 -2.108  1.00 32.30 ? 369 HOH A O   1 
HETATM 1630 O O   . HOH B 2 .   ? -5.985  4.854   -13.701 1.00 33.24 ? 370 HOH A O   1 
HETATM 1631 O O   . HOH B 2 .   ? 10.402  -12.446 8.526   1.00 35.31 ? 371 HOH A O   1 
HETATM 1632 O O   . HOH B 2 .   ? 6.297   -10.831 7.819   1.00 28.01 ? 372 HOH A O   1 
HETATM 1633 O O   . HOH B 2 .   ? 4.343   -3.523  21.877  1.00 32.17 ? 373 HOH A O   1 
HETATM 1634 O O   . HOH B 2 .   ? -5.633  -24.105 4.206   1.00 33.04 ? 374 HOH A O   1 
HETATM 1635 O O   . HOH B 2 .   ? 18.732  4.929   -3.756  1.00 28.86 ? 375 HOH A O   1 
HETATM 1636 O O   . HOH B 2 .   ? -3.688  -1.442  -15.767 1.00 36.52 ? 376 HOH A O   1 
HETATM 1637 O O   . HOH B 2 .   ? -12.133 7.194   9.178   1.00 42.53 ? 377 HOH A O   1 
HETATM 1638 O O   . HOH B 2 .   ? -6.520  -7.203  -14.480 1.00 32.74 ? 378 HOH A O   1 
HETATM 1639 O O   . HOH B 2 .   ? -18.765 -8.205  -1.661  1.00 38.06 ? 379 HOH A O   1 
HETATM 1640 O O   . HOH B 2 .   ? 12.436  13.186  -9.438  1.00 39.48 ? 380 HOH A O   1 
HETATM 1641 O O   . HOH B 2 .   ? -6.570  -11.877 -11.111 1.00 36.40 ? 381 HOH A O   1 
HETATM 1642 O O   . HOH B 2 .   ? 6.932   -17.944 8.279   1.00 37.65 ? 382 HOH A O   1 
HETATM 1643 O O   . HOH B 2 .   ? -8.624  -5.866  12.244  1.00 35.54 ? 383 HOH A O   1 
HETATM 1644 O O   . HOH B 2 .   ? 4.677   -5.579  24.539  1.00 39.09 ? 384 HOH A O   1 
HETATM 1645 O O   . HOH B 2 .   ? -5.951  -2.134  11.533  1.00 31.90 ? 385 HOH A O   1 
HETATM 1646 O O   . HOH B 2 .   ? 1.596   26.064  2.198   1.00 35.25 ? 386 HOH A O   1 
HETATM 1647 O O   . HOH B 2 .   ? 8.364   27.004  1.469   1.00 37.21 ? 387 HOH A O   1 
HETATM 1648 O O   . HOH B 2 .   ? -0.484  10.886  3.288   1.00 43.21 ? 388 HOH A O   1 
HETATM 1649 O O   . HOH B 2 .   ? 5.133   23.237  -6.723  1.00 39.92 ? 389 HOH A O   1 
HETATM 1650 O O   . HOH B 2 .   ? 13.415  16.656  -1.672  1.00 27.87 ? 390 HOH A O   1 
HETATM 1651 O O   . HOH B 2 .   ? 22.904  -1.851  5.976   1.00 42.57 ? 391 HOH A O   1 
HETATM 1652 O O   . HOH B 2 .   ? 3.997   -21.386 0.981   1.00 34.26 ? 392 HOH A O   1 
HETATM 1653 O O   . HOH B 2 .   ? -16.314 -3.939  11.312  1.00 43.76 ? 393 HOH A O   1 
HETATM 1654 O O   . HOH B 2 .   ? -11.726 -17.337 13.510  1.00 53.29 ? 394 HOH A O   1 
HETATM 1655 O O   . HOH B 2 .   ? 8.966   -18.234 -4.480  1.00 39.53 ? 395 HOH A O   1 
HETATM 1656 O O   . HOH B 2 .   ? -18.714 -13.200 8.573   1.00 47.88 ? 396 HOH A O   1 
HETATM 1657 O O   . HOH B 2 .   ? -7.202  -3.777  13.113  1.00 35.87 ? 397 HOH A O   1 
HETATM 1658 O O   . HOH B 2 .   ? -9.690  6.604   10.118  1.00 37.12 ? 398 HOH A O   1 
HETATM 1659 O O   . HOH B 2 .   ? 16.683  7.989   -4.932  1.00 36.58 ? 399 HOH A O   1 
HETATM 1660 O O   . HOH B 2 .   ? 2.212   -21.953 7.376   1.00 43.97 ? 400 HOH A O   1 
HETATM 1661 O O   . HOH B 2 .   ? 7.235   -15.334 -5.939  1.00 42.95 ? 401 HOH A O   1 
HETATM 1662 O O   . HOH B 2 .   ? -0.280  2.652   5.874   1.00 34.67 ? 402 HOH A O   1 
HETATM 1663 O O   . HOH B 2 .   ? 19.666  -3.818  0.531   1.00 35.58 ? 403 HOH A O   1 
HETATM 1664 O O   . HOH B 2 .   ? 18.172  -8.516  6.858   1.00 40.10 ? 404 HOH A O   1 
HETATM 1665 O O   . HOH B 2 .   ? 4.262   -10.262 13.912  1.00 34.84 ? 405 HOH A O   1 
HETATM 1666 O O   . HOH B 2 .   ? -0.818  4.677   4.644   1.00 42.44 ? 406 HOH A O   1 
HETATM 1667 O O   . HOH B 2 .   ? 8.990   3.933   -13.231 1.00 39.02 ? 407 HOH A O   1 
HETATM 1668 O O   . HOH B 2 .   ? -23.452 -2.200  -0.368  1.00 38.96 ? 408 HOH A O   1 
HETATM 1669 O O   . HOH B 2 .   ? 0.143   0.721   -15.323 1.00 38.49 ? 409 HOH A O   1 
HETATM 1670 O O   . HOH B 2 .   ? -12.563 17.858  9.410   1.00 38.35 ? 410 HOH A O   1 
HETATM 1671 O O   . HOH B 2 .   ? -9.493  1.620   -14.279 1.00 39.91 ? 411 HOH A O   1 
HETATM 1672 O O   . HOH B 2 .   ? -17.480 2.326   -10.480 1.00 34.33 ? 412 HOH A O   1 
HETATM 1673 O O   . HOH B 2 .   ? 20.622  0.654   5.559   1.00 33.28 ? 413 HOH A O   1 
HETATM 1674 O O   . HOH B 2 .   ? 5.967   25.375  2.251   1.00 48.04 ? 414 HOH A O   1 
# 
